data_6VFO
#
_entry.id   6VFO
#
loop_
_entity.id
_entity.type
_entity.pdbx_description
1 polymer 'E3 ubiquitin-protein ligase UHRF1'
2 non-polymer 'ZINC ION'
#
_entity_poly.entity_id   1
_entity_poly.type   'polypeptide(L)'
_entity_poly.pdbx_seq_one_letter_code
;SGPSCRFCKDDENKPCRKCACHVCGGREAPEKQLLCDECDMAFHLYCLKPPLTSVPPEPEWYCPSCRTDSSEVVQAGE
;
_entity_poly.pdbx_strand_id   A
#
# COMPACT_ATOMS: atom_id res chain seq x y z
N SER A 1 -0.21 22.57 -9.12
CA SER A 1 1.26 22.52 -9.26
C SER A 1 1.80 21.11 -8.97
N GLY A 2 1.46 20.58 -7.78
CA GLY A 2 1.88 19.24 -7.36
C GLY A 2 0.96 18.15 -7.86
N PRO A 3 1.16 16.85 -7.46
CA PRO A 3 0.27 15.74 -7.86
C PRO A 3 -1.13 15.88 -7.21
N SER A 4 -1.98 16.69 -7.85
CA SER A 4 -3.35 16.96 -7.39
C SER A 4 -4.25 15.76 -7.70
N CYS A 5 -4.32 14.85 -6.70
CA CYS A 5 -5.09 13.60 -6.80
C CYS A 5 -6.60 13.91 -6.75
N ARG A 6 -7.27 13.76 -7.91
CA ARG A 6 -8.70 14.08 -8.10
C ARG A 6 -9.61 13.19 -7.20
N PHE A 7 -9.11 11.97 -6.92
CA PHE A 7 -9.80 11.00 -6.05
C PHE A 7 -9.89 11.53 -4.61
N CYS A 8 -8.79 12.17 -4.13
CA CYS A 8 -8.74 12.81 -2.80
C CYS A 8 -9.59 14.10 -2.79
N LYS A 9 -9.83 14.67 -3.99
CA LYS A 9 -10.37 16.03 -4.18
C LYS A 9 -9.42 17.05 -3.54
N ASP A 10 -8.10 16.74 -3.68
CA ASP A 10 -6.95 17.46 -3.06
C ASP A 10 -6.80 17.15 -1.54
N ASP A 11 -7.92 16.86 -0.86
CA ASP A 11 -7.95 16.66 0.60
C ASP A 11 -7.56 15.21 0.96
N GLU A 12 -6.56 15.07 1.82
CA GLU A 12 -6.01 13.76 2.25
C GLU A 12 -6.99 12.99 3.16
N ASN A 13 -7.89 13.72 3.85
CA ASN A 13 -8.74 13.16 4.93
C ASN A 13 -9.96 12.41 4.38
N LYS A 14 -10.21 12.53 3.07
CA LYS A 14 -11.31 11.84 2.39
C LYS A 14 -10.89 10.40 1.99
N PRO A 15 -11.83 9.38 2.05
CA PRO A 15 -11.51 7.96 1.77
C PRO A 15 -11.22 7.70 0.28
N CYS A 16 -9.98 7.98 -0.13
CA CYS A 16 -9.49 7.77 -1.50
C CYS A 16 -8.69 6.47 -1.56
N ARG A 17 -9.21 5.51 -2.34
CA ARG A 17 -8.64 4.15 -2.47
C ARG A 17 -7.15 4.18 -2.89
N LYS A 18 -6.84 4.97 -3.93
CA LYS A 18 -5.51 4.98 -4.59
C LYS A 18 -4.42 5.73 -3.78
N CYS A 19 -4.71 6.09 -2.53
CA CYS A 19 -3.69 6.62 -1.57
C CYS A 19 -3.78 5.88 -0.22
N ALA A 20 -4.64 4.85 -0.19
CA ALA A 20 -4.87 4.03 0.99
C ALA A 20 -4.18 2.66 0.82
N CYS A 21 -4.30 1.84 1.86
CA CYS A 21 -3.93 0.43 1.83
C CYS A 21 -5.13 -0.37 1.29
N HIS A 22 -5.04 -0.75 0.00
CA HIS A 22 -6.15 -1.34 -0.78
C HIS A 22 -6.58 -2.70 -0.21
N VAL A 23 -5.62 -3.36 0.48
CA VAL A 23 -5.80 -4.72 1.04
C VAL A 23 -6.94 -4.76 2.10
N CYS A 24 -7.14 -3.63 2.81
CA CYS A 24 -8.28 -3.46 3.76
C CYS A 24 -9.12 -2.21 3.43
N GLY A 25 -8.71 -1.48 2.37
CA GLY A 25 -9.40 -0.27 1.91
C GLY A 25 -9.44 0.85 2.96
N GLY A 26 -8.27 1.21 3.52
CA GLY A 26 -8.21 2.25 4.56
C GLY A 26 -6.80 2.76 4.82
N ARG A 27 -6.71 3.89 5.55
CA ARG A 27 -5.45 4.61 5.83
C ARG A 27 -5.08 4.53 7.33
N GLU A 28 -5.85 3.71 8.08
CA GLU A 28 -5.81 3.67 9.56
C GLU A 28 -4.71 2.74 10.06
N ALA A 29 -4.25 2.95 11.31
CA ALA A 29 -3.05 2.30 11.88
C ALA A 29 -1.79 2.74 11.10
N PRO A 30 -1.42 4.08 11.18
CA PRO A 30 -0.26 4.63 10.43
C PRO A 30 1.09 4.05 10.89
N GLU A 31 1.13 3.63 12.16
CA GLU A 31 2.30 2.98 12.79
C GLU A 31 2.69 1.67 12.06
N LYS A 32 1.68 0.96 11.52
CA LYS A 32 1.85 -0.36 10.89
C LYS A 32 1.87 -0.25 9.36
N GLN A 33 1.82 0.98 8.81
CA GLN A 33 1.86 1.21 7.36
C GLN A 33 3.28 0.94 6.81
N LEU A 34 3.34 0.19 5.69
CA LEU A 34 4.55 -0.04 4.91
C LEU A 34 4.28 0.31 3.45
N LEU A 35 4.92 1.37 2.96
CA LEU A 35 4.73 1.86 1.60
C LEU A 35 5.71 1.15 0.64
N CYS A 36 5.20 0.79 -0.55
CA CYS A 36 5.96 0.04 -1.56
C CYS A 36 6.42 1.02 -2.65
N ASP A 37 7.76 1.19 -2.79
CA ASP A 37 8.39 2.26 -3.61
C ASP A 37 7.86 2.29 -5.06
N GLU A 38 7.76 1.11 -5.65
CA GLU A 38 7.43 0.89 -7.06
C GLU A 38 5.90 0.76 -7.32
N CYS A 39 5.16 0.34 -6.26
CA CYS A 39 3.67 0.26 -6.28
C CYS A 39 3.04 1.62 -5.94
N ASP A 40 3.85 2.51 -5.31
CA ASP A 40 3.41 3.85 -4.84
C ASP A 40 2.26 3.74 -3.82
N MET A 41 2.25 2.64 -3.06
CA MET A 41 1.04 2.18 -2.37
C MET A 41 1.34 1.78 -0.93
N ALA A 42 0.50 2.25 -0.01
CA ALA A 42 0.58 1.90 1.41
C ALA A 42 0.02 0.49 1.64
N PHE A 43 0.66 -0.24 2.56
CA PHE A 43 0.18 -1.55 3.05
C PHE A 43 0.15 -1.51 4.58
N HIS A 44 -0.12 -2.65 5.22
CA HIS A 44 -0.03 -2.79 6.68
C HIS A 44 0.67 -4.11 7.02
N LEU A 45 1.32 -4.15 8.20
CA LEU A 45 1.96 -5.37 8.75
C LEU A 45 0.98 -6.57 8.75
N TYR A 46 -0.23 -6.30 9.27
CA TYR A 46 -1.31 -7.29 9.38
C TYR A 46 -2.08 -7.47 8.05
N CYS A 47 -1.64 -6.79 6.97
CA CYS A 47 -2.24 -6.91 5.61
C CYS A 47 -1.26 -7.59 4.62
N LEU A 48 -0.11 -8.04 5.13
CA LEU A 48 0.92 -8.72 4.32
C LEU A 48 0.66 -10.23 4.26
N LYS A 49 1.38 -10.94 3.38
CA LYS A 49 1.28 -12.40 3.24
C LYS A 49 2.66 -12.96 2.82
N PRO A 50 3.50 -13.54 3.76
CA PRO A 50 3.16 -13.77 5.20
C PRO A 50 3.10 -12.46 6.02
N PRO A 51 2.06 -12.28 6.91
CA PRO A 51 1.89 -11.05 7.72
C PRO A 51 3.03 -10.88 8.73
N LEU A 52 3.80 -9.79 8.55
CA LEU A 52 4.93 -9.48 9.43
C LEU A 52 4.43 -8.87 10.74
N THR A 53 4.97 -9.38 11.86
CA THR A 53 4.63 -8.88 13.21
C THR A 53 5.38 -7.56 13.50
N SER A 54 6.46 -7.33 12.73
CA SER A 54 7.34 -6.15 12.88
C SER A 54 7.86 -5.71 11.49
N VAL A 55 8.26 -4.43 11.42
CA VAL A 55 8.89 -3.84 10.23
C VAL A 55 10.21 -4.58 9.88
N PRO A 56 10.46 -4.93 8.58
CA PRO A 56 11.75 -5.55 8.15
C PRO A 56 12.94 -4.56 8.25
N PRO A 57 14.21 -5.06 8.28
CA PRO A 57 15.42 -4.20 8.35
C PRO A 57 15.80 -3.60 6.97
N GLU A 58 14.94 -3.82 5.96
CA GLU A 58 15.16 -3.37 4.58
C GLU A 58 14.63 -1.93 4.42
N PRO A 59 15.50 -0.96 3.97
CA PRO A 59 15.11 0.45 3.77
C PRO A 59 14.13 0.58 2.59
N GLU A 60 14.53 0.01 1.43
CA GLU A 60 13.68 -0.13 0.24
C GLU A 60 12.74 -1.32 0.49
N TRP A 61 11.43 -1.10 0.37
CA TRP A 61 10.41 -2.10 0.72
C TRP A 61 9.58 -2.46 -0.52
N TYR A 62 9.57 -3.77 -0.83
CA TYR A 62 8.79 -4.36 -1.91
C TYR A 62 7.82 -5.38 -1.27
N CYS A 63 6.55 -5.33 -1.70
CA CYS A 63 5.50 -6.26 -1.21
C CYS A 63 5.72 -7.68 -1.80
N PRO A 64 5.10 -8.77 -1.22
CA PRO A 64 5.22 -10.16 -1.78
C PRO A 64 4.77 -10.24 -3.26
N SER A 65 3.79 -9.38 -3.62
CA SER A 65 3.22 -9.26 -4.98
C SER A 65 4.29 -8.79 -6.01
N CYS A 66 5.35 -8.12 -5.52
CA CYS A 66 6.47 -7.61 -6.36
C CYS A 66 7.43 -8.74 -6.81
N ARG A 67 7.45 -9.85 -6.06
CA ARG A 67 8.30 -11.02 -6.39
C ARG A 67 7.45 -12.23 -6.82
N THR A 68 6.12 -12.03 -6.86
CA THR A 68 5.15 -13.05 -7.33
C THR A 68 5.32 -13.32 -8.85
N ASP A 69 5.54 -14.60 -9.19
CA ASP A 69 5.70 -15.06 -10.59
C ASP A 69 4.35 -15.09 -11.32
N SER A 70 3.25 -15.22 -10.56
CA SER A 70 1.88 -15.21 -11.08
C SER A 70 1.44 -13.75 -11.33
N SER A 71 2.08 -13.14 -12.33
CA SER A 71 1.83 -11.75 -12.75
C SER A 71 0.45 -11.62 -13.43
N GLU A 72 0.02 -10.35 -13.60
CA GLU A 72 -1.21 -10.02 -14.33
C GLU A 72 -0.99 -10.28 -15.83
N VAL A 73 -1.99 -10.89 -16.47
CA VAL A 73 -1.94 -11.25 -17.89
C VAL A 73 -2.33 -10.05 -18.75
N VAL A 74 -1.35 -9.53 -19.53
CA VAL A 74 -1.58 -8.42 -20.47
C VAL A 74 -2.49 -8.90 -21.62
N GLN A 75 -3.76 -8.42 -21.58
CA GLN A 75 -4.85 -8.92 -22.44
C GLN A 75 -4.59 -8.61 -23.93
N ALA A 76 -4.55 -9.68 -24.75
CA ALA A 76 -4.24 -9.62 -26.19
C ALA A 76 -5.54 -9.47 -27.02
N GLY A 77 -5.37 -9.30 -28.35
CA GLY A 77 -6.50 -9.13 -29.26
C GLY A 77 -6.82 -7.66 -29.52
N GLU A 78 -5.74 -6.88 -29.70
CA GLU A 78 -5.83 -5.44 -30.01
C GLU A 78 -6.32 -5.26 -31.48
N SER A 1 -13.60 22.97 4.54
CA SER A 1 -13.03 24.21 3.96
C SER A 1 -11.54 24.01 3.61
N GLY A 2 -10.93 23.00 4.25
CA GLY A 2 -9.56 22.61 3.96
C GLY A 2 -9.38 21.99 2.57
N PRO A 3 -8.12 21.88 2.06
CA PRO A 3 -7.86 21.41 0.68
C PRO A 3 -8.22 19.92 0.47
N SER A 4 -8.79 19.62 -0.71
CA SER A 4 -9.18 18.27 -1.10
C SER A 4 -7.99 17.52 -1.74
N CYS A 5 -7.95 16.19 -1.58
CA CYS A 5 -6.89 15.33 -2.14
C CYS A 5 -7.23 14.99 -3.61
N ARG A 6 -6.53 15.66 -4.55
CA ARG A 6 -6.90 15.72 -5.99
C ARG A 6 -7.08 14.33 -6.68
N PHE A 7 -6.20 13.35 -6.37
CA PHE A 7 -6.24 11.98 -6.96
C PHE A 7 -7.52 11.24 -6.58
N CYS A 8 -8.05 11.54 -5.39
CA CYS A 8 -9.13 10.78 -4.76
C CYS A 8 -10.42 11.61 -4.69
N LYS A 9 -10.26 12.95 -4.87
CA LYS A 9 -11.29 13.99 -4.63
C LYS A 9 -11.94 13.86 -3.22
N ASP A 10 -11.21 13.19 -2.28
CA ASP A 10 -11.77 12.62 -1.03
C ASP A 10 -12.97 11.71 -1.37
N ASP A 11 -12.69 10.40 -1.61
CA ASP A 11 -13.70 9.46 -2.14
C ASP A 11 -14.93 9.40 -1.21
N GLU A 12 -16.13 9.37 -1.80
CA GLU A 12 -17.43 9.52 -1.11
C GLU A 12 -17.63 8.51 0.03
N ASN A 13 -17.07 7.31 -0.12
CA ASN A 13 -17.24 6.20 0.83
C ASN A 13 -16.11 6.16 1.89
N LYS A 14 -14.86 6.52 1.48
CA LYS A 14 -13.68 6.58 2.38
C LYS A 14 -12.69 7.67 1.88
N PRO A 15 -12.07 8.50 2.80
CA PRO A 15 -11.26 9.71 2.41
C PRO A 15 -10.23 9.47 1.28
N CYS A 16 -9.59 8.30 1.30
CA CYS A 16 -8.63 7.89 0.27
C CYS A 16 -8.64 6.36 0.07
N ARG A 17 -8.53 5.94 -1.20
CA ARG A 17 -8.27 4.55 -1.58
C ARG A 17 -6.78 4.37 -1.91
N LYS A 18 -6.26 5.24 -2.80
CA LYS A 18 -4.88 5.16 -3.35
C LYS A 18 -3.81 5.73 -2.38
N CYS A 19 -4.24 6.49 -1.34
CA CYS A 19 -3.30 6.95 -0.27
C CYS A 19 -3.48 6.10 1.00
N ALA A 20 -4.42 5.13 0.94
CA ALA A 20 -4.68 4.17 2.02
C ALA A 20 -3.94 2.86 1.73
N CYS A 21 -4.07 1.91 2.68
CA CYS A 21 -3.71 0.51 2.45
C CYS A 21 -4.86 -0.15 1.67
N HIS A 22 -4.68 -0.23 0.33
CA HIS A 22 -5.75 -0.55 -0.63
C HIS A 22 -6.26 -2.00 -0.47
N VAL A 23 -5.41 -2.84 0.17
CA VAL A 23 -5.73 -4.25 0.49
C VAL A 23 -7.07 -4.36 1.26
N CYS A 24 -7.20 -3.49 2.28
CA CYS A 24 -8.39 -3.44 3.15
C CYS A 24 -9.09 -2.07 3.05
N GLY A 25 -8.55 -1.19 2.18
CA GLY A 25 -9.07 0.17 1.97
C GLY A 25 -8.97 1.08 3.20
N GLY A 26 -7.96 0.85 4.07
CA GLY A 26 -7.88 1.52 5.37
C GLY A 26 -6.60 2.33 5.57
N ARG A 27 -6.75 3.57 6.09
CA ARG A 27 -5.61 4.45 6.50
C ARG A 27 -5.28 4.24 8.00
N GLU A 28 -5.86 3.19 8.59
CA GLU A 28 -5.72 2.85 10.02
C GLU A 28 -4.27 2.52 10.36
N ALA A 29 -3.76 3.09 11.48
CA ALA A 29 -2.39 2.89 11.98
C ALA A 29 -1.32 3.16 10.87
N PRO A 30 -0.99 4.47 10.60
CA PRO A 30 -0.10 4.89 9.49
C PRO A 30 1.31 4.29 9.58
N GLU A 31 1.84 4.25 10.81
CA GLU A 31 3.19 3.69 11.10
C GLU A 31 3.23 2.15 10.93
N LYS A 32 2.09 1.48 11.15
CA LYS A 32 1.97 0.00 10.94
C LYS A 32 1.58 -0.32 9.47
N GLN A 33 1.47 0.72 8.64
CA GLN A 33 1.38 0.60 7.17
C GLN A 33 2.75 0.92 6.56
N LEU A 34 3.15 0.08 5.60
CA LEU A 34 4.39 0.24 4.84
C LEU A 34 4.04 0.49 3.37
N LEU A 35 4.61 1.55 2.80
CA LEU A 35 4.39 1.95 1.40
C LEU A 35 5.40 1.22 0.51
N CYS A 36 4.91 0.31 -0.35
CA CYS A 36 5.73 -0.28 -1.41
C CYS A 36 6.11 0.81 -2.40
N ASP A 37 7.41 1.18 -2.39
CA ASP A 37 7.90 2.42 -3.03
C ASP A 37 7.44 2.58 -4.49
N GLU A 38 7.69 1.55 -5.32
CA GLU A 38 7.46 1.66 -6.77
C GLU A 38 5.95 1.56 -7.12
N CYS A 39 5.19 0.73 -6.37
CA CYS A 39 3.72 0.60 -6.54
C CYS A 39 2.96 1.82 -5.97
N ASP A 40 3.61 2.50 -5.00
CA ASP A 40 3.05 3.67 -4.25
C ASP A 40 1.85 3.27 -3.34
N MET A 41 1.65 1.95 -3.11
CA MET A 41 0.52 1.43 -2.31
C MET A 41 0.98 1.03 -0.92
N ALA A 42 0.17 1.40 0.09
CA ALA A 42 0.42 1.05 1.49
C ALA A 42 -0.16 -0.34 1.78
N PHE A 43 0.52 -1.08 2.64
CA PHE A 43 0.13 -2.43 3.09
C PHE A 43 0.33 -2.46 4.62
N HIS A 44 -0.71 -2.83 5.39
CA HIS A 44 -0.52 -3.15 6.83
C HIS A 44 0.47 -4.32 6.97
N LEU A 45 1.15 -4.35 8.12
CA LEU A 45 2.05 -5.43 8.49
C LEU A 45 1.36 -6.81 8.40
N TYR A 46 0.09 -6.87 8.85
CA TYR A 46 -0.73 -8.10 8.80
C TYR A 46 -1.53 -8.23 7.47
N CYS A 47 -1.46 -7.20 6.60
CA CYS A 47 -2.02 -7.28 5.22
C CYS A 47 -0.97 -7.80 4.21
N LEU A 48 0.18 -8.28 4.74
CA LEU A 48 1.27 -8.85 3.94
C LEU A 48 1.11 -10.37 3.75
N LYS A 49 2.08 -10.98 3.05
CA LYS A 49 2.06 -12.41 2.72
C LYS A 49 3.52 -12.86 2.45
N PRO A 50 4.25 -13.45 3.46
CA PRO A 50 3.75 -13.73 4.85
C PRO A 50 3.52 -12.45 5.70
N PRO A 51 2.37 -12.36 6.47
CA PRO A 51 2.06 -11.18 7.31
C PRO A 51 3.10 -10.96 8.44
N LEU A 52 3.78 -9.81 8.36
CA LEU A 52 4.78 -9.40 9.36
C LEU A 52 4.09 -8.89 10.64
N THR A 53 4.72 -9.14 11.79
CA THR A 53 4.23 -8.63 13.09
C THR A 53 4.76 -7.20 13.33
N SER A 54 5.89 -6.89 12.67
CA SER A 54 6.65 -5.65 12.89
C SER A 54 7.33 -5.23 11.58
N VAL A 55 7.69 -3.93 11.49
CA VAL A 55 8.43 -3.34 10.35
C VAL A 55 9.85 -3.95 10.27
N PRO A 56 10.28 -4.49 9.09
CA PRO A 56 11.65 -5.02 8.91
C PRO A 56 12.68 -3.88 8.73
N PRO A 57 13.98 -4.08 9.15
CA PRO A 57 15.06 -3.07 8.94
C PRO A 57 15.62 -3.09 7.47
N GLU A 58 14.94 -3.81 6.57
CA GLU A 58 15.29 -3.89 5.15
C GLU A 58 15.01 -2.55 4.41
N PRO A 59 15.99 -2.04 3.59
CA PRO A 59 15.91 -0.69 2.99
C PRO A 59 14.93 -0.59 1.78
N GLU A 60 15.04 -1.54 0.82
CA GLU A 60 14.24 -1.56 -0.40
C GLU A 60 12.96 -2.39 -0.16
N TRP A 61 12.03 -1.82 0.62
CA TRP A 61 10.79 -2.51 0.98
C TRP A 61 9.79 -2.43 -0.17
N TYR A 62 9.29 -3.62 -0.57
CA TYR A 62 8.24 -3.76 -1.59
C TYR A 62 7.17 -4.73 -1.07
N CYS A 63 5.99 -4.72 -1.73
CA CYS A 63 4.84 -5.55 -1.37
C CYS A 63 5.07 -7.03 -1.76
N PRO A 64 4.33 -8.01 -1.15
CA PRO A 64 4.38 -9.45 -1.53
C PRO A 64 4.22 -9.67 -3.06
N SER A 65 3.36 -8.82 -3.65
CA SER A 65 3.02 -8.84 -5.07
C SER A 65 4.27 -8.63 -5.99
N CYS A 66 5.29 -7.95 -5.46
CA CYS A 66 6.56 -7.68 -6.18
C CYS A 66 7.53 -8.89 -6.17
N ARG A 67 7.35 -9.83 -5.20
CA ARG A 67 8.27 -10.99 -5.02
C ARG A 67 7.55 -12.35 -5.12
N THR A 68 6.23 -12.33 -5.37
CA THR A 68 5.39 -13.55 -5.47
C THR A 68 5.39 -14.11 -6.90
N ASP A 69 4.95 -15.37 -7.04
CA ASP A 69 4.81 -16.05 -8.33
C ASP A 69 3.46 -15.68 -8.99
N SER A 70 2.45 -15.36 -8.16
CA SER A 70 1.07 -15.10 -8.62
C SER A 70 0.97 -13.77 -9.40
N SER A 71 1.22 -12.66 -8.70
CA SER A 71 1.17 -11.32 -9.28
C SER A 71 2.38 -11.08 -10.21
N GLU A 72 2.14 -10.32 -11.28
CA GLU A 72 3.14 -10.02 -12.31
C GLU A 72 4.07 -8.88 -11.87
N VAL A 73 5.11 -8.62 -12.69
CA VAL A 73 6.01 -7.48 -12.50
C VAL A 73 5.32 -6.19 -12.96
N VAL A 74 5.46 -5.11 -12.16
CA VAL A 74 4.87 -3.79 -12.47
C VAL A 74 5.50 -3.18 -13.75
N GLN A 75 4.71 -2.35 -14.45
CA GLN A 75 5.11 -1.73 -15.74
C GLN A 75 5.73 -0.33 -15.53
N ALA A 76 6.43 0.15 -16.58
CA ALA A 76 7.03 1.51 -16.63
C ALA A 76 5.94 2.56 -16.93
N GLY A 77 6.33 3.85 -16.88
CA GLY A 77 5.37 4.96 -16.98
C GLY A 77 4.56 5.13 -15.70
N GLU A 78 5.11 4.57 -14.61
CA GLU A 78 4.51 4.60 -13.26
C GLU A 78 4.54 6.05 -12.68
N SER A 1 -8.39 23.07 -9.64
CA SER A 1 -6.91 23.13 -9.60
C SER A 1 -6.36 23.20 -8.16
N GLY A 2 -7.27 23.38 -7.17
CA GLY A 2 -6.89 23.40 -5.74
C GLY A 2 -6.37 22.04 -5.24
N PRO A 3 -5.70 21.99 -4.04
CA PRO A 3 -5.00 20.77 -3.53
C PRO A 3 -5.95 19.65 -3.05
N SER A 4 -7.27 19.86 -3.21
CA SER A 4 -8.30 18.85 -2.90
C SER A 4 -8.22 17.63 -3.85
N CYS A 5 -8.56 16.43 -3.32
CA CYS A 5 -8.50 15.16 -4.07
C CYS A 5 -9.59 15.09 -5.16
N ARG A 6 -9.15 14.96 -6.42
CA ARG A 6 -10.01 14.70 -7.57
C ARG A 6 -10.34 13.20 -7.67
N PHE A 7 -9.29 12.37 -7.52
CA PHE A 7 -9.35 10.91 -7.75
C PHE A 7 -10.11 10.16 -6.63
N CYS A 8 -10.45 10.86 -5.53
CA CYS A 8 -11.18 10.24 -4.38
C CYS A 8 -12.51 10.98 -4.11
N LYS A 9 -12.62 12.24 -4.63
CA LYS A 9 -13.68 13.22 -4.25
C LYS A 9 -13.50 13.67 -2.79
N ASP A 10 -13.77 12.72 -1.87
CA ASP A 10 -13.75 12.79 -0.37
C ASP A 10 -15.06 12.16 0.09
N ASP A 11 -15.12 10.83 -0.02
CA ASP A 11 -16.36 10.07 0.16
C ASP A 11 -16.56 9.71 1.65
N GLU A 12 -17.83 9.56 2.06
CA GLU A 12 -18.21 9.31 3.47
C GLU A 12 -17.85 7.87 3.91
N ASN A 13 -17.92 6.90 2.98
CA ASN A 13 -17.57 5.49 3.26
C ASN A 13 -16.05 5.36 3.41
N LYS A 14 -15.32 5.76 2.36
CA LYS A 14 -13.85 5.80 2.34
C LYS A 14 -13.41 7.17 1.78
N PRO A 15 -12.79 8.06 2.61
CA PRO A 15 -12.41 9.43 2.17
C PRO A 15 -11.30 9.40 1.10
N CYS A 16 -10.39 8.43 1.23
CA CYS A 16 -9.35 8.15 0.24
C CYS A 16 -9.14 6.63 0.13
N ARG A 17 -9.37 6.08 -1.08
CA ARG A 17 -8.99 4.69 -1.42
C ARG A 17 -7.63 4.69 -2.15
N LYS A 18 -7.52 5.51 -3.21
CA LYS A 18 -6.30 5.57 -4.08
C LYS A 18 -5.07 6.15 -3.35
N CYS A 19 -5.28 6.84 -2.22
CA CYS A 19 -4.20 7.37 -1.36
C CYS A 19 -3.96 6.41 -0.16
N ALA A 20 -4.62 5.24 -0.19
CA ALA A 20 -4.68 4.29 0.95
C ALA A 20 -4.11 2.91 0.61
N CYS A 21 -4.15 2.02 1.62
CA CYS A 21 -3.82 0.60 1.50
C CYS A 21 -5.05 -0.15 0.97
N HIS A 22 -5.03 -0.50 -0.35
CA HIS A 22 -6.19 -1.08 -1.08
C HIS A 22 -6.58 -2.47 -0.55
N VAL A 23 -5.68 -3.12 0.21
CA VAL A 23 -5.91 -4.46 0.75
C VAL A 23 -7.12 -4.46 1.72
N CYS A 24 -7.26 -3.34 2.46
CA CYS A 24 -8.39 -3.10 3.39
C CYS A 24 -9.16 -1.82 3.01
N GLY A 25 -8.65 -1.10 1.99
CA GLY A 25 -9.20 0.19 1.55
C GLY A 25 -9.12 1.29 2.61
N GLY A 26 -8.01 1.33 3.36
CA GLY A 26 -7.87 2.28 4.48
C GLY A 26 -6.43 2.63 4.83
N ARG A 27 -6.26 3.83 5.41
CA ARG A 27 -4.97 4.33 5.97
C ARG A 27 -4.96 4.14 7.51
N GLU A 28 -5.91 3.33 8.01
CA GLU A 28 -6.13 3.10 9.45
C GLU A 28 -4.96 2.30 10.04
N ALA A 29 -4.36 2.81 11.15
CA ALA A 29 -3.11 2.31 11.76
C ALA A 29 -1.88 2.78 10.95
N PRO A 30 -1.38 4.04 11.21
CA PRO A 30 -0.27 4.65 10.43
C PRO A 30 1.13 4.06 10.75
N GLU A 31 1.30 3.59 12.00
CA GLU A 31 2.57 3.02 12.49
C GLU A 31 2.80 1.60 11.95
N LYS A 32 1.70 0.89 11.64
CA LYS A 32 1.77 -0.45 11.07
C LYS A 32 1.71 -0.42 9.53
N GLN A 33 1.76 0.79 8.92
CA GLN A 33 1.80 0.95 7.45
C GLN A 33 3.19 0.67 6.89
N LEU A 34 3.20 0.02 5.72
CA LEU A 34 4.40 -0.25 4.92
C LEU A 34 4.13 0.17 3.48
N LEU A 35 4.69 1.31 3.10
CA LEU A 35 4.44 1.94 1.79
C LEU A 35 5.42 1.40 0.73
N CYS A 36 4.93 0.51 -0.14
CA CYS A 36 5.71 -0.05 -1.25
C CYS A 36 5.98 1.05 -2.28
N ASP A 37 7.24 1.52 -2.34
CA ASP A 37 7.68 2.58 -3.28
C ASP A 37 7.36 2.21 -4.74
N GLU A 38 7.67 0.95 -5.09
CA GLU A 38 7.39 0.37 -6.42
C GLU A 38 5.92 0.59 -6.86
N CYS A 39 4.98 0.21 -5.98
CA CYS A 39 3.54 0.21 -6.28
C CYS A 39 2.90 1.58 -5.96
N ASP A 40 3.66 2.46 -5.28
CA ASP A 40 3.16 3.75 -4.71
C ASP A 40 1.90 3.53 -3.86
N MET A 41 1.89 2.40 -3.14
CA MET A 41 0.73 1.92 -2.40
C MET A 41 1.14 1.59 -0.98
N ALA A 42 0.38 2.11 -0.01
CA ALA A 42 0.51 1.73 1.39
C ALA A 42 0.01 0.29 1.58
N PHE A 43 0.59 -0.39 2.56
CA PHE A 43 0.13 -1.71 3.02
C PHE A 43 0.07 -1.68 4.56
N HIS A 44 -0.25 -2.82 5.17
CA HIS A 44 -0.20 -2.97 6.63
C HIS A 44 0.48 -4.31 6.97
N LEU A 45 1.10 -4.38 8.16
CA LEU A 45 1.75 -5.60 8.69
C LEU A 45 0.82 -6.83 8.68
N TYR A 46 -0.46 -6.58 8.97
CA TYR A 46 -1.51 -7.61 9.08
C TYR A 46 -2.31 -7.74 7.75
N CYS A 47 -1.96 -6.90 6.75
CA CYS A 47 -2.52 -6.98 5.37
C CYS A 47 -1.57 -7.73 4.42
N LEU A 48 -0.52 -8.37 4.98
CA LEU A 48 0.51 -9.10 4.20
C LEU A 48 0.23 -10.62 4.21
N LYS A 49 0.87 -11.35 3.28
CA LYS A 49 0.86 -12.82 3.23
C LYS A 49 2.31 -13.26 2.87
N PRO A 50 3.12 -13.80 3.85
CA PRO A 50 2.71 -13.99 5.28
C PRO A 50 2.78 -12.67 6.10
N PRO A 51 1.84 -12.44 7.08
CA PRO A 51 1.79 -11.20 7.87
C PRO A 51 3.01 -11.04 8.81
N LEU A 52 3.65 -9.85 8.76
CA LEU A 52 4.84 -9.53 9.58
C LEU A 52 4.41 -8.82 10.88
N THR A 53 5.26 -8.91 11.92
CA THR A 53 5.05 -8.19 13.20
C THR A 53 5.79 -6.84 13.20
N SER A 54 6.74 -6.68 12.25
CA SER A 54 7.59 -5.47 12.13
C SER A 54 8.15 -5.35 10.70
N VAL A 55 8.73 -4.18 10.38
CA VAL A 55 9.40 -3.94 9.09
C VAL A 55 10.78 -4.65 9.07
N PRO A 56 11.18 -5.32 7.92
CA PRO A 56 12.56 -5.86 7.74
C PRO A 56 13.65 -4.75 7.81
N PRO A 57 14.97 -5.11 8.01
CA PRO A 57 16.08 -4.11 8.05
C PRO A 57 16.40 -3.49 6.66
N GLU A 58 15.62 -3.89 5.63
CA GLU A 58 15.72 -3.35 4.27
C GLU A 58 15.32 -1.85 4.27
N PRO A 59 16.16 -0.95 3.67
CA PRO A 59 15.87 0.51 3.59
C PRO A 59 14.80 0.83 2.50
N GLU A 60 14.54 -0.18 1.65
CA GLU A 60 13.56 -0.10 0.55
C GLU A 60 12.62 -1.31 0.66
N TRP A 61 11.41 -1.06 1.19
CA TRP A 61 10.42 -2.11 1.43
C TRP A 61 9.57 -2.32 0.16
N TYR A 62 9.52 -3.57 -0.29
CA TYR A 62 8.63 -4.01 -1.37
C TYR A 62 7.60 -4.99 -0.79
N CYS A 63 6.43 -5.04 -1.42
CA CYS A 63 5.34 -5.94 -0.99
C CYS A 63 5.60 -7.38 -1.49
N PRO A 64 5.00 -8.45 -0.86
CA PRO A 64 5.10 -9.85 -1.37
C PRO A 64 4.68 -9.95 -2.86
N SER A 65 3.71 -9.10 -3.24
CA SER A 65 3.18 -8.99 -4.62
C SER A 65 4.27 -8.63 -5.66
N CYS A 66 5.36 -7.98 -5.21
CA CYS A 66 6.49 -7.57 -6.08
C CYS A 66 7.46 -8.75 -6.34
N ARG A 67 7.79 -9.54 -5.29
CA ARG A 67 8.80 -10.63 -5.39
C ARG A 67 8.19 -11.95 -5.89
N THR A 68 6.88 -12.11 -5.65
CA THR A 68 6.13 -13.30 -6.07
C THR A 68 4.70 -12.85 -6.44
N ASP A 69 3.89 -13.77 -6.98
CA ASP A 69 2.52 -13.47 -7.45
C ASP A 69 1.51 -13.61 -6.28
N SER A 70 1.78 -12.88 -5.18
CA SER A 70 0.91 -12.81 -3.99
C SER A 70 -0.07 -11.63 -4.16
N SER A 71 -0.81 -11.65 -5.29
CA SER A 71 -1.70 -10.56 -5.70
C SER A 71 -2.61 -11.02 -6.85
N GLU A 72 -3.59 -10.17 -7.19
CA GLU A 72 -4.53 -10.39 -8.30
C GLU A 72 -3.87 -9.99 -9.65
N VAL A 73 -4.62 -10.17 -10.75
CA VAL A 73 -4.19 -9.75 -12.10
C VAL A 73 -4.13 -8.20 -12.21
N VAL A 74 -3.35 -7.70 -13.20
CA VAL A 74 -3.14 -6.25 -13.40
C VAL A 74 -4.47 -5.47 -13.60
N GLN A 75 -4.75 -4.53 -12.67
CA GLN A 75 -6.00 -3.75 -12.65
C GLN A 75 -6.09 -2.77 -13.85
N ALA A 76 -6.96 -3.10 -14.82
CA ALA A 76 -7.26 -2.24 -15.99
C ALA A 76 -8.17 -1.08 -15.56
N GLY A 77 -8.15 0.01 -16.35
CA GLY A 77 -8.79 1.27 -15.95
C GLY A 77 -7.95 1.99 -14.91
N GLU A 78 -6.65 2.12 -15.20
CA GLU A 78 -5.65 2.71 -14.29
C GLU A 78 -5.95 4.21 -13.99
N SER A 1 -2.23 20.66 7.61
CA SER A 1 -1.92 19.58 8.56
C SER A 1 -2.45 18.23 8.04
N GLY A 2 -2.75 18.16 6.72
CA GLY A 2 -3.16 16.92 6.08
C GLY A 2 -1.99 15.96 5.88
N PRO A 3 -2.24 14.63 5.60
CA PRO A 3 -1.17 13.61 5.42
C PRO A 3 -0.32 13.87 4.15
N SER A 4 0.77 13.09 3.98
CA SER A 4 1.69 13.19 2.82
C SER A 4 0.92 13.01 1.50
N CYS A 5 0.64 14.14 0.83
CA CYS A 5 -0.34 14.21 -0.27
C CYS A 5 0.23 14.96 -1.49
N ARG A 6 0.64 14.18 -2.51
CA ARG A 6 1.14 14.69 -3.81
C ARG A 6 0.33 14.04 -4.96
N PHE A 7 0.12 12.71 -4.82
CA PHE A 7 -0.53 11.85 -5.84
C PHE A 7 -2.05 12.10 -5.99
N CYS A 8 -2.62 12.94 -5.12
CA CYS A 8 -4.09 12.97 -4.86
C CYS A 8 -4.65 14.40 -4.83
N LYS A 9 -3.82 15.40 -4.40
CA LYS A 9 -4.20 16.83 -4.20
C LYS A 9 -5.10 17.06 -2.95
N ASP A 10 -5.94 16.06 -2.60
CA ASP A 10 -6.87 16.10 -1.45
C ASP A 10 -7.91 17.21 -1.60
N ASP A 11 -8.87 16.97 -2.47
CA ASP A 11 -10.08 17.79 -2.62
C ASP A 11 -10.99 17.63 -1.39
N GLU A 12 -11.70 18.71 -1.05
CA GLU A 12 -12.57 18.79 0.14
C GLU A 12 -13.80 17.84 0.04
N ASN A 13 -14.16 17.44 -1.18
CA ASN A 13 -15.32 16.56 -1.46
C ASN A 13 -14.87 15.09 -1.57
N LYS A 14 -13.67 14.85 -2.14
CA LYS A 14 -13.16 13.49 -2.42
C LYS A 14 -11.89 13.16 -1.59
N PRO A 15 -11.86 12.00 -0.84
CA PRO A 15 -10.71 11.62 0.03
C PRO A 15 -9.52 10.99 -0.77
N CYS A 16 -8.68 10.18 -0.09
CA CYS A 16 -7.49 9.56 -0.70
C CYS A 16 -7.64 8.03 -0.85
N ARG A 17 -7.27 7.53 -2.03
CA ARG A 17 -7.08 6.09 -2.30
C ARG A 17 -5.59 5.71 -2.08
N LYS A 18 -4.70 6.53 -2.69
CA LYS A 18 -3.23 6.29 -2.70
C LYS A 18 -2.51 6.80 -1.42
N CYS A 19 -3.29 7.07 -0.36
CA CYS A 19 -2.74 7.34 1.00
C CYS A 19 -3.29 6.33 2.00
N ALA A 20 -4.29 5.55 1.57
CA ALA A 20 -4.80 4.41 2.35
C ALA A 20 -4.07 3.14 1.92
N CYS A 21 -4.32 2.06 2.65
CA CYS A 21 -3.86 0.71 2.30
C CYS A 21 -4.98 0.01 1.53
N HIS A 22 -4.81 -0.07 0.19
CA HIS A 22 -5.84 -0.55 -0.76
C HIS A 22 -6.16 -2.05 -0.54
N VAL A 23 -5.24 -2.74 0.14
CA VAL A 23 -5.33 -4.19 0.45
C VAL A 23 -6.60 -4.50 1.28
N CYS A 24 -7.04 -3.51 2.07
CA CYS A 24 -8.28 -3.59 2.88
C CYS A 24 -9.15 -2.34 2.70
N GLY A 25 -8.59 -1.30 2.05
CA GLY A 25 -9.21 0.03 2.00
C GLY A 25 -9.32 0.66 3.38
N GLY A 26 -8.16 0.96 3.99
CA GLY A 26 -8.12 1.51 5.35
C GLY A 26 -6.79 2.19 5.67
N ARG A 27 -6.87 3.30 6.45
CA ARG A 27 -5.70 4.08 6.92
C ARG A 27 -5.35 3.70 8.37
N GLU A 28 -5.55 2.41 8.68
CA GLU A 28 -5.53 1.88 10.04
C GLU A 28 -4.08 1.80 10.57
N ALA A 29 -3.71 2.76 11.43
CA ALA A 29 -2.34 2.92 11.95
C ALA A 29 -1.35 3.31 10.81
N PRO A 30 -1.10 4.64 10.59
CA PRO A 30 -0.13 5.12 9.57
C PRO A 30 1.34 4.70 9.90
N GLU A 31 1.60 4.42 11.20
CA GLU A 31 2.88 3.84 11.66
C GLU A 31 3.14 2.45 11.05
N LYS A 32 2.06 1.68 10.85
CA LYS A 32 2.13 0.30 10.32
C LYS A 32 1.72 0.24 8.83
N GLN A 33 1.52 1.41 8.20
CA GLN A 33 1.32 1.49 6.74
C GLN A 33 2.68 1.38 6.02
N LEU A 34 2.87 0.26 5.32
CA LEU A 34 4.09 -0.03 4.55
C LEU A 34 3.87 0.33 3.07
N LEU A 35 4.37 1.50 2.68
CA LEU A 35 4.20 2.03 1.31
C LEU A 35 5.32 1.48 0.40
N CYS A 36 4.96 0.50 -0.45
CA CYS A 36 5.88 -0.03 -1.48
C CYS A 36 6.13 1.05 -2.52
N ASP A 37 7.34 1.65 -2.49
CA ASP A 37 7.71 2.82 -3.33
C ASP A 37 7.48 2.55 -4.84
N GLU A 38 7.84 1.33 -5.27
CA GLU A 38 7.75 0.90 -6.69
C GLU A 38 6.28 0.88 -7.20
N CYS A 39 5.36 0.49 -6.32
CA CYS A 39 3.92 0.33 -6.68
C CYS A 39 3.08 1.53 -6.17
N ASP A 40 3.70 2.37 -5.32
CA ASP A 40 3.09 3.55 -4.67
C ASP A 40 1.80 3.24 -3.88
N MET A 41 1.65 1.97 -3.46
CA MET A 41 0.51 1.51 -2.65
C MET A 41 0.97 1.20 -1.23
N ALA A 42 0.12 1.61 -0.27
CA ALA A 42 0.33 1.34 1.16
C ALA A 42 -0.23 -0.03 1.53
N PHE A 43 0.45 -0.69 2.46
CA PHE A 43 0.03 -1.99 3.03
C PHE A 43 -0.14 -1.83 4.53
N HIS A 44 -0.40 -2.93 5.22
CA HIS A 44 -0.34 -3.02 6.69
C HIS A 44 0.44 -4.30 7.03
N LEU A 45 1.02 -4.36 8.24
CA LEU A 45 1.72 -5.57 8.74
C LEU A 45 0.82 -6.82 8.68
N TYR A 46 -0.45 -6.63 9.07
CA TYR A 46 -1.48 -7.67 9.10
C TYR A 46 -2.26 -7.75 7.76
N CYS A 47 -1.75 -7.08 6.70
CA CYS A 47 -2.31 -7.16 5.32
C CYS A 47 -1.27 -7.78 4.37
N LEU A 48 -0.26 -8.46 4.94
CA LEU A 48 0.81 -9.13 4.21
C LEU A 48 0.50 -10.64 4.11
N LYS A 49 1.46 -11.43 3.59
CA LYS A 49 1.31 -12.89 3.48
C LYS A 49 2.72 -13.53 3.49
N PRO A 50 3.26 -13.98 4.68
CA PRO A 50 2.56 -13.93 6.00
C PRO A 50 2.68 -12.54 6.68
N PRO A 51 1.80 -12.23 7.70
CA PRO A 51 1.87 -10.96 8.44
C PRO A 51 3.20 -10.82 9.22
N LEU A 52 3.86 -9.64 9.08
CA LEU A 52 5.12 -9.35 9.78
C LEU A 52 4.84 -8.70 11.15
N THR A 53 5.70 -8.98 12.14
CA THR A 53 5.54 -8.46 13.51
C THR A 53 5.86 -6.94 13.57
N SER A 54 6.86 -6.54 12.77
CA SER A 54 7.36 -5.15 12.71
C SER A 54 7.91 -4.88 11.30
N VAL A 55 8.51 -3.69 11.10
CA VAL A 55 9.18 -3.36 9.84
C VAL A 55 10.46 -4.24 9.67
N PRO A 56 10.64 -4.95 8.51
CA PRO A 56 11.80 -5.87 8.27
C PRO A 56 13.15 -5.12 8.28
N PRO A 57 14.33 -5.84 8.40
CA PRO A 57 15.68 -5.21 8.43
C PRO A 57 16.07 -4.53 7.08
N GLU A 58 15.21 -4.70 6.06
CA GLU A 58 15.33 -4.04 4.76
C GLU A 58 14.51 -2.73 4.78
N PRO A 59 15.19 -1.54 4.69
CA PRO A 59 14.50 -0.22 4.71
C PRO A 59 13.74 0.06 3.39
N GLU A 60 14.26 -0.48 2.28
CA GLU A 60 13.63 -0.42 0.95
C GLU A 60 12.49 -1.47 0.88
N TRP A 61 11.32 -1.10 1.42
CA TRP A 61 10.20 -2.03 1.55
C TRP A 61 9.53 -2.25 0.19
N TYR A 62 9.65 -3.49 -0.30
CA TYR A 62 8.94 -3.97 -1.49
C TYR A 62 7.93 -5.04 -1.07
N CYS A 63 6.78 -5.03 -1.74
CA CYS A 63 5.68 -5.98 -1.47
C CYS A 63 6.01 -7.37 -2.07
N PRO A 64 5.42 -8.49 -1.54
CA PRO A 64 5.50 -9.81 -2.19
C PRO A 64 4.94 -9.76 -3.63
N SER A 65 4.01 -8.82 -3.85
CA SER A 65 3.35 -8.58 -5.14
C SER A 65 4.32 -8.00 -6.21
N CYS A 66 5.55 -7.62 -5.81
CA CYS A 66 6.62 -7.17 -6.74
C CYS A 66 7.28 -8.37 -7.46
N ARG A 67 7.27 -9.55 -6.80
CA ARG A 67 8.07 -10.72 -7.26
C ARG A 67 7.21 -11.98 -7.49
N THR A 68 5.93 -11.97 -7.02
CA THR A 68 5.04 -13.13 -7.16
C THR A 68 4.43 -13.22 -8.58
N ASP A 69 4.03 -14.45 -8.97
CA ASP A 69 3.32 -14.71 -10.24
C ASP A 69 1.83 -14.32 -10.13
N SER A 70 1.34 -14.22 -8.87
CA SER A 70 -0.07 -13.89 -8.55
C SER A 70 -0.47 -12.48 -9.05
N SER A 71 0.53 -11.63 -9.33
CA SER A 71 0.32 -10.30 -9.94
C SER A 71 0.23 -10.40 -11.47
N GLU A 72 -0.48 -9.44 -12.08
CA GLU A 72 -0.70 -9.37 -13.54
C GLU A 72 0.54 -8.78 -14.24
N VAL A 73 0.80 -9.20 -15.50
CA VAL A 73 1.96 -8.72 -16.26
C VAL A 73 1.77 -7.24 -16.67
N VAL A 74 2.74 -6.39 -16.27
CA VAL A 74 2.67 -4.94 -16.48
C VAL A 74 4.09 -4.35 -16.51
N GLN A 75 4.25 -3.25 -17.27
CA GLN A 75 5.52 -2.50 -17.35
C GLN A 75 5.67 -1.57 -16.14
N ALA A 76 6.51 -1.97 -15.17
CA ALA A 76 6.89 -1.11 -14.04
C ALA A 76 7.80 0.02 -14.56
N GLY A 77 7.25 1.23 -14.65
CA GLY A 77 7.88 2.35 -15.35
C GLY A 77 7.55 2.33 -16.83
N GLU A 78 6.24 2.36 -17.12
CA GLU A 78 5.69 2.30 -18.48
C GLU A 78 5.86 3.68 -19.19
N SER A 1 -4.38 18.09 9.21
CA SER A 1 -4.45 17.03 10.23
C SER A 1 -4.31 15.64 9.56
N GLY A 2 -4.90 15.50 8.35
CA GLY A 2 -4.73 14.28 7.53
C GLY A 2 -3.54 14.42 6.56
N PRO A 3 -2.86 13.29 6.17
CA PRO A 3 -1.69 13.35 5.23
C PRO A 3 -2.10 13.86 3.83
N SER A 4 -1.26 14.78 3.28
CA SER A 4 -1.51 15.42 1.98
C SER A 4 -1.42 14.41 0.82
N CYS A 5 -1.98 14.80 -0.34
CA CYS A 5 -2.18 13.91 -1.48
C CYS A 5 -1.93 14.62 -2.83
N ARG A 6 -0.78 14.32 -3.46
CA ARG A 6 -0.52 14.70 -4.86
C ARG A 6 -1.38 13.78 -5.77
N PHE A 7 -1.39 12.48 -5.39
CA PHE A 7 -2.09 11.40 -6.13
C PHE A 7 -3.63 11.51 -6.06
N CYS A 8 -4.16 12.48 -5.29
CA CYS A 8 -5.63 12.64 -5.12
C CYS A 8 -6.04 14.12 -5.19
N LYS A 9 -5.04 15.03 -5.33
CA LYS A 9 -5.23 16.52 -5.35
C LYS A 9 -5.87 17.05 -4.03
N ASP A 10 -5.88 16.19 -2.99
CA ASP A 10 -6.57 16.44 -1.70
C ASP A 10 -8.08 16.72 -1.89
N ASP A 11 -8.67 16.12 -2.94
CA ASP A 11 -10.09 16.29 -3.28
C ASP A 11 -10.97 15.61 -2.20
N GLU A 12 -12.01 16.31 -1.78
CA GLU A 12 -12.87 15.89 -0.65
C GLU A 12 -13.90 14.82 -1.10
N ASN A 13 -14.27 14.87 -2.39
CA ASN A 13 -15.35 14.03 -2.95
C ASN A 13 -14.79 12.71 -3.50
N LYS A 14 -13.59 12.76 -4.10
CA LYS A 14 -12.93 11.57 -4.66
C LYS A 14 -12.24 10.77 -3.52
N PRO A 15 -12.42 9.42 -3.44
CA PRO A 15 -11.77 8.57 -2.41
C PRO A 15 -10.24 8.47 -2.57
N CYS A 16 -9.58 7.88 -1.56
CA CYS A 16 -8.13 7.75 -1.48
C CYS A 16 -7.77 6.29 -1.12
N ARG A 17 -7.24 5.54 -2.12
CA ARG A 17 -6.93 4.10 -1.98
C ARG A 17 -5.43 3.83 -2.11
N LYS A 18 -4.77 4.62 -2.98
CA LYS A 18 -3.33 4.45 -3.33
C LYS A 18 -2.41 4.74 -2.14
N CYS A 19 -2.71 5.84 -1.43
CA CYS A 19 -1.89 6.29 -0.27
C CYS A 19 -2.50 5.77 1.04
N ALA A 20 -3.56 4.96 0.91
CA ALA A 20 -4.11 4.17 2.00
C ALA A 20 -3.65 2.71 1.81
N CYS A 21 -4.01 1.85 2.76
CA CYS A 21 -3.76 0.41 2.65
C CYS A 21 -4.80 -0.21 1.71
N HIS A 22 -4.34 -0.53 0.48
CA HIS A 22 -5.19 -0.92 -0.65
C HIS A 22 -5.99 -2.19 -0.34
N VAL A 23 -5.34 -3.12 0.39
CA VAL A 23 -5.88 -4.46 0.66
C VAL A 23 -7.23 -4.42 1.41
N CYS A 24 -7.29 -3.61 2.50
CA CYS A 24 -8.53 -3.48 3.32
C CYS A 24 -9.21 -2.11 3.11
N GLY A 25 -8.66 -1.31 2.16
CA GLY A 25 -9.21 0.01 1.80
C GLY A 25 -9.31 1.00 2.97
N GLY A 26 -8.25 1.04 3.79
CA GLY A 26 -8.24 1.87 5.01
C GLY A 26 -6.87 2.48 5.29
N ARG A 27 -6.86 3.74 5.80
CA ARG A 27 -5.60 4.50 6.03
C ARG A 27 -5.29 4.60 7.55
N GLU A 28 -5.81 3.63 8.32
CA GLU A 28 -5.63 3.56 9.78
C GLU A 28 -4.28 2.92 10.14
N ALA A 29 -3.84 3.12 11.40
CA ALA A 29 -2.58 2.57 11.95
C ALA A 29 -1.37 2.92 11.05
N PRO A 30 -0.87 4.20 11.10
CA PRO A 30 0.19 4.68 10.18
C PRO A 30 1.54 3.99 10.42
N GLU A 31 1.79 3.58 11.68
CA GLU A 31 3.01 2.87 12.09
C GLU A 31 3.02 1.41 11.60
N LYS A 32 1.82 0.84 11.36
CA LYS A 32 1.68 -0.54 10.86
C LYS A 32 1.61 -0.58 9.32
N GLN A 33 1.41 0.59 8.68
CA GLN A 33 1.40 0.67 7.21
C GLN A 33 2.82 0.90 6.66
N LEU A 34 3.08 0.27 5.53
CA LEU A 34 4.35 0.30 4.82
C LEU A 34 4.07 0.54 3.33
N LEU A 35 4.65 1.61 2.80
CA LEU A 35 4.46 2.04 1.41
C LEU A 35 5.48 1.36 0.50
N CYS A 36 5.00 0.46 -0.37
CA CYS A 36 5.85 -0.20 -1.37
C CYS A 36 6.26 0.79 -2.46
N ASP A 37 7.56 1.09 -2.54
CA ASP A 37 8.13 2.05 -3.51
C ASP A 37 7.78 1.67 -4.98
N GLU A 38 7.83 0.35 -5.27
CA GLU A 38 7.54 -0.22 -6.60
C GLU A 38 6.06 0.02 -7.02
N CYS A 39 5.14 -0.01 -6.04
CA CYS A 39 3.67 0.01 -6.32
C CYS A 39 3.04 1.37 -6.03
N ASP A 40 3.74 2.22 -5.23
CA ASP A 40 3.20 3.49 -4.66
C ASP A 40 1.95 3.22 -3.76
N MET A 41 1.77 1.95 -3.36
CA MET A 41 0.63 1.50 -2.55
C MET A 41 1.09 1.22 -1.13
N ALA A 42 0.24 1.56 -0.16
CA ALA A 42 0.50 1.29 1.27
C ALA A 42 -0.16 -0.04 1.68
N PHE A 43 0.43 -0.74 2.66
CA PHE A 43 -0.05 -2.07 3.13
C PHE A 43 0.21 -2.21 4.64
N HIS A 44 -0.81 -2.67 5.40
CA HIS A 44 -0.60 -3.08 6.82
C HIS A 44 0.29 -4.32 6.88
N LEU A 45 1.05 -4.42 7.97
CA LEU A 45 1.85 -5.62 8.33
C LEU A 45 0.97 -6.89 8.33
N TYR A 46 -0.27 -6.72 8.80
CA TYR A 46 -1.26 -7.80 8.92
C TYR A 46 -1.89 -8.15 7.56
N CYS A 47 -1.92 -7.15 6.65
CA CYS A 47 -2.54 -7.28 5.30
C CYS A 47 -1.55 -7.81 4.24
N LEU A 48 -0.31 -8.09 4.67
CA LEU A 48 0.72 -8.73 3.83
C LEU A 48 0.50 -10.24 3.77
N LYS A 49 1.12 -10.91 2.77
CA LYS A 49 1.01 -12.36 2.59
C LYS A 49 2.38 -12.89 2.07
N PRO A 50 3.30 -13.44 2.94
CA PRO A 50 3.08 -13.68 4.40
C PRO A 50 3.08 -12.38 5.24
N PRO A 51 2.23 -12.28 6.33
CA PRO A 51 2.18 -11.08 7.18
C PRO A 51 3.43 -10.92 8.07
N LEU A 52 3.84 -9.67 8.29
CA LEU A 52 4.97 -9.33 9.16
C LEU A 52 4.46 -8.94 10.55
N THR A 53 5.28 -9.20 11.58
CA THR A 53 4.99 -8.82 12.97
C THR A 53 5.29 -7.32 13.20
N SER A 54 6.43 -6.89 12.64
CA SER A 54 6.90 -5.50 12.73
C SER A 54 7.55 -5.08 11.41
N VAL A 55 7.96 -3.81 11.30
CA VAL A 55 8.71 -3.29 10.15
C VAL A 55 10.08 -4.00 10.05
N PRO A 56 10.48 -4.54 8.85
CA PRO A 56 11.83 -5.12 8.66
C PRO A 56 12.91 -4.02 8.54
N PRO A 57 14.22 -4.35 8.76
CA PRO A 57 15.33 -3.35 8.73
C PRO A 57 15.83 -3.00 7.31
N GLU A 58 15.03 -3.37 6.28
CA GLU A 58 15.40 -3.18 4.85
C GLU A 58 15.50 -1.66 4.50
N PRO A 59 16.58 -1.24 3.75
CA PRO A 59 16.77 0.18 3.34
C PRO A 59 15.70 0.65 2.32
N GLU A 60 15.24 -0.29 1.49
CA GLU A 60 14.17 -0.08 0.51
C GLU A 60 13.15 -1.22 0.65
N TRP A 61 11.91 -0.87 0.99
CA TRP A 61 10.85 -1.85 1.28
C TRP A 61 9.95 -2.06 0.06
N TYR A 62 9.63 -3.34 -0.18
CA TYR A 62 8.70 -3.78 -1.23
C TYR A 62 7.71 -4.79 -0.66
N CYS A 63 6.50 -4.81 -1.22
CA CYS A 63 5.46 -5.77 -0.85
C CYS A 63 5.82 -7.16 -1.41
N PRO A 64 5.44 -8.28 -0.72
CA PRO A 64 5.62 -9.65 -1.27
C PRO A 64 4.88 -9.81 -2.62
N SER A 65 3.79 -9.04 -2.78
CA SER A 65 2.94 -8.99 -4.00
C SER A 65 3.72 -8.54 -5.27
N CYS A 66 4.95 -8.01 -5.09
CA CYS A 66 5.84 -7.64 -6.21
C CYS A 66 6.46 -8.88 -6.89
N ARG A 67 6.59 -9.99 -6.12
CA ARG A 67 7.26 -11.22 -6.58
C ARG A 67 6.35 -12.46 -6.42
N THR A 68 5.17 -12.28 -5.79
CA THR A 68 4.18 -13.37 -5.65
C THR A 68 3.46 -13.62 -6.98
N ASP A 69 3.27 -14.91 -7.33
CA ASP A 69 2.65 -15.33 -8.60
C ASP A 69 1.12 -15.14 -8.55
N SER A 70 0.55 -15.13 -7.33
CA SER A 70 -0.90 -14.87 -7.11
C SER A 70 -1.27 -13.38 -7.36
N SER A 71 -0.23 -12.53 -7.46
CA SER A 71 -0.35 -11.12 -7.84
C SER A 71 0.31 -10.88 -9.21
N GLU A 72 0.13 -9.66 -9.76
CA GLU A 72 0.59 -9.29 -11.10
C GLU A 72 2.13 -9.16 -11.16
N VAL A 73 2.74 -9.80 -12.17
CA VAL A 73 4.17 -9.67 -12.47
C VAL A 73 4.38 -8.56 -13.52
N VAL A 74 5.39 -7.71 -13.30
CA VAL A 74 5.77 -6.65 -14.26
C VAL A 74 6.50 -7.27 -15.47
N GLN A 75 6.15 -6.80 -16.69
CA GLN A 75 6.84 -7.22 -17.93
C GLN A 75 8.24 -6.57 -17.99
N ALA A 76 9.21 -7.28 -17.38
CA ALA A 76 10.62 -6.86 -17.33
C ALA A 76 11.41 -7.56 -18.45
N GLY A 77 12.67 -7.11 -18.66
CA GLY A 77 13.54 -7.66 -19.71
C GLY A 77 13.19 -7.16 -21.11
N GLU A 78 12.30 -6.14 -21.19
CA GLU A 78 11.87 -5.53 -22.45
C GLU A 78 11.58 -4.03 -22.18
N SER A 1 -4.20 14.01 8.00
CA SER A 1 -3.41 12.81 8.31
C SER A 1 -2.61 12.34 7.07
N GLY A 2 -2.48 13.25 6.08
CA GLY A 2 -1.78 12.95 4.83
C GLY A 2 -1.54 14.20 3.99
N PRO A 3 -0.74 14.09 2.88
CA PRO A 3 -0.47 15.23 1.97
C PRO A 3 -1.59 15.47 0.94
N SER A 4 -1.55 16.66 0.30
CA SER A 4 -2.52 17.06 -0.73
C SER A 4 -2.33 16.21 -2.01
N CYS A 5 -3.45 15.78 -2.60
CA CYS A 5 -3.49 14.88 -3.75
C CYS A 5 -4.78 15.09 -4.57
N ARG A 6 -4.61 15.74 -5.74
CA ARG A 6 -5.69 16.16 -6.66
C ARG A 6 -6.45 14.97 -7.27
N PHE A 7 -5.78 13.79 -7.29
CA PHE A 7 -6.35 12.54 -7.83
C PHE A 7 -7.61 12.11 -7.06
N CYS A 8 -7.70 12.53 -5.79
CA CYS A 8 -8.76 12.11 -4.86
C CYS A 8 -9.66 13.31 -4.46
N LYS A 9 -9.34 14.51 -5.03
CA LYS A 9 -10.03 15.80 -4.73
C LYS A 9 -9.72 16.29 -3.28
N ASP A 10 -8.85 15.54 -2.56
CA ASP A 10 -8.67 15.66 -1.09
C ASP A 10 -10.02 15.69 -0.35
N ASP A 11 -10.82 14.62 -0.57
CA ASP A 11 -12.06 14.42 0.18
C ASP A 11 -11.69 13.94 1.59
N GLU A 12 -11.72 14.87 2.55
CA GLU A 12 -11.37 14.62 3.96
C GLU A 12 -12.44 13.76 4.69
N ASN A 13 -13.54 13.42 4.00
CA ASN A 13 -14.62 12.61 4.57
C ASN A 13 -14.41 11.13 4.22
N LYS A 14 -13.76 10.85 3.07
CA LYS A 14 -13.51 9.49 2.59
C LYS A 14 -11.99 9.19 2.53
N PRO A 15 -11.54 7.99 3.04
CA PRO A 15 -10.16 7.50 2.83
C PRO A 15 -9.77 7.44 1.34
N CYS A 16 -8.45 7.55 1.05
CA CYS A 16 -7.94 7.44 -0.32
C CYS A 16 -7.92 5.95 -0.76
N ARG A 17 -8.04 5.73 -2.08
CA ARG A 17 -7.78 4.44 -2.72
C ARG A 17 -6.31 4.42 -3.22
N LYS A 18 -5.99 5.44 -4.06
CA LYS A 18 -4.71 5.58 -4.77
C LYS A 18 -3.55 6.10 -3.88
N CYS A 19 -3.73 6.16 -2.55
CA CYS A 19 -2.65 6.60 -1.61
C CYS A 19 -2.60 5.74 -0.34
N ALA A 20 -3.60 4.84 -0.17
CA ALA A 20 -3.79 4.06 1.06
C ALA A 20 -3.51 2.56 0.84
N CYS A 21 -3.78 1.77 1.89
CA CYS A 21 -3.76 0.30 1.80
C CYS A 21 -5.05 -0.16 1.14
N HIS A 22 -5.00 -0.33 -0.19
CA HIS A 22 -6.17 -0.62 -1.03
C HIS A 22 -6.57 -2.12 -0.95
N VAL A 23 -5.73 -2.90 -0.23
CA VAL A 23 -6.00 -4.30 0.11
C VAL A 23 -7.30 -4.42 0.95
N CYS A 24 -7.52 -3.42 1.81
CA CYS A 24 -8.74 -3.32 2.66
C CYS A 24 -9.38 -1.92 2.53
N GLY A 25 -8.74 -1.03 1.74
CA GLY A 25 -9.14 0.38 1.63
C GLY A 25 -8.89 1.20 2.90
N GLY A 26 -8.08 0.65 3.82
CA GLY A 26 -7.91 1.21 5.16
C GLY A 26 -6.68 2.12 5.28
N ARG A 27 -6.78 3.12 6.17
CA ARG A 27 -5.67 4.04 6.54
C ARG A 27 -5.42 3.92 8.05
N GLU A 28 -5.58 2.70 8.56
CA GLU A 28 -5.55 2.41 10.01
C GLU A 28 -4.11 2.19 10.52
N ALA A 29 -3.77 2.86 11.65
CA ALA A 29 -2.47 2.70 12.35
C ALA A 29 -1.27 3.06 11.44
N PRO A 30 -0.77 4.35 11.48
CA PRO A 30 0.38 4.80 10.63
C PRO A 30 1.69 4.08 10.99
N GLU A 31 1.75 3.57 12.24
CA GLU A 31 2.82 2.69 12.74
C GLU A 31 2.92 1.38 11.93
N LYS A 32 1.74 0.85 11.51
CA LYS A 32 1.64 -0.42 10.77
C LYS A 32 1.35 -0.19 9.27
N GLN A 33 1.29 1.10 8.84
CA GLN A 33 1.19 1.47 7.42
C GLN A 33 2.60 1.57 6.81
N LEU A 34 2.92 0.60 5.92
CA LEU A 34 4.23 0.50 5.25
C LEU A 34 4.03 0.55 3.73
N LEU A 35 4.71 1.51 3.09
CA LEU A 35 4.48 1.89 1.69
C LEU A 35 5.43 1.13 0.74
N CYS A 36 4.85 0.40 -0.24
CA CYS A 36 5.63 -0.25 -1.31
C CYS A 36 6.12 0.79 -2.33
N ASP A 37 7.43 1.05 -2.30
CA ASP A 37 8.13 2.03 -3.17
C ASP A 37 7.79 1.82 -4.66
N GLU A 38 7.79 0.55 -5.09
CA GLU A 38 7.50 0.15 -6.49
C GLU A 38 6.05 0.51 -6.90
N CYS A 39 5.06 -0.02 -6.17
CA CYS A 39 3.63 0.12 -6.54
C CYS A 39 3.08 1.53 -6.25
N ASP A 40 3.77 2.26 -5.35
CA ASP A 40 3.33 3.55 -4.76
C ASP A 40 2.08 3.34 -3.85
N MET A 41 1.79 2.07 -3.49
CA MET A 41 0.63 1.75 -2.63
C MET A 41 1.13 1.35 -1.26
N ALA A 42 0.40 1.79 -0.24
CA ALA A 42 0.67 1.47 1.16
C ALA A 42 0.00 0.14 1.52
N PHE A 43 0.51 -0.53 2.55
CA PHE A 43 -0.06 -1.80 3.07
C PHE A 43 -0.17 -1.72 4.59
N HIS A 44 -0.73 -2.78 5.18
CA HIS A 44 -0.74 -3.01 6.63
C HIS A 44 0.00 -4.31 6.93
N LEU A 45 0.62 -4.41 8.12
CA LEU A 45 1.31 -5.64 8.57
C LEU A 45 0.36 -6.86 8.56
N TYR A 46 -0.87 -6.65 9.02
CA TYR A 46 -1.92 -7.69 9.08
C TYR A 46 -2.60 -7.91 7.70
N CYS A 47 -2.25 -7.08 6.70
CA CYS A 47 -2.72 -7.24 5.29
C CYS A 47 -1.60 -7.83 4.41
N LEU A 48 -0.46 -8.23 5.02
CA LEU A 48 0.67 -8.88 4.32
C LEU A 48 0.51 -10.40 4.35
N LYS A 49 1.20 -11.09 3.42
CA LYS A 49 1.16 -12.56 3.29
C LYS A 49 2.63 -13.03 3.03
N PRO A 50 3.38 -13.54 4.07
CA PRO A 50 2.90 -13.70 5.47
C PRO A 50 2.92 -12.36 6.26
N PRO A 51 2.01 -12.18 7.28
CA PRO A 51 1.95 -10.95 8.09
C PRO A 51 3.28 -10.70 8.86
N LEU A 52 3.95 -9.60 8.50
CA LEU A 52 5.18 -9.15 9.17
C LEU A 52 4.82 -8.53 10.54
N THR A 53 5.74 -8.67 11.50
CA THR A 53 5.54 -8.16 12.88
C THR A 53 5.91 -6.66 12.98
N SER A 54 6.85 -6.22 12.11
CA SER A 54 7.34 -4.83 12.08
C SER A 54 7.96 -4.54 10.68
N VAL A 55 8.51 -3.33 10.51
CA VAL A 55 9.23 -2.96 9.29
C VAL A 55 10.55 -3.77 9.18
N PRO A 56 10.80 -4.48 8.01
CA PRO A 56 12.04 -5.27 7.78
C PRO A 56 13.32 -4.41 7.91
N PRO A 57 14.46 -4.99 8.43
CA PRO A 57 15.75 -4.26 8.59
C PRO A 57 16.38 -3.79 7.25
N GLU A 58 15.79 -4.24 6.11
CA GLU A 58 16.16 -3.75 4.77
C GLU A 58 15.84 -2.24 4.64
N PRO A 59 16.72 -1.44 3.93
CA PRO A 59 16.50 0.04 3.75
C PRO A 59 15.48 0.36 2.62
N GLU A 60 14.79 -0.67 2.14
CA GLU A 60 13.80 -0.60 1.06
C GLU A 60 12.58 -1.46 1.45
N TRP A 61 11.37 -1.03 1.06
CA TRP A 61 10.13 -1.76 1.39
C TRP A 61 9.35 -2.06 0.11
N TYR A 62 9.12 -3.36 -0.13
CA TYR A 62 8.34 -3.87 -1.26
C TYR A 62 7.35 -4.95 -0.78
N CYS A 63 6.24 -5.09 -1.50
CA CYS A 63 5.17 -6.06 -1.18
C CYS A 63 5.52 -7.44 -1.81
N PRO A 64 5.09 -8.60 -1.20
CA PRO A 64 5.35 -9.96 -1.77
C PRO A 64 4.85 -10.09 -3.22
N SER A 65 3.73 -9.42 -3.53
CA SER A 65 3.11 -9.39 -4.87
C SER A 65 4.10 -8.93 -5.98
N CYS A 66 5.07 -8.06 -5.61
CA CYS A 66 6.09 -7.54 -6.56
C CYS A 66 7.01 -8.66 -7.09
N ARG A 67 7.49 -9.52 -6.18
CA ARG A 67 8.54 -10.52 -6.51
C ARG A 67 7.96 -11.84 -7.05
N THR A 68 6.79 -12.25 -6.52
CA THR A 68 6.12 -13.51 -6.95
C THR A 68 4.85 -13.20 -7.78
N ASP A 69 4.28 -14.27 -8.39
CA ASP A 69 3.10 -14.19 -9.28
C ASP A 69 1.80 -13.86 -8.52
N SER A 70 1.89 -13.63 -7.19
CA SER A 70 0.74 -13.26 -6.34
C SER A 70 0.30 -11.78 -6.53
N SER A 71 0.70 -11.17 -7.67
CA SER A 71 0.12 -9.89 -8.13
C SER A 71 -1.37 -10.11 -8.47
N GLU A 72 -2.25 -9.85 -7.48
CA GLU A 72 -3.71 -9.92 -7.68
C GLU A 72 -4.15 -8.88 -8.74
N VAL A 73 -5.16 -9.25 -9.55
CA VAL A 73 -5.60 -8.44 -10.71
C VAL A 73 -6.04 -7.03 -10.27
N VAL A 74 -5.10 -6.08 -10.41
CA VAL A 74 -5.35 -4.64 -10.19
C VAL A 74 -6.33 -4.15 -11.28
N GLN A 75 -7.53 -3.74 -10.85
CA GLN A 75 -8.67 -3.46 -11.76
C GLN A 75 -8.36 -2.37 -12.80
N ALA A 76 -8.92 -2.55 -14.01
CA ALA A 76 -8.87 -1.57 -15.10
C ALA A 76 -9.80 -0.38 -14.80
N GLY A 77 -9.74 0.64 -15.66
CA GLY A 77 -10.46 1.90 -15.45
C GLY A 77 -9.54 3.02 -14.99
N GLU A 78 -8.24 2.68 -14.85
CA GLU A 78 -7.15 3.62 -14.49
C GLU A 78 -7.37 4.18 -13.06
N SER A 1 -2.80 20.57 4.76
CA SER A 1 -2.15 20.06 5.99
C SER A 1 -1.05 19.02 5.65
N GLY A 2 -1.05 18.54 4.39
CA GLY A 2 0.00 17.63 3.90
C GLY A 2 0.44 18.01 2.49
N PRO A 3 1.05 17.06 1.71
CA PRO A 3 1.43 17.30 0.29
C PRO A 3 0.17 17.37 -0.62
N SER A 4 0.35 17.97 -1.80
CA SER A 4 -0.73 18.13 -2.79
C SER A 4 -1.15 16.76 -3.33
N CYS A 5 -2.34 16.31 -2.93
CA CYS A 5 -2.93 15.08 -3.42
C CYS A 5 -3.53 15.31 -4.82
N ARG A 6 -2.74 15.05 -5.88
CA ARG A 6 -3.20 15.17 -7.28
C ARG A 6 -3.89 13.87 -7.72
N PHE A 7 -3.45 12.73 -7.15
CA PHE A 7 -4.07 11.42 -7.37
C PHE A 7 -5.45 11.32 -6.69
N CYS A 8 -5.65 12.12 -5.61
CA CYS A 8 -6.93 12.15 -4.86
C CYS A 8 -7.69 13.48 -5.13
N LYS A 9 -7.09 14.34 -5.99
CA LYS A 9 -7.66 15.66 -6.41
C LYS A 9 -7.93 16.62 -5.21
N ASP A 10 -7.22 16.37 -4.07
CA ASP A 10 -7.28 17.18 -2.83
C ASP A 10 -8.71 17.33 -2.26
N ASP A 11 -9.59 16.38 -2.57
CA ASP A 11 -10.94 16.33 -2.00
C ASP A 11 -10.85 15.89 -0.52
N GLU A 12 -10.86 16.88 0.38
CA GLU A 12 -10.75 16.68 1.83
C GLU A 12 -12.01 16.02 2.42
N ASN A 13 -13.17 16.24 1.76
CA ASN A 13 -14.45 15.63 2.15
C ASN A 13 -14.47 14.13 1.83
N LYS A 14 -13.66 13.72 0.84
CA LYS A 14 -13.54 12.32 0.42
C LYS A 14 -12.28 11.68 1.05
N PRO A 15 -12.34 10.39 1.51
CA PRO A 15 -11.16 9.66 2.00
C PRO A 15 -10.11 9.44 0.89
N CYS A 16 -8.83 9.40 1.27
CA CYS A 16 -7.74 9.08 0.35
C CYS A 16 -7.73 7.57 0.11
N ARG A 17 -8.16 7.16 -1.09
CA ARG A 17 -8.03 5.76 -1.54
C ARG A 17 -6.67 5.57 -2.24
N LYS A 18 -6.17 6.67 -2.83
CA LYS A 18 -4.86 6.72 -3.53
C LYS A 18 -3.68 6.91 -2.56
N CYS A 19 -3.98 7.10 -1.26
CA CYS A 19 -2.96 7.08 -0.18
C CYS A 19 -3.29 5.96 0.82
N ALA A 20 -4.29 5.12 0.46
CA ALA A 20 -4.78 4.04 1.30
C ALA A 20 -4.09 2.70 0.98
N CYS A 21 -4.49 1.69 1.74
CA CYS A 21 -4.08 0.31 1.59
C CYS A 21 -5.28 -0.49 1.07
N HIS A 22 -5.29 -0.72 -0.26
CA HIS A 22 -6.44 -1.28 -1.01
C HIS A 22 -6.76 -2.72 -0.57
N VAL A 23 -5.75 -3.40 0.00
CA VAL A 23 -5.85 -4.80 0.48
C VAL A 23 -7.03 -4.97 1.48
N CYS A 24 -7.17 -3.99 2.41
CA CYS A 24 -8.28 -3.96 3.39
C CYS A 24 -9.19 -2.74 3.14
N GLY A 25 -8.79 -1.86 2.19
CA GLY A 25 -9.48 -0.58 1.96
C GLY A 25 -9.39 0.37 3.14
N GLY A 26 -8.19 0.43 3.78
CA GLY A 26 -8.00 1.15 5.03
C GLY A 26 -6.69 1.92 5.09
N ARG A 27 -6.65 2.95 5.96
CA ARG A 27 -5.49 3.82 6.19
C ARG A 27 -5.00 3.72 7.65
N GLU A 28 -5.63 2.84 8.42
CA GLU A 28 -5.58 2.85 9.90
C GLU A 28 -4.32 2.15 10.44
N ALA A 29 -3.93 2.56 11.67
CA ALA A 29 -2.68 2.13 12.33
C ALA A 29 -1.44 2.69 11.59
N PRO A 30 -1.05 3.99 11.90
CA PRO A 30 0.03 4.72 11.16
C PRO A 30 1.43 4.06 11.30
N GLU A 31 1.68 3.51 12.49
CA GLU A 31 2.94 2.82 12.82
C GLU A 31 3.08 1.48 12.06
N LYS A 32 1.96 0.98 11.51
CA LYS A 32 1.92 -0.30 10.79
C LYS A 32 1.82 -0.06 9.25
N GLN A 33 1.76 1.23 8.84
CA GLN A 33 1.69 1.61 7.40
C GLN A 33 3.08 1.50 6.76
N LEU A 34 3.16 0.74 5.65
CA LEU A 34 4.36 0.61 4.83
C LEU A 34 4.00 0.93 3.37
N LEU A 35 4.57 2.02 2.85
CA LEU A 35 4.31 2.49 1.49
C LEU A 35 5.33 1.83 0.54
N CYS A 36 4.80 1.01 -0.38
CA CYS A 36 5.60 0.29 -1.38
C CYS A 36 5.98 1.27 -2.51
N ASP A 37 7.30 1.49 -2.68
CA ASP A 37 7.85 2.51 -3.60
C ASP A 37 7.38 2.29 -5.05
N GLU A 38 7.76 1.14 -5.57
CA GLU A 38 7.54 0.71 -6.96
C GLU A 38 6.05 0.48 -7.31
N CYS A 39 5.23 0.14 -6.28
CA CYS A 39 3.76 -0.02 -6.41
C CYS A 39 3.06 1.35 -6.30
N ASP A 40 3.73 2.30 -5.63
CA ASP A 40 3.22 3.67 -5.35
C ASP A 40 1.95 3.64 -4.47
N MET A 41 1.75 2.51 -3.77
CA MET A 41 0.57 2.26 -2.92
C MET A 41 1.01 2.01 -1.49
N ALA A 42 0.16 2.46 -0.54
CA ALA A 42 0.35 2.22 0.88
C ALA A 42 -0.19 0.84 1.24
N PHE A 43 0.43 0.19 2.23
CA PHE A 43 0.00 -1.12 2.74
C PHE A 43 0.08 -1.11 4.26
N HIS A 44 -0.29 -2.23 4.88
CA HIS A 44 -0.17 -2.44 6.32
C HIS A 44 0.62 -3.74 6.56
N LEU A 45 1.21 -3.86 7.75
CA LEU A 45 2.05 -4.99 8.15
C LEU A 45 1.31 -6.34 8.10
N TYR A 46 0.05 -6.39 8.57
CA TYR A 46 -0.74 -7.64 8.61
C TYR A 46 -1.63 -7.79 7.36
N CYS A 47 -1.43 -6.89 6.37
CA CYS A 47 -2.12 -6.94 5.06
C CYS A 47 -1.20 -7.55 3.98
N LEU A 48 -0.27 -8.40 4.43
CA LEU A 48 0.73 -9.06 3.59
C LEU A 48 0.55 -10.58 3.64
N LYS A 49 1.32 -11.31 2.81
CA LYS A 49 1.28 -12.78 2.77
C LYS A 49 2.71 -13.33 2.51
N PRO A 50 3.49 -13.74 3.57
CA PRO A 50 3.04 -13.80 4.99
C PRO A 50 3.05 -12.42 5.69
N PRO A 51 2.11 -12.17 6.66
CA PRO A 51 2.07 -10.93 7.46
C PRO A 51 3.35 -10.69 8.27
N LEU A 52 3.76 -9.41 8.34
CA LEU A 52 4.87 -8.98 9.19
C LEU A 52 4.32 -8.35 10.46
N THR A 53 5.01 -8.58 11.58
CA THR A 53 4.65 -8.02 12.89
C THR A 53 5.17 -6.57 13.00
N SER A 54 6.39 -6.36 12.50
CA SER A 54 7.05 -5.04 12.46
C SER A 54 7.76 -4.86 11.11
N VAL A 55 8.16 -3.61 10.82
CA VAL A 55 8.90 -3.25 9.59
C VAL A 55 10.28 -3.97 9.57
N PRO A 56 10.67 -4.62 8.42
CA PRO A 56 12.02 -5.23 8.23
C PRO A 56 13.19 -4.24 8.51
N PRO A 57 14.35 -4.73 9.03
CA PRO A 57 15.56 -3.87 9.26
C PRO A 57 16.34 -3.60 7.96
N GLU A 58 15.78 -4.03 6.81
CA GLU A 58 16.37 -3.88 5.48
C GLU A 58 16.21 -2.42 4.98
N PRO A 59 17.15 -1.91 4.11
CA PRO A 59 17.15 -0.48 3.67
C PRO A 59 15.87 -0.10 2.87
N GLU A 60 15.45 -1.00 1.95
CA GLU A 60 14.21 -0.79 1.14
C GLU A 60 13.28 -1.98 1.30
N TRP A 61 11.97 -1.68 1.37
CA TRP A 61 10.89 -2.65 1.57
C TRP A 61 10.08 -2.83 0.28
N TYR A 62 9.66 -4.08 0.02
CA TYR A 62 8.75 -4.45 -1.06
C TYR A 62 7.65 -5.37 -0.47
N CYS A 63 6.41 -5.23 -0.96
CA CYS A 63 5.29 -6.12 -0.58
C CYS A 63 5.48 -7.51 -1.23
N PRO A 64 4.93 -8.63 -0.62
CA PRO A 64 4.90 -9.97 -1.26
C PRO A 64 4.30 -9.94 -2.69
N SER A 65 3.27 -9.09 -2.85
CA SER A 65 2.50 -8.89 -4.09
C SER A 65 3.41 -8.41 -5.27
N CYS A 66 4.58 -7.84 -4.95
CA CYS A 66 5.61 -7.45 -5.94
C CYS A 66 6.12 -8.67 -6.74
N ARG A 67 6.30 -9.80 -6.03
CA ARG A 67 6.96 -11.01 -6.59
C ARG A 67 5.98 -12.19 -6.72
N THR A 68 4.72 -12.02 -6.26
CA THR A 68 3.72 -13.11 -6.28
C THR A 68 3.45 -13.61 -7.71
N ASP A 69 3.56 -14.94 -7.87
CA ASP A 69 3.52 -15.64 -9.17
C ASP A 69 2.15 -15.61 -9.85
N SER A 70 1.14 -15.09 -9.14
CA SER A 70 -0.20 -14.87 -9.71
C SER A 70 -0.17 -13.71 -10.73
N SER A 71 0.71 -12.72 -10.45
CA SER A 71 0.84 -11.49 -11.24
C SER A 71 1.81 -11.70 -12.41
N GLU A 72 1.39 -11.27 -13.62
CA GLU A 72 2.25 -11.19 -14.80
C GLU A 72 3.18 -9.97 -14.65
N VAL A 73 4.47 -10.22 -14.40
CA VAL A 73 5.48 -9.17 -14.26
C VAL A 73 5.73 -8.54 -15.63
N VAL A 74 5.28 -7.29 -15.81
CA VAL A 74 5.57 -6.48 -17.00
C VAL A 74 7.10 -6.30 -17.15
N GLN A 75 7.58 -6.24 -18.40
CA GLN A 75 9.01 -6.14 -18.71
C GLN A 75 9.54 -4.73 -18.36
N ALA A 76 9.80 -4.53 -17.06
CA ALA A 76 10.42 -3.31 -16.52
C ALA A 76 11.95 -3.42 -16.63
N GLY A 77 12.63 -2.27 -16.63
CA GLY A 77 14.05 -2.22 -16.93
C GLY A 77 14.32 -2.42 -18.42
N GLU A 78 13.40 -1.91 -19.26
CA GLU A 78 13.52 -1.95 -20.72
C GLU A 78 14.43 -0.79 -21.18
N SER A 1 -5.16 16.84 8.11
CA SER A 1 -4.77 16.05 9.31
C SER A 1 -4.17 14.69 8.93
N GLY A 2 -4.32 14.31 7.63
CA GLY A 2 -3.71 13.09 7.10
C GLY A 2 -2.24 13.30 6.70
N PRO A 3 -1.53 12.24 6.21
CA PRO A 3 -0.12 12.35 5.72
C PRO A 3 0.01 13.28 4.48
N SER A 4 1.26 13.57 4.10
CA SER A 4 1.59 14.50 2.98
C SER A 4 0.96 14.04 1.65
N CYS A 5 -0.04 14.80 1.19
CA CYS A 5 -0.84 14.46 0.02
C CYS A 5 -0.22 15.07 -1.26
N ARG A 6 0.57 14.26 -1.95
CA ARG A 6 1.24 14.59 -3.23
C ARG A 6 1.01 13.44 -4.22
N PHE A 7 1.00 12.21 -3.67
CA PHE A 7 0.56 10.98 -4.36
C PHE A 7 -0.93 11.17 -4.72
N CYS A 8 -1.65 11.60 -3.68
CA CYS A 8 -3.07 11.95 -3.72
C CYS A 8 -3.16 13.47 -3.57
N LYS A 9 -2.85 14.16 -4.68
CA LYS A 9 -2.76 15.65 -4.80
C LYS A 9 -3.75 16.42 -3.90
N ASP A 10 -3.26 16.79 -2.68
CA ASP A 10 -3.99 17.54 -1.62
C ASP A 10 -5.50 17.20 -1.52
N ASP A 11 -5.82 15.89 -1.69
CA ASP A 11 -7.21 15.40 -1.64
C ASP A 11 -7.73 15.35 -0.21
N GLU A 12 -8.16 16.51 0.28
CA GLU A 12 -8.95 16.65 1.49
C GLU A 12 -10.44 16.35 1.18
N ASN A 13 -10.81 16.51 -0.10
CA ASN A 13 -12.19 16.38 -0.59
C ASN A 13 -12.41 14.94 -1.08
N LYS A 14 -11.55 14.50 -2.02
CA LYS A 14 -11.65 13.16 -2.64
C LYS A 14 -11.02 12.10 -1.72
N PRO A 15 -11.64 10.88 -1.60
CA PRO A 15 -11.09 9.76 -0.80
C PRO A 15 -9.62 9.43 -1.15
N CYS A 16 -8.76 9.45 -0.14
CA CYS A 16 -7.33 9.15 -0.27
C CYS A 16 -7.10 7.64 -0.35
N ARG A 17 -6.78 7.15 -1.55
CA ARG A 17 -6.39 5.75 -1.76
C ARG A 17 -4.90 5.54 -1.38
N LYS A 18 -4.04 6.53 -1.70
CA LYS A 18 -2.58 6.45 -1.40
C LYS A 18 -2.22 7.08 -0.03
N CYS A 19 -3.24 7.29 0.83
CA CYS A 19 -3.05 7.40 2.30
C CYS A 19 -3.67 6.16 2.97
N ALA A 20 -4.16 5.22 2.16
CA ALA A 20 -4.88 4.02 2.61
C ALA A 20 -4.21 2.75 2.07
N CYS A 21 -4.78 1.61 2.44
CA CYS A 21 -4.27 0.28 2.08
C CYS A 21 -5.39 -0.50 1.38
N HIS A 22 -5.23 -0.69 0.06
CA HIS A 22 -6.30 -1.20 -0.84
C HIS A 22 -6.72 -2.63 -0.48
N VAL A 23 -5.79 -3.40 0.11
CA VAL A 23 -5.98 -4.81 0.49
C VAL A 23 -7.21 -4.99 1.43
N CYS A 24 -7.47 -4.00 2.29
CA CYS A 24 -8.59 -4.04 3.26
C CYS A 24 -9.50 -2.80 3.13
N GLY A 25 -8.97 -1.74 2.50
CA GLY A 25 -9.66 -0.46 2.39
C GLY A 25 -9.71 0.32 3.71
N GLY A 26 -8.52 0.70 4.22
CA GLY A 26 -8.42 1.46 5.48
C GLY A 26 -7.12 2.26 5.58
N ARG A 27 -7.20 3.41 6.29
CA ARG A 27 -6.05 4.33 6.52
C ARG A 27 -5.46 4.10 7.93
N GLU A 28 -5.87 2.99 8.56
CA GLU A 28 -5.70 2.75 10.00
C GLU A 28 -4.22 2.54 10.36
N ALA A 29 -3.82 3.03 11.55
CA ALA A 29 -2.43 2.89 12.07
C ALA A 29 -1.34 3.27 11.02
N PRO A 30 -1.10 4.60 10.78
CA PRO A 30 -0.08 5.11 9.81
C PRO A 30 1.34 4.60 10.13
N GLU A 31 1.57 4.36 11.43
CA GLU A 31 2.77 3.69 11.98
C GLU A 31 3.08 2.33 11.26
N LYS A 32 2.02 1.57 10.93
CA LYS A 32 2.13 0.28 10.23
C LYS A 32 1.72 0.40 8.75
N GLN A 33 1.45 1.63 8.28
CA GLN A 33 1.17 1.92 6.87
C GLN A 33 2.47 2.29 6.12
N LEU A 34 3.17 1.28 5.59
CA LEU A 34 4.38 1.48 4.77
C LEU A 34 4.00 1.41 3.28
N LEU A 35 4.47 2.38 2.49
CA LEU A 35 4.17 2.47 1.06
C LEU A 35 5.21 1.67 0.25
N CYS A 36 4.73 0.72 -0.58
CA CYS A 36 5.58 0.05 -1.58
C CYS A 36 5.97 1.05 -2.65
N ASP A 37 7.26 1.44 -2.67
CA ASP A 37 7.82 2.43 -3.64
C ASP A 37 7.39 2.17 -5.10
N GLU A 38 7.52 0.91 -5.54
CA GLU A 38 7.16 0.45 -6.91
C GLU A 38 5.68 0.71 -7.25
N CYS A 39 4.80 0.53 -6.26
CA CYS A 39 3.34 0.53 -6.47
C CYS A 39 2.67 1.83 -5.94
N ASP A 40 3.46 2.64 -5.20
CA ASP A 40 3.00 3.88 -4.51
C ASP A 40 1.81 3.63 -3.55
N MET A 41 1.59 2.36 -3.19
CA MET A 41 0.43 1.93 -2.39
C MET A 41 0.88 1.64 -0.96
N ALA A 42 0.18 2.21 0.03
CA ALA A 42 0.41 1.90 1.44
C ALA A 42 -0.18 0.52 1.78
N PHE A 43 0.50 -0.22 2.65
CA PHE A 43 0.05 -1.54 3.13
C PHE A 43 0.26 -1.61 4.64
N HIS A 44 -0.60 -2.40 5.29
CA HIS A 44 -0.43 -2.78 6.69
C HIS A 44 0.48 -4.01 6.77
N LEU A 45 1.27 -4.12 7.86
CA LEU A 45 2.16 -5.27 8.11
C LEU A 45 1.34 -6.58 8.22
N TYR A 46 0.11 -6.46 8.72
CA TYR A 46 -0.84 -7.58 8.87
C TYR A 46 -1.73 -7.78 7.61
N CYS A 47 -1.42 -7.05 6.53
CA CYS A 47 -2.07 -7.22 5.20
C CYS A 47 -1.08 -7.76 4.17
N LEU A 48 0.11 -8.20 4.66
CA LEU A 48 1.18 -8.76 3.80
C LEU A 48 1.08 -10.30 3.73
N LYS A 49 1.89 -10.89 2.86
CA LYS A 49 2.02 -12.35 2.72
C LYS A 49 3.50 -12.72 3.00
N PRO A 50 3.85 -13.28 4.20
CA PRO A 50 2.93 -13.50 5.34
C PRO A 50 2.78 -12.22 6.23
N PRO A 51 1.70 -12.12 7.09
CA PRO A 51 1.52 -10.98 8.02
C PRO A 51 2.72 -10.83 8.99
N LEU A 52 3.51 -9.78 8.77
CA LEU A 52 4.76 -9.53 9.51
C LEU A 52 4.47 -8.92 10.89
N THR A 53 5.21 -9.40 11.90
CA THR A 53 5.05 -8.98 13.31
C THR A 53 5.66 -7.58 13.54
N SER A 54 6.58 -7.17 12.65
CA SER A 54 7.31 -5.91 12.76
C SER A 54 7.68 -5.38 11.37
N VAL A 55 8.22 -4.16 11.31
CA VAL A 55 8.83 -3.60 10.09
C VAL A 55 10.13 -4.36 9.75
N PRO A 56 10.28 -4.88 8.49
CA PRO A 56 11.50 -5.57 8.04
C PRO A 56 12.80 -4.73 8.23
N PRO A 57 13.95 -5.38 8.62
CA PRO A 57 15.26 -4.69 8.69
C PRO A 57 15.94 -4.59 7.31
N GLU A 58 15.20 -4.99 6.26
CA GLU A 58 15.65 -4.94 4.87
C GLU A 58 15.89 -3.48 4.42
N PRO A 59 16.95 -3.22 3.60
CA PRO A 59 17.29 -1.86 3.10
C PRO A 59 16.33 -1.34 2.01
N GLU A 60 15.24 -2.08 1.78
CA GLU A 60 14.18 -1.74 0.83
C GLU A 60 12.86 -2.37 1.32
N TRP A 61 11.74 -1.65 1.16
CA TRP A 61 10.40 -2.19 1.52
C TRP A 61 9.51 -2.20 0.28
N TYR A 62 9.05 -3.40 -0.07
CA TYR A 62 8.12 -3.63 -1.19
C TYR A 62 7.05 -4.65 -0.78
N CYS A 63 5.94 -4.71 -1.55
CA CYS A 63 4.86 -5.68 -1.34
C CYS A 63 5.29 -7.06 -1.89
N PRO A 64 4.72 -8.19 -1.34
CA PRO A 64 5.03 -9.58 -1.80
C PRO A 64 4.90 -9.78 -3.33
N SER A 65 3.93 -9.08 -3.93
CA SER A 65 3.65 -9.13 -5.37
C SER A 65 4.86 -8.66 -6.23
N CYS A 66 5.73 -7.83 -5.63
CA CYS A 66 6.95 -7.32 -6.28
C CYS A 66 8.09 -8.36 -6.26
N ARG A 67 8.28 -9.06 -5.11
CA ARG A 67 9.45 -9.97 -4.91
C ARG A 67 9.36 -11.24 -5.81
N THR A 68 8.12 -11.67 -6.10
CA THR A 68 7.85 -12.91 -6.86
C THR A 68 7.96 -12.67 -8.37
N ASP A 69 8.45 -13.71 -9.08
CA ASP A 69 8.52 -13.74 -10.56
C ASP A 69 7.19 -14.25 -11.16
N SER A 70 6.25 -14.65 -10.28
CA SER A 70 4.89 -15.08 -10.69
C SER A 70 4.02 -13.87 -11.13
N SER A 71 4.55 -12.64 -10.94
CA SER A 71 3.90 -11.40 -11.37
C SER A 71 3.91 -11.25 -12.92
N GLU A 72 3.25 -10.20 -13.43
CA GLU A 72 3.16 -9.91 -14.87
C GLU A 72 4.55 -9.54 -15.43
N VAL A 73 4.82 -9.94 -16.70
CA VAL A 73 6.12 -9.75 -17.34
C VAL A 73 6.40 -8.25 -17.64
N VAL A 74 7.32 -7.67 -16.85
CA VAL A 74 7.78 -6.27 -17.00
C VAL A 74 9.05 -6.24 -17.84
N GLN A 75 9.19 -5.22 -18.71
CA GLN A 75 10.43 -4.96 -19.47
C GLN A 75 11.54 -4.42 -18.52
N ALA A 76 12.11 -5.34 -17.72
CA ALA A 76 13.22 -5.03 -16.79
C ALA A 76 14.55 -5.07 -17.55
N GLY A 77 15.53 -4.28 -17.09
CA GLY A 77 16.79 -4.11 -17.81
C GLY A 77 16.77 -2.85 -18.67
N GLU A 78 16.69 -1.71 -17.98
CA GLU A 78 16.58 -0.37 -18.60
C GLU A 78 17.92 0.02 -19.26
N SER A 1 -18.23 13.72 -0.99
CA SER A 1 -17.92 14.28 0.34
C SER A 1 -16.40 14.43 0.47
N GLY A 2 -15.65 13.41 0.00
CA GLY A 2 -14.19 13.41 0.04
C GLY A 2 -13.54 14.38 -0.96
N PRO A 3 -12.19 14.58 -0.90
CA PRO A 3 -11.48 15.60 -1.72
C PRO A 3 -11.32 15.15 -3.20
N SER A 4 -10.93 16.12 -4.07
CA SER A 4 -10.79 15.89 -5.51
C SER A 4 -9.63 14.91 -5.80
N CYS A 5 -9.98 13.63 -5.95
CA CYS A 5 -9.04 12.55 -6.25
C CYS A 5 -8.64 12.56 -7.74
N ARG A 6 -7.47 13.15 -8.03
CA ARG A 6 -6.88 13.19 -9.38
C ARG A 6 -6.30 11.80 -9.74
N PHE A 7 -5.46 11.30 -8.82
CA PHE A 7 -4.63 10.10 -9.03
C PHE A 7 -5.44 8.79 -8.86
N CYS A 8 -6.65 8.88 -8.29
CA CYS A 8 -7.55 7.71 -8.12
C CYS A 8 -8.94 7.97 -8.75
N LYS A 9 -9.10 9.16 -9.42
CA LYS A 9 -10.31 9.56 -10.19
C LYS A 9 -11.63 9.34 -9.43
N ASP A 10 -11.59 9.61 -8.12
CA ASP A 10 -12.73 9.43 -7.19
C ASP A 10 -13.27 7.99 -7.23
N ASP A 11 -12.39 7.02 -6.92
CA ASP A 11 -12.78 5.61 -6.75
C ASP A 11 -13.56 5.43 -5.43
N GLU A 12 -14.87 5.68 -5.53
CA GLU A 12 -15.83 5.46 -4.44
C GLU A 12 -16.25 3.97 -4.39
N ASN A 13 -16.05 3.27 -5.53
CA ASN A 13 -16.40 1.84 -5.67
C ASN A 13 -15.30 0.99 -5.01
N LYS A 14 -14.08 1.17 -5.49
CA LYS A 14 -12.88 0.50 -4.96
C LYS A 14 -12.24 1.35 -3.86
N PRO A 15 -11.45 0.74 -2.92
CA PRO A 15 -10.57 1.52 -2.00
C PRO A 15 -9.59 2.42 -2.77
N CYS A 16 -9.17 3.53 -2.14
CA CYS A 16 -8.34 4.55 -2.80
C CYS A 16 -6.88 4.04 -2.92
N ARG A 17 -6.47 3.75 -4.16
CA ARG A 17 -5.11 3.27 -4.50
C ARG A 17 -4.03 4.34 -4.20
N LYS A 18 -4.45 5.63 -4.16
CA LYS A 18 -3.55 6.80 -4.01
C LYS A 18 -3.91 7.65 -2.78
N CYS A 19 -4.68 7.09 -1.82
CA CYS A 19 -4.95 7.76 -0.52
C CYS A 19 -4.84 6.76 0.65
N ALA A 20 -5.09 5.45 0.37
CA ALA A 20 -5.26 4.43 1.43
C ALA A 20 -4.52 3.12 1.12
N CYS A 21 -4.60 2.19 2.09
CA CYS A 21 -4.14 0.81 1.95
C CYS A 21 -5.30 -0.04 1.41
N HIS A 22 -5.22 -0.42 0.12
CA HIS A 22 -6.33 -1.00 -0.64
C HIS A 22 -6.80 -2.34 -0.05
N VAL A 23 -5.87 -3.06 0.59
CA VAL A 23 -6.07 -4.44 1.07
C VAL A 23 -7.12 -4.50 2.21
N CYS A 24 -7.36 -3.36 2.87
CA CYS A 24 -8.40 -3.23 3.93
C CYS A 24 -9.23 -1.94 3.72
N GLY A 25 -8.87 -1.16 2.68
CA GLY A 25 -9.51 0.14 2.40
C GLY A 25 -9.20 1.23 3.42
N GLY A 26 -8.19 0.99 4.27
CA GLY A 26 -7.94 1.80 5.47
C GLY A 26 -6.66 2.64 5.40
N ARG A 27 -6.75 3.88 5.89
CA ARG A 27 -5.60 4.79 6.10
C ARG A 27 -5.09 4.69 7.57
N GLU A 28 -5.48 3.59 8.22
CA GLU A 28 -5.29 3.37 9.67
C GLU A 28 -3.80 3.19 10.05
N ALA A 29 -3.48 3.42 11.34
CA ALA A 29 -2.17 3.12 11.99
C ALA A 29 -0.91 3.30 11.07
N PRO A 30 -0.39 4.56 10.94
CA PRO A 30 0.71 4.90 9.99
C PRO A 30 2.01 4.13 10.24
N GLU A 31 2.38 3.98 11.52
CA GLU A 31 3.60 3.28 11.96
C GLU A 31 3.61 1.78 11.57
N LYS A 32 2.41 1.19 11.37
CA LYS A 32 2.26 -0.22 10.94
C LYS A 32 1.89 -0.31 9.44
N GLN A 33 1.77 0.84 8.75
CA GLN A 33 1.66 0.90 7.28
C GLN A 33 3.02 0.60 6.64
N LEU A 34 3.00 -0.10 5.52
CA LEU A 34 4.18 -0.38 4.69
C LEU A 34 3.85 -0.04 3.24
N LEU A 35 4.37 1.09 2.77
CA LEU A 35 4.12 1.59 1.40
C LEU A 35 5.20 1.05 0.45
N CYS A 36 4.77 0.35 -0.61
CA CYS A 36 5.66 -0.14 -1.67
C CYS A 36 5.83 0.96 -2.72
N ASP A 37 7.02 1.60 -2.74
CA ASP A 37 7.36 2.68 -3.72
C ASP A 37 7.14 2.23 -5.18
N GLU A 38 7.50 0.97 -5.44
CA GLU A 38 7.34 0.31 -6.75
C GLU A 38 5.88 0.34 -7.26
N CYS A 39 4.92 0.12 -6.35
CA CYS A 39 3.49 -0.03 -6.70
C CYS A 39 2.66 1.20 -6.29
N ASP A 40 3.30 2.13 -5.54
CA ASP A 40 2.64 3.28 -4.86
C ASP A 40 1.54 2.83 -3.88
N MET A 41 1.55 1.55 -3.51
CA MET A 41 0.45 0.94 -2.76
C MET A 41 0.82 0.85 -1.29
N ALA A 42 0.01 1.50 -0.44
CA ALA A 42 0.10 1.37 1.02
C ALA A 42 -0.42 -0.01 1.45
N PHE A 43 0.26 -0.59 2.44
CA PHE A 43 -0.12 -1.89 3.05
C PHE A 43 -0.16 -1.71 4.58
N HIS A 44 -0.35 -2.84 5.28
CA HIS A 44 -0.17 -2.95 6.73
C HIS A 44 0.59 -4.24 7.01
N LEU A 45 1.15 -4.36 8.23
CA LEU A 45 1.86 -5.58 8.69
C LEU A 45 1.00 -6.85 8.50
N TYR A 46 -0.30 -6.75 8.83
CA TYR A 46 -1.26 -7.87 8.73
C TYR A 46 -2.02 -7.87 7.38
N CYS A 47 -1.75 -6.88 6.52
CA CYS A 47 -2.35 -6.81 5.14
C CYS A 47 -1.40 -7.42 4.09
N LEU A 48 -0.34 -8.10 4.57
CA LEU A 48 0.64 -8.78 3.71
C LEU A 48 0.31 -10.28 3.61
N LYS A 49 1.09 -11.00 2.78
CA LYS A 49 0.89 -12.45 2.53
C LYS A 49 2.26 -13.04 2.12
N PRO A 50 3.07 -13.63 3.06
CA PRO A 50 2.73 -13.82 4.51
C PRO A 50 2.79 -12.49 5.33
N PRO A 51 1.84 -12.29 6.32
CA PRO A 51 1.83 -11.09 7.20
C PRO A 51 3.10 -10.99 8.05
N LEU A 52 3.78 -9.82 7.98
CA LEU A 52 4.96 -9.54 8.83
C LEU A 52 4.51 -9.15 10.24
N THR A 53 5.17 -9.73 11.25
CA THR A 53 4.87 -9.48 12.68
C THR A 53 5.32 -8.08 13.10
N SER A 54 6.49 -7.67 12.60
CA SER A 54 7.13 -6.39 12.93
C SER A 54 7.57 -5.69 11.63
N VAL A 55 7.78 -4.36 11.71
CA VAL A 55 8.32 -3.58 10.57
C VAL A 55 9.76 -4.08 10.26
N PRO A 56 10.06 -4.52 8.98
CA PRO A 56 11.37 -5.12 8.63
C PRO A 56 12.52 -4.08 8.62
N PRO A 57 13.81 -4.51 8.83
CA PRO A 57 14.97 -3.58 8.94
C PRO A 57 15.53 -3.15 7.56
N GLU A 58 14.73 -3.38 6.51
CA GLU A 58 15.12 -3.11 5.11
C GLU A 58 15.37 -1.59 4.87
N PRO A 59 16.48 -1.21 4.17
CA PRO A 59 16.75 0.19 3.77
C PRO A 59 15.81 0.67 2.63
N GLU A 60 15.11 -0.29 2.01
CA GLU A 60 14.11 -0.07 0.96
C GLU A 60 13.13 -1.26 1.00
N TRP A 61 11.82 -0.98 1.00
CA TRP A 61 10.80 -2.04 1.14
C TRP A 61 9.92 -2.11 -0.12
N TYR A 62 9.75 -3.34 -0.62
CA TYR A 62 8.82 -3.66 -1.70
C TYR A 62 7.86 -4.75 -1.20
N CYS A 63 6.64 -4.79 -1.75
CA CYS A 63 5.57 -5.69 -1.28
C CYS A 63 5.88 -7.17 -1.65
N PRO A 64 5.32 -8.17 -0.88
CA PRO A 64 5.38 -9.62 -1.25
C PRO A 64 5.11 -9.86 -2.74
N SER A 65 4.06 -9.20 -3.28
CA SER A 65 3.62 -9.33 -4.69
C SER A 65 4.74 -9.00 -5.71
N CYS A 66 5.68 -8.11 -5.32
CA CYS A 66 6.85 -7.75 -6.16
C CYS A 66 7.82 -8.93 -6.34
N ARG A 67 8.05 -9.72 -5.26
CA ARG A 67 8.98 -10.87 -5.28
C ARG A 67 8.26 -12.20 -5.56
N THR A 68 6.91 -12.16 -5.54
CA THR A 68 6.03 -13.31 -5.84
C THR A 68 6.27 -13.83 -7.28
N ASP A 69 5.85 -15.08 -7.52
CA ASP A 69 6.08 -15.85 -8.78
C ASP A 69 5.43 -15.22 -10.05
N SER A 70 4.75 -14.05 -9.88
CA SER A 70 4.07 -13.28 -10.95
C SER A 70 2.66 -13.86 -11.27
N SER A 71 2.48 -15.17 -11.01
CA SER A 71 1.16 -15.82 -11.05
C SER A 71 0.29 -15.31 -9.88
N GLU A 72 -0.58 -14.33 -10.16
CA GLU A 72 -1.51 -13.75 -9.17
C GLU A 72 -2.97 -14.14 -9.51
N VAL A 73 -3.87 -13.89 -8.56
CA VAL A 73 -5.29 -14.28 -8.62
C VAL A 73 -6.04 -13.47 -9.72
N VAL A 74 -6.72 -14.20 -10.63
CA VAL A 74 -7.45 -13.59 -11.77
C VAL A 74 -8.73 -12.84 -11.29
N GLN A 75 -8.61 -11.51 -11.12
CA GLN A 75 -9.72 -10.65 -10.62
C GLN A 75 -10.45 -10.00 -11.80
N ALA A 76 -11.21 -10.81 -12.55
CA ALA A 76 -11.98 -10.37 -13.72
C ALA A 76 -13.30 -9.70 -13.29
N GLY A 77 -13.85 -8.88 -14.20
CA GLY A 77 -15.04 -8.08 -13.90
C GLY A 77 -14.72 -6.80 -13.14
N GLU A 78 -13.47 -6.33 -13.32
CA GLU A 78 -12.90 -5.12 -12.68
C GLU A 78 -12.74 -5.33 -11.15
N SER A 1 -12.24 23.81 -4.44
CA SER A 1 -10.99 24.33 -5.04
C SER A 1 -9.89 24.59 -3.98
N GLY A 2 -10.18 24.24 -2.71
CA GLY A 2 -9.27 24.47 -1.59
C GLY A 2 -8.28 23.32 -1.38
N PRO A 3 -7.95 22.95 -0.09
CA PRO A 3 -6.98 21.85 0.22
C PRO A 3 -7.60 20.44 0.09
N SER A 4 -8.35 20.24 -1.00
CA SER A 4 -9.09 18.99 -1.27
C SER A 4 -8.22 18.02 -2.09
N CYS A 5 -8.15 16.75 -1.63
CA CYS A 5 -7.28 15.74 -2.24
C CYS A 5 -7.83 15.32 -3.62
N ARG A 6 -7.25 15.92 -4.69
CA ARG A 6 -7.78 15.88 -6.08
C ARG A 6 -8.16 14.48 -6.60
N PHE A 7 -7.27 13.50 -6.45
CA PHE A 7 -7.48 12.12 -6.98
C PHE A 7 -8.53 11.33 -6.17
N CYS A 8 -9.02 11.91 -5.06
CA CYS A 8 -9.99 11.25 -4.16
C CYS A 8 -11.22 12.16 -3.91
N LYS A 9 -11.13 13.44 -4.34
CA LYS A 9 -12.06 14.56 -3.99
C LYS A 9 -11.94 14.91 -2.48
N ASP A 10 -12.47 13.96 -1.66
CA ASP A 10 -12.84 14.05 -0.24
C ASP A 10 -14.25 13.43 -0.14
N ASP A 11 -14.35 12.23 -0.76
CA ASP A 11 -15.62 11.50 -0.96
C ASP A 11 -16.21 11.01 0.38
N GLU A 12 -17.55 10.99 0.45
CA GLU A 12 -18.31 10.65 1.67
C GLU A 12 -18.01 9.22 2.15
N ASN A 13 -17.84 8.29 1.18
CA ASN A 13 -17.62 6.85 1.47
C ASN A 13 -16.12 6.58 1.70
N LYS A 14 -15.27 7.10 0.80
CA LYS A 14 -13.80 6.97 0.91
C LYS A 14 -13.13 8.32 0.56
N PRO A 15 -12.77 9.14 1.61
CA PRO A 15 -12.07 10.43 1.40
C PRO A 15 -10.68 10.25 0.75
N CYS A 16 -10.14 9.01 0.84
CA CYS A 16 -8.92 8.61 0.15
C CYS A 16 -8.93 7.09 -0.14
N ARG A 17 -9.13 6.72 -1.42
CA ARG A 17 -8.94 5.34 -1.89
C ARG A 17 -7.43 5.12 -2.16
N LYS A 18 -6.90 5.99 -3.05
CA LYS A 18 -5.56 5.84 -3.66
C LYS A 18 -4.41 6.11 -2.67
N CYS A 19 -4.70 6.87 -1.60
CA CYS A 19 -3.69 7.24 -0.57
C CYS A 19 -3.79 6.29 0.64
N ALA A 20 -4.74 5.35 0.59
CA ALA A 20 -4.99 4.37 1.65
C ALA A 20 -4.43 2.99 1.27
N CYS A 21 -4.56 2.06 2.20
CA CYS A 21 -4.20 0.65 2.00
C CYS A 21 -5.44 -0.10 1.50
N HIS A 22 -5.46 -0.36 0.17
CA HIS A 22 -6.63 -0.94 -0.54
C HIS A 22 -6.97 -2.35 -0.03
N VAL A 23 -5.97 -3.02 0.57
CA VAL A 23 -6.10 -4.40 1.05
C VAL A 23 -7.17 -4.50 2.17
N CYS A 24 -7.33 -3.41 2.96
CA CYS A 24 -8.42 -3.27 3.97
C CYS A 24 -9.23 -1.98 3.72
N GLY A 25 -8.97 -1.32 2.56
CA GLY A 25 -9.67 -0.11 2.12
C GLY A 25 -9.57 1.07 3.09
N GLY A 26 -8.47 1.15 3.86
CA GLY A 26 -8.36 2.15 4.93
C GLY A 26 -6.92 2.34 5.44
N ARG A 27 -6.79 3.15 6.50
CA ARG A 27 -5.48 3.57 7.06
C ARG A 27 -5.40 3.26 8.55
N GLU A 28 -6.20 2.26 8.98
CA GLU A 28 -6.15 1.66 10.33
C GLU A 28 -4.70 1.34 10.75
N ALA A 29 -4.22 2.07 11.77
CA ALA A 29 -2.80 2.08 12.20
C ALA A 29 -1.88 2.70 11.10
N PRO A 30 -1.71 4.07 11.13
CA PRO A 30 -0.99 4.80 10.05
C PRO A 30 0.54 4.56 10.06
N GLU A 31 1.10 4.28 11.24
CA GLU A 31 2.55 4.00 11.39
C GLU A 31 2.91 2.55 11.01
N LYS A 32 1.87 1.70 10.85
CA LYS A 32 2.05 0.32 10.33
C LYS A 32 1.98 0.29 8.79
N GLN A 33 1.69 1.46 8.16
CA GLN A 33 1.56 1.55 6.69
C GLN A 33 2.92 1.39 5.99
N LEU A 34 3.08 0.25 5.32
CA LEU A 34 4.24 -0.06 4.49
C LEU A 34 3.96 0.36 3.04
N LEU A 35 4.53 1.49 2.62
CA LEU A 35 4.37 2.03 1.26
C LEU A 35 5.45 1.42 0.36
N CYS A 36 5.05 0.41 -0.43
CA CYS A 36 5.92 -0.30 -1.39
C CYS A 36 6.47 0.69 -2.43
N ASP A 37 7.80 0.90 -2.41
CA ASP A 37 8.50 2.00 -3.11
C ASP A 37 8.11 2.12 -4.59
N GLU A 38 8.26 1.01 -5.32
CA GLU A 38 8.09 0.93 -6.78
C GLU A 38 6.59 0.88 -7.21
N CYS A 39 5.72 0.46 -6.27
CA CYS A 39 4.24 0.43 -6.46
C CYS A 39 3.62 1.80 -6.17
N ASP A 40 4.26 2.56 -5.25
CA ASP A 40 3.69 3.80 -4.65
C ASP A 40 2.36 3.52 -3.93
N MET A 41 2.28 2.34 -3.29
CA MET A 41 1.02 1.82 -2.71
C MET A 41 1.20 1.51 -1.21
N ALA A 42 0.25 2.00 -0.39
CA ALA A 42 0.23 1.77 1.05
C ALA A 42 -0.31 0.37 1.39
N PHE A 43 0.35 -0.29 2.34
CA PHE A 43 -0.05 -1.61 2.88
C PHE A 43 -0.07 -1.52 4.42
N HIS A 44 -0.27 -2.66 5.10
CA HIS A 44 -0.06 -2.78 6.57
C HIS A 44 0.72 -4.07 6.85
N LEU A 45 1.31 -4.16 8.06
CA LEU A 45 2.08 -5.34 8.52
C LEU A 45 1.26 -6.65 8.38
N TYR A 46 0.00 -6.60 8.83
CA TYR A 46 -0.94 -7.74 8.82
C TYR A 46 -1.64 -7.92 7.44
N CYS A 47 -1.54 -6.91 6.57
CA CYS A 47 -2.21 -6.92 5.23
C CYS A 47 -1.28 -7.51 4.14
N LEU A 48 -0.37 -8.41 4.56
CA LEU A 48 0.65 -9.02 3.66
C LEU A 48 0.52 -10.55 3.64
N LYS A 49 1.32 -11.19 2.77
CA LYS A 49 1.39 -12.66 2.64
C LYS A 49 2.86 -13.01 2.29
N PRO A 50 3.69 -13.51 3.27
CA PRO A 50 3.31 -13.68 4.69
C PRO A 50 3.34 -12.33 5.48
N PRO A 51 2.40 -12.13 6.47
CA PRO A 51 2.34 -10.87 7.27
C PRO A 51 3.60 -10.67 8.13
N LEU A 52 4.12 -9.42 8.14
CA LEU A 52 5.27 -9.03 8.98
C LEU A 52 4.79 -8.73 10.41
N THR A 53 5.60 -9.13 11.40
CA THR A 53 5.32 -8.86 12.83
C THR A 53 5.73 -7.42 13.21
N SER A 54 6.61 -6.83 12.39
CA SER A 54 7.18 -5.49 12.63
C SER A 54 7.75 -4.92 11.31
N VAL A 55 8.14 -3.65 11.36
CA VAL A 55 8.88 -2.99 10.27
C VAL A 55 10.23 -3.71 10.02
N PRO A 56 10.62 -4.01 8.74
CA PRO A 56 11.94 -4.63 8.44
C PRO A 56 13.11 -3.64 8.73
N PRO A 57 14.28 -4.15 9.25
CA PRO A 57 15.51 -3.32 9.45
C PRO A 57 16.33 -3.16 8.14
N GLU A 58 15.71 -3.56 7.02
CA GLU A 58 16.28 -3.45 5.66
C GLU A 58 16.26 -1.98 5.18
N PRO A 59 17.12 -1.59 4.16
CA PRO A 59 17.11 -0.22 3.57
C PRO A 59 16.02 -0.03 2.47
N GLU A 60 15.18 -1.08 2.29
CA GLU A 60 14.16 -1.14 1.22
C GLU A 60 13.13 -2.25 1.55
N TRP A 61 11.91 -2.12 0.99
CA TRP A 61 10.83 -3.10 1.19
C TRP A 61 9.95 -3.17 -0.08
N TYR A 62 9.54 -4.40 -0.42
CA TYR A 62 8.71 -4.70 -1.59
C TYR A 62 7.55 -5.62 -1.14
N CYS A 63 6.35 -5.45 -1.74
CA CYS A 63 5.11 -6.16 -1.30
C CYS A 63 5.05 -7.60 -1.82
N PRO A 64 4.19 -8.50 -1.21
CA PRO A 64 3.87 -9.84 -1.76
C PRO A 64 3.50 -9.81 -3.26
N SER A 65 2.76 -8.77 -3.68
CA SER A 65 2.32 -8.58 -5.08
C SER A 65 3.52 -8.48 -6.08
N CYS A 66 4.67 -7.98 -5.58
CA CYS A 66 5.91 -7.82 -6.37
C CYS A 66 6.61 -9.18 -6.63
N ARG A 67 6.77 -9.98 -5.55
CA ARG A 67 7.43 -11.31 -5.62
C ARG A 67 6.49 -12.37 -6.24
N THR A 68 5.19 -12.06 -6.25
CA THR A 68 4.17 -12.86 -6.93
C THR A 68 4.22 -12.59 -8.45
N ASP A 69 3.93 -13.64 -9.26
CA ASP A 69 3.92 -13.58 -10.74
C ASP A 69 2.71 -12.75 -11.28
N SER A 70 1.87 -12.26 -10.33
CA SER A 70 0.70 -11.40 -10.59
C SER A 70 -0.43 -12.20 -11.24
N SER A 71 -1.27 -12.83 -10.39
CA SER A 71 -2.47 -13.56 -10.80
C SER A 71 -3.73 -12.66 -10.68
N GLU A 72 -3.49 -11.37 -10.40
CA GLU A 72 -4.51 -10.30 -10.44
C GLU A 72 -4.67 -9.77 -11.88
N VAL A 73 -5.85 -9.19 -12.18
CA VAL A 73 -6.11 -8.56 -13.49
C VAL A 73 -5.46 -7.16 -13.55
N VAL A 74 -4.88 -6.81 -14.72
CA VAL A 74 -4.32 -5.47 -14.97
C VAL A 74 -5.45 -4.41 -14.97
N GLN A 75 -5.29 -3.41 -14.10
CA GLN A 75 -6.25 -2.29 -13.93
C GLN A 75 -5.82 -1.10 -14.79
N ALA A 76 -6.75 -0.15 -14.99
CA ALA A 76 -6.50 1.07 -15.81
C ALA A 76 -5.47 1.99 -15.15
N GLY A 77 -4.64 2.66 -15.99
CA GLY A 77 -3.69 3.68 -15.53
C GLY A 77 -2.43 3.11 -14.87
N GLU A 78 -1.90 2.02 -15.43
CA GLU A 78 -0.62 1.42 -14.98
C GLU A 78 0.55 2.05 -15.77
N SER A 1 -12.95 20.98 10.54
CA SER A 1 -11.86 21.55 11.36
C SER A 1 -10.51 21.30 10.67
N GLY A 2 -10.30 20.05 10.22
CA GLY A 2 -9.11 19.64 9.50
C GLY A 2 -9.23 19.87 7.99
N PRO A 3 -8.12 19.67 7.22
CA PRO A 3 -8.09 19.94 5.75
C PRO A 3 -8.78 18.83 4.93
N SER A 4 -8.98 19.10 3.63
CA SER A 4 -9.45 18.10 2.67
C SER A 4 -8.33 17.09 2.40
N CYS A 5 -8.60 15.82 2.67
CA CYS A 5 -7.64 14.72 2.49
C CYS A 5 -7.49 14.44 0.96
N ARG A 6 -6.46 15.08 0.36
CA ARG A 6 -6.35 15.33 -1.11
C ARG A 6 -6.34 14.05 -1.99
N PHE A 7 -5.49 13.08 -1.63
CA PHE A 7 -5.15 11.91 -2.50
C PHE A 7 -6.31 10.91 -2.66
N CYS A 8 -7.40 11.17 -1.95
CA CYS A 8 -8.64 10.39 -2.02
C CYS A 8 -9.87 11.32 -2.17
N LYS A 9 -9.66 12.63 -1.82
CA LYS A 9 -10.69 13.69 -1.70
C LYS A 9 -11.58 13.54 -0.44
N ASP A 10 -11.94 12.29 -0.07
CA ASP A 10 -12.94 11.98 0.96
C ASP A 10 -14.31 12.53 0.59
N ASP A 11 -15.07 11.68 -0.11
CA ASP A 11 -16.41 12.00 -0.62
C ASP A 11 -17.45 12.02 0.51
N GLU A 12 -18.59 12.69 0.25
CA GLU A 12 -19.70 12.83 1.21
C GLU A 12 -20.38 11.48 1.54
N ASN A 13 -20.09 10.43 0.75
CA ASN A 13 -20.61 9.07 0.95
C ASN A 13 -19.47 8.10 1.30
N LYS A 14 -18.24 8.42 0.84
CA LYS A 14 -17.10 7.48 0.89
C LYS A 14 -15.94 8.00 1.76
N PRO A 15 -15.46 7.18 2.76
CA PRO A 15 -14.20 7.44 3.50
C PRO A 15 -12.95 7.17 2.60
N CYS A 16 -11.78 7.05 3.24
CA CYS A 16 -10.48 6.98 2.53
C CYS A 16 -10.24 5.61 1.89
N ARG A 17 -9.89 5.62 0.58
CA ARG A 17 -9.42 4.43 -0.16
C ARG A 17 -8.06 4.73 -0.84
N LYS A 18 -8.07 5.70 -1.79
CA LYS A 18 -6.95 5.93 -2.75
C LYS A 18 -5.77 6.72 -2.12
N CYS A 19 -5.83 6.98 -0.80
CA CYS A 19 -4.67 7.54 -0.06
C CYS A 19 -4.20 6.53 1.01
N ALA A 20 -4.96 5.43 1.17
CA ALA A 20 -4.83 4.47 2.27
C ALA A 20 -4.26 3.12 1.77
N CYS A 21 -4.20 2.15 2.71
CA CYS A 21 -3.86 0.75 2.41
C CYS A 21 -5.06 0.06 1.69
N HIS A 22 -4.96 -0.03 0.35
CA HIS A 22 -6.08 -0.39 -0.55
C HIS A 22 -6.54 -1.85 -0.37
N VAL A 23 -5.61 -2.71 0.09
CA VAL A 23 -5.83 -4.16 0.21
C VAL A 23 -6.99 -4.48 1.16
N CYS A 24 -7.18 -3.63 2.19
CA CYS A 24 -8.32 -3.71 3.12
C CYS A 24 -9.20 -2.45 3.02
N GLY A 25 -8.68 -1.41 2.32
CA GLY A 25 -9.28 -0.07 2.33
C GLY A 25 -9.14 0.61 3.69
N GLY A 26 -8.11 0.18 4.44
CA GLY A 26 -7.94 0.55 5.84
C GLY A 26 -6.91 1.64 6.03
N ARG A 27 -7.07 2.39 7.13
CA ARG A 27 -6.23 3.54 7.50
C ARG A 27 -5.65 3.36 8.92
N GLU A 28 -6.12 2.31 9.62
CA GLU A 28 -5.89 2.15 11.07
C GLU A 28 -4.48 1.62 11.32
N ALA A 29 -3.71 2.36 12.14
CA ALA A 29 -2.26 2.23 12.30
C ALA A 29 -1.55 2.69 11.01
N PRO A 30 -1.54 4.04 10.71
CA PRO A 30 -0.81 4.62 9.55
C PRO A 30 0.72 4.42 9.68
N GLU A 31 1.19 4.29 10.93
CA GLU A 31 2.58 3.93 11.24
C GLU A 31 2.97 2.56 10.64
N LYS A 32 1.99 1.62 10.61
CA LYS A 32 2.19 0.25 10.11
C LYS A 32 1.78 0.13 8.63
N GLN A 33 1.44 1.27 8.00
CA GLN A 33 1.16 1.33 6.55
C GLN A 33 2.45 1.68 5.80
N LEU A 34 3.21 0.63 5.47
CA LEU A 34 4.46 0.77 4.71
C LEU A 34 4.15 1.06 3.24
N LEU A 35 4.74 2.14 2.73
CA LEU A 35 4.58 2.59 1.35
C LEU A 35 5.65 1.91 0.50
N CYS A 36 5.26 0.78 -0.14
CA CYS A 36 6.16 -0.05 -0.95
C CYS A 36 6.81 0.76 -2.08
N ASP A 37 8.14 0.60 -2.23
CA ASP A 37 8.98 1.45 -3.11
C ASP A 37 8.47 1.52 -4.57
N GLU A 38 8.46 0.37 -5.28
CA GLU A 38 8.15 0.34 -6.73
C GLU A 38 6.62 0.34 -6.99
N CYS A 39 5.87 -0.27 -6.04
CA CYS A 39 4.38 -0.38 -6.13
C CYS A 39 3.71 0.99 -5.84
N ASP A 40 4.43 1.85 -5.08
CA ASP A 40 4.00 3.23 -4.73
C ASP A 40 2.73 3.25 -3.83
N MET A 41 2.41 2.10 -3.22
CA MET A 41 1.15 1.89 -2.45
C MET A 41 1.43 1.55 -0.99
N ALA A 42 0.49 1.94 -0.12
CA ALA A 42 0.54 1.66 1.33
C ALA A 42 -0.01 0.26 1.62
N PHE A 43 0.67 -0.48 2.52
CA PHE A 43 0.29 -1.84 2.93
C PHE A 43 0.51 -1.97 4.45
N HIS A 44 -0.51 -2.47 5.18
CA HIS A 44 -0.31 -2.92 6.58
C HIS A 44 0.56 -4.17 6.58
N LEU A 45 1.33 -4.37 7.66
CA LEU A 45 2.13 -5.60 7.86
C LEU A 45 1.20 -6.83 7.90
N TYR A 46 0.00 -6.66 8.47
CA TYR A 46 -1.01 -7.73 8.60
C TYR A 46 -1.89 -7.85 7.33
N CYS A 47 -1.52 -7.11 6.26
CA CYS A 47 -2.19 -7.18 4.95
C CYS A 47 -1.28 -7.83 3.90
N LEU A 48 -0.29 -8.60 4.39
CA LEU A 48 0.68 -9.32 3.55
C LEU A 48 0.40 -10.83 3.55
N LYS A 49 1.22 -11.58 2.79
CA LYS A 49 1.16 -13.04 2.74
C LYS A 49 2.59 -13.59 2.52
N PRO A 50 3.28 -14.16 3.58
CA PRO A 50 2.81 -14.22 5.00
C PRO A 50 2.89 -12.84 5.70
N PRO A 51 1.89 -12.50 6.60
CA PRO A 51 1.83 -11.21 7.30
C PRO A 51 2.99 -11.01 8.30
N LEU A 52 3.52 -9.77 8.36
CA LEU A 52 4.55 -9.36 9.32
C LEU A 52 3.88 -8.71 10.56
N THR A 53 4.71 -8.34 11.57
CA THR A 53 4.22 -7.63 12.77
C THR A 53 4.74 -6.18 12.79
N SER A 54 5.91 -5.95 12.18
CA SER A 54 6.66 -4.68 12.31
C SER A 54 7.49 -4.40 11.04
N VAL A 55 8.22 -3.27 11.05
CA VAL A 55 9.02 -2.82 9.90
C VAL A 55 10.37 -3.60 9.83
N PRO A 56 10.66 -4.31 8.69
CA PRO A 56 11.97 -4.95 8.44
C PRO A 56 13.14 -3.93 8.44
N PRO A 57 14.40 -4.35 8.79
CA PRO A 57 15.59 -3.44 8.81
C PRO A 57 16.18 -3.18 7.40
N GLU A 58 15.44 -3.55 6.36
CA GLU A 58 15.82 -3.32 4.95
C GLU A 58 15.64 -1.82 4.60
N PRO A 59 16.55 -1.21 3.76
CA PRO A 59 16.44 0.22 3.33
C PRO A 59 15.24 0.46 2.41
N GLU A 60 14.90 -0.59 1.65
CA GLU A 60 13.84 -0.59 0.65
C GLU A 60 12.83 -1.68 1.05
N TRP A 61 11.54 -1.35 0.96
CA TRP A 61 10.47 -2.25 1.41
C TRP A 61 9.66 -2.71 0.19
N TYR A 62 9.84 -3.99 -0.16
CA TYR A 62 9.09 -4.65 -1.24
C TYR A 62 8.13 -5.69 -0.63
N CYS A 63 6.82 -5.44 -0.80
CA CYS A 63 5.74 -6.36 -0.38
C CYS A 63 5.78 -7.68 -1.20
N PRO A 64 5.24 -8.83 -0.68
CA PRO A 64 5.11 -10.10 -1.48
C PRO A 64 4.25 -9.90 -2.76
N SER A 65 3.39 -8.87 -2.74
CA SER A 65 2.55 -8.49 -3.89
C SER A 65 3.40 -7.97 -5.09
N CYS A 66 4.68 -7.61 -4.82
CA CYS A 66 5.66 -7.25 -5.85
C CYS A 66 5.78 -8.36 -6.92
N ARG A 67 6.14 -9.56 -6.45
CA ARG A 67 6.49 -10.71 -7.31
C ARG A 67 5.24 -11.40 -7.88
N THR A 68 4.07 -11.10 -7.30
CA THR A 68 2.78 -11.65 -7.72
C THR A 68 2.49 -11.36 -9.20
N ASP A 69 2.52 -12.42 -10.03
CA ASP A 69 2.13 -12.39 -11.47
C ASP A 69 3.15 -11.63 -12.35
N SER A 70 4.17 -10.99 -11.73
CA SER A 70 5.15 -10.15 -12.43
C SER A 70 6.38 -10.99 -12.86
N SER A 71 6.13 -12.27 -13.22
CA SER A 71 7.14 -13.17 -13.82
C SER A 71 7.54 -12.67 -15.24
N GLU A 72 8.35 -13.48 -15.95
CA GLU A 72 8.73 -13.17 -17.33
C GLU A 72 7.45 -13.17 -18.21
N VAL A 73 7.13 -12.01 -18.79
CA VAL A 73 5.94 -11.82 -19.62
C VAL A 73 6.27 -12.11 -21.08
N VAL A 74 5.51 -13.03 -21.71
CA VAL A 74 5.66 -13.34 -23.14
C VAL A 74 5.40 -12.08 -24.00
N GLN A 75 6.42 -11.69 -24.79
CA GLN A 75 6.37 -10.53 -25.68
C GLN A 75 6.28 -11.02 -27.14
N ALA A 76 5.06 -11.08 -27.66
CA ALA A 76 4.78 -11.40 -29.06
C ALA A 76 4.64 -10.10 -29.86
N GLY A 77 5.18 -10.10 -31.09
CA GLY A 77 5.17 -8.91 -31.94
C GLY A 77 6.34 -7.97 -31.64
N GLU A 78 7.54 -8.58 -31.51
CA GLU A 78 8.80 -7.83 -31.29
C GLU A 78 9.44 -7.50 -32.66
N SER A 1 -8.52 15.58 7.64
CA SER A 1 -8.25 14.57 8.69
C SER A 1 -7.48 13.37 8.09
N GLY A 2 -7.69 13.12 6.78
CA GLY A 2 -7.06 12.00 6.07
C GLY A 2 -5.59 12.27 5.73
N PRO A 3 -4.80 11.20 5.37
CA PRO A 3 -3.37 11.35 5.01
C PRO A 3 -3.18 12.06 3.65
N SER A 4 -1.89 12.36 3.33
CA SER A 4 -1.48 13.13 2.14
C SER A 4 -2.07 12.55 0.84
N CYS A 5 -2.72 13.42 0.05
CA CYS A 5 -3.55 13.03 -1.08
C CYS A 5 -3.00 13.55 -2.42
N ARG A 6 -2.24 12.65 -3.07
CA ARG A 6 -1.60 12.89 -4.38
C ARG A 6 -2.57 12.45 -5.50
N PHE A 7 -3.08 11.22 -5.35
CA PHE A 7 -3.98 10.56 -6.32
C PHE A 7 -5.40 11.17 -6.27
N CYS A 8 -5.83 11.53 -5.05
CA CYS A 8 -7.21 11.99 -4.77
C CYS A 8 -7.41 13.48 -5.17
N LYS A 9 -6.33 14.12 -5.71
CA LYS A 9 -6.29 15.55 -6.11
C LYS A 9 -6.55 16.49 -4.91
N ASP A 10 -6.39 15.92 -3.70
CA ASP A 10 -6.77 16.52 -2.41
C ASP A 10 -8.18 17.15 -2.44
N ASP A 11 -9.18 16.31 -2.17
CA ASP A 11 -10.59 16.74 -2.02
C ASP A 11 -11.18 16.15 -0.73
N GLU A 12 -12.12 16.88 -0.14
CA GLU A 12 -12.77 16.51 1.13
C GLU A 12 -13.72 15.30 0.95
N ASN A 13 -14.45 15.29 -0.17
CA ASN A 13 -15.60 14.39 -0.38
C ASN A 13 -15.19 13.01 -0.95
N LYS A 14 -14.09 12.99 -1.75
CA LYS A 14 -13.65 11.76 -2.44
C LYS A 14 -13.18 10.66 -1.45
N PRO A 15 -13.63 9.37 -1.64
CA PRO A 15 -13.15 8.22 -0.83
C PRO A 15 -11.65 7.91 -1.09
N CYS A 16 -10.86 7.71 -0.02
CA CYS A 16 -9.39 7.67 -0.09
C CYS A 16 -8.85 6.28 0.27
N ARG A 17 -8.35 5.58 -0.75
CA ARG A 17 -7.78 4.22 -0.65
C ARG A 17 -6.34 4.17 -1.20
N LYS A 18 -5.99 5.16 -2.05
CA LYS A 18 -4.69 5.20 -2.77
C LYS A 18 -3.59 5.93 -1.98
N CYS A 19 -3.94 6.42 -0.79
CA CYS A 19 -2.94 6.89 0.23
C CYS A 19 -3.07 6.03 1.49
N ALA A 20 -3.97 5.03 1.40
CA ALA A 20 -4.32 4.13 2.49
C ALA A 20 -3.96 2.70 2.08
N CYS A 21 -4.21 1.75 2.99
CA CYS A 21 -4.12 0.32 2.69
C CYS A 21 -5.48 -0.15 2.16
N HIS A 22 -5.61 -0.18 0.82
CA HIS A 22 -6.85 -0.54 0.12
C HIS A 22 -7.17 -2.03 0.28
N VAL A 23 -6.14 -2.82 0.70
CA VAL A 23 -6.25 -4.27 0.91
C VAL A 23 -7.30 -4.60 2.01
N CYS A 24 -7.53 -3.65 2.92
CA CYS A 24 -8.62 -3.75 3.93
C CYS A 24 -9.45 -2.46 3.98
N GLY A 25 -9.15 -1.53 3.03
CA GLY A 25 -9.85 -0.24 2.94
C GLY A 25 -9.75 0.60 4.22
N GLY A 26 -8.51 0.82 4.70
CA GLY A 26 -8.29 1.49 5.99
C GLY A 26 -7.08 2.41 5.96
N ARG A 27 -7.25 3.60 6.59
CA ARG A 27 -6.16 4.57 6.87
C ARG A 27 -5.56 4.29 8.28
N GLU A 28 -6.07 3.22 8.91
CA GLU A 28 -5.74 2.80 10.28
C GLU A 28 -4.27 2.42 10.42
N ALA A 29 -3.56 3.01 11.39
CA ALA A 29 -2.12 2.77 11.66
C ALA A 29 -1.24 2.96 10.40
N PRO A 30 -1.06 4.25 9.92
CA PRO A 30 -0.18 4.55 8.75
C PRO A 30 1.32 4.25 9.04
N GLU A 31 1.62 4.07 10.34
CA GLU A 31 2.93 3.62 10.82
C GLU A 31 3.27 2.20 10.33
N LYS A 32 2.26 1.29 10.31
CA LYS A 32 2.42 -0.09 9.80
C LYS A 32 1.99 -0.20 8.32
N GLN A 33 1.43 0.89 7.76
CA GLN A 33 1.12 0.97 6.33
C GLN A 33 2.36 1.47 5.57
N LEU A 34 3.24 0.52 5.22
CA LEU A 34 4.51 0.80 4.56
C LEU A 34 4.28 1.09 3.08
N LEU A 35 4.92 2.15 2.59
CA LEU A 35 4.77 2.68 1.23
C LEU A 35 5.74 1.97 0.29
N CYS A 36 5.21 0.97 -0.43
CA CYS A 36 5.92 0.23 -1.48
C CYS A 36 6.21 1.18 -2.64
N ASP A 37 7.51 1.48 -2.85
CA ASP A 37 7.99 2.53 -3.79
C ASP A 37 7.38 2.42 -5.21
N GLU A 38 7.57 1.25 -5.82
CA GLU A 38 7.16 0.98 -7.22
C GLU A 38 5.61 0.82 -7.36
N CYS A 39 4.94 0.55 -6.23
CA CYS A 39 3.44 0.52 -6.14
C CYS A 39 2.89 1.92 -5.87
N ASP A 40 3.72 2.78 -5.21
CA ASP A 40 3.32 4.08 -4.64
C ASP A 40 2.11 3.96 -3.71
N MET A 41 2.05 2.84 -2.98
CA MET A 41 0.87 2.45 -2.20
C MET A 41 1.27 1.93 -0.81
N ALA A 42 0.47 2.30 0.19
CA ALA A 42 0.64 1.88 1.58
C ALA A 42 -0.02 0.51 1.82
N PHE A 43 0.70 -0.41 2.49
CA PHE A 43 0.21 -1.76 2.80
C PHE A 43 0.52 -2.07 4.27
N HIS A 44 -0.48 -2.55 5.02
CA HIS A 44 -0.24 -3.10 6.38
C HIS A 44 0.66 -4.33 6.29
N LEU A 45 1.51 -4.45 7.30
CA LEU A 45 2.30 -5.66 7.58
C LEU A 45 1.41 -6.91 7.70
N TYR A 46 0.25 -6.72 8.33
CA TYR A 46 -0.69 -7.81 8.67
C TYR A 46 -1.64 -8.10 7.49
N CYS A 47 -1.52 -7.32 6.39
CA CYS A 47 -2.29 -7.51 5.14
C CYS A 47 -1.38 -8.08 4.04
N LEU A 48 -0.21 -8.60 4.45
CA LEU A 48 0.78 -9.23 3.53
C LEU A 48 0.73 -10.76 3.65
N LYS A 49 1.49 -11.44 2.78
CA LYS A 49 1.74 -12.89 2.89
C LYS A 49 3.27 -13.14 2.82
N PRO A 50 3.96 -13.48 3.96
CA PRO A 50 3.34 -13.71 5.30
C PRO A 50 2.98 -12.39 6.03
N PRO A 51 1.91 -12.41 6.91
CA PRO A 51 1.51 -11.24 7.71
C PRO A 51 2.57 -10.91 8.76
N LEU A 52 3.40 -9.90 8.45
CA LEU A 52 4.54 -9.50 9.30
C LEU A 52 4.06 -8.85 10.60
N THR A 53 4.70 -9.21 11.71
CA THR A 53 4.34 -8.74 13.06
C THR A 53 4.85 -7.29 13.31
N SER A 54 6.01 -6.97 12.71
CA SER A 54 6.65 -5.65 12.84
C SER A 54 7.40 -5.30 11.55
N VAL A 55 7.83 -4.03 11.44
CA VAL A 55 8.49 -3.49 10.23
C VAL A 55 9.86 -4.18 10.02
N PRO A 56 10.13 -4.73 8.79
CA PRO A 56 11.45 -5.35 8.48
C PRO A 56 12.60 -4.31 8.56
N PRO A 57 13.82 -4.71 9.02
CA PRO A 57 15.00 -3.81 9.13
C PRO A 57 15.71 -3.56 7.78
N GLU A 58 15.05 -4.01 6.69
CA GLU A 58 15.55 -3.89 5.33
C GLU A 58 15.56 -2.40 4.88
N PRO A 59 16.63 -1.93 4.17
CA PRO A 59 16.69 -0.55 3.61
C PRO A 59 15.72 -0.37 2.42
N GLU A 60 15.26 -1.50 1.86
CA GLU A 60 14.31 -1.57 0.76
C GLU A 60 13.09 -2.39 1.19
N TRP A 61 11.91 -2.04 0.67
CA TRP A 61 10.65 -2.73 1.00
C TRP A 61 9.77 -2.81 -0.25
N TYR A 62 9.75 -4.01 -0.84
CA TYR A 62 8.86 -4.37 -1.94
C TYR A 62 7.86 -5.40 -1.40
N CYS A 63 6.54 -5.08 -1.50
CA CYS A 63 5.44 -5.95 -0.98
C CYS A 63 5.51 -7.36 -1.64
N PRO A 64 5.00 -8.44 -0.94
CA PRO A 64 4.96 -9.84 -1.44
C PRO A 64 4.84 -10.00 -2.97
N SER A 65 3.81 -9.37 -3.55
CA SER A 65 3.47 -9.47 -4.98
C SER A 65 4.64 -9.01 -5.90
N CYS A 66 5.40 -8.00 -5.43
CA CYS A 66 6.58 -7.45 -6.14
C CYS A 66 7.77 -8.42 -6.17
N ARG A 67 7.94 -9.23 -5.11
CA ARG A 67 9.11 -10.13 -4.97
C ARG A 67 8.83 -11.56 -5.49
N THR A 68 7.54 -11.90 -5.67
CA THR A 68 7.12 -13.24 -6.16
C THR A 68 6.52 -13.14 -7.56
N ASP A 69 6.27 -14.31 -8.19
CA ASP A 69 5.53 -14.40 -9.47
C ASP A 69 4.06 -13.97 -9.30
N SER A 70 3.58 -14.03 -8.02
CA SER A 70 2.25 -13.57 -7.59
C SER A 70 1.13 -14.50 -8.09
N SER A 71 1.54 -15.66 -8.68
CA SER A 71 0.64 -16.62 -9.34
C SER A 71 -0.18 -15.91 -10.44
N GLU A 72 0.54 -15.10 -11.26
CA GLU A 72 -0.05 -14.33 -12.37
C GLU A 72 -0.54 -15.27 -13.49
N VAL A 73 -1.43 -14.77 -14.35
CA VAL A 73 -1.95 -15.55 -15.48
C VAL A 73 -0.84 -15.78 -16.53
N VAL A 74 -0.29 -17.02 -16.54
CA VAL A 74 0.74 -17.45 -17.50
C VAL A 74 0.16 -17.43 -18.93
N GLN A 75 1.02 -17.16 -19.93
CA GLN A 75 0.60 -17.15 -21.35
C GLN A 75 0.18 -18.58 -21.79
N ALA A 76 -0.78 -18.67 -22.71
CA ALA A 76 -1.23 -19.96 -23.28
C ALA A 76 -0.16 -20.51 -24.26
N GLY A 77 -0.38 -21.73 -24.76
CA GLY A 77 0.54 -22.37 -25.72
C GLY A 77 1.35 -23.47 -25.07
N GLU A 78 0.63 -24.43 -24.45
CA GLU A 78 1.21 -25.63 -23.81
C GLU A 78 1.82 -26.59 -24.88
N SER A 1 -2.10 19.56 5.98
CA SER A 1 -0.64 19.77 6.06
C SER A 1 0.11 18.54 5.49
N GLY A 2 -0.37 18.06 4.32
CA GLY A 2 0.20 16.90 3.66
C GLY A 2 -0.18 16.87 2.18
N PRO A 3 -0.29 15.65 1.54
CA PRO A 3 -0.70 15.52 0.12
C PRO A 3 -2.13 16.06 -0.14
N SER A 4 -2.26 16.94 -1.16
CA SER A 4 -3.54 17.55 -1.57
C SER A 4 -4.47 16.47 -2.19
N CYS A 5 -5.80 16.72 -2.18
CA CYS A 5 -6.80 15.73 -2.58
C CYS A 5 -7.78 16.29 -3.62
N ARG A 6 -7.49 16.02 -4.92
CA ARG A 6 -8.40 16.36 -6.05
C ARG A 6 -9.01 15.08 -6.65
N PHE A 7 -8.15 14.05 -6.85
CA PHE A 7 -8.53 12.75 -7.44
C PHE A 7 -9.37 11.91 -6.45
N CYS A 8 -9.08 12.07 -5.15
CA CYS A 8 -9.88 11.46 -4.09
C CYS A 8 -11.30 12.04 -4.12
N LYS A 9 -11.36 13.37 -4.41
CA LYS A 9 -12.54 14.25 -4.22
C LYS A 9 -12.99 14.25 -2.74
N ASP A 10 -12.07 13.79 -1.86
CA ASP A 10 -12.33 13.35 -0.48
C ASP A 10 -13.56 12.42 -0.45
N ASP A 11 -13.28 11.10 -0.53
CA ASP A 11 -14.28 10.03 -0.74
C ASP A 11 -15.40 10.08 0.32
N GLU A 12 -16.64 9.74 -0.10
CA GLU A 12 -17.83 9.83 0.76
C GLU A 12 -17.78 8.73 1.84
N ASN A 13 -17.56 7.49 1.40
CA ASN A 13 -17.64 6.29 2.27
C ASN A 13 -16.52 6.30 3.34
N LYS A 14 -15.30 6.62 2.90
CA LYS A 14 -14.09 6.63 3.75
C LYS A 14 -13.29 7.94 3.48
N PRO A 15 -12.45 8.44 4.45
CA PRO A 15 -11.66 9.71 4.30
C PRO A 15 -10.95 9.86 2.93
N CYS A 16 -10.29 8.77 2.51
CA CYS A 16 -9.60 8.68 1.21
C CYS A 16 -9.49 7.22 0.74
N ARG A 17 -9.46 7.06 -0.59
CA ARG A 17 -9.14 5.79 -1.25
C ARG A 17 -7.63 5.78 -1.63
N LYS A 18 -7.22 6.80 -2.42
CA LYS A 18 -5.84 6.89 -2.99
C LYS A 18 -4.82 7.57 -2.02
N CYS A 19 -5.16 7.67 -0.73
CA CYS A 19 -4.17 8.07 0.33
C CYS A 19 -4.09 6.95 1.41
N ALA A 20 -4.80 5.83 1.17
CA ALA A 20 -4.95 4.74 2.15
C ALA A 20 -4.18 3.49 1.72
N CYS A 21 -4.20 2.46 2.60
CA CYS A 21 -3.70 1.10 2.30
C CYS A 21 -4.76 0.36 1.49
N HIS A 22 -4.44 0.09 0.20
CA HIS A 22 -5.41 -0.39 -0.81
C HIS A 22 -6.01 -1.77 -0.44
N VAL A 23 -5.25 -2.53 0.36
CA VAL A 23 -5.59 -3.93 0.71
C VAL A 23 -6.85 -4.00 1.61
N CYS A 24 -7.05 -2.98 2.46
CA CYS A 24 -8.24 -2.90 3.36
C CYS A 24 -8.98 -1.56 3.22
N GLY A 25 -8.45 -0.66 2.36
CA GLY A 25 -9.00 0.68 2.14
C GLY A 25 -8.98 1.58 3.37
N GLY A 26 -7.91 1.48 4.18
CA GLY A 26 -7.84 2.23 5.46
C GLY A 26 -6.41 2.58 5.86
N ARG A 27 -6.28 3.65 6.67
CA ARG A 27 -5.00 4.09 7.26
C ARG A 27 -4.93 3.73 8.75
N GLU A 28 -5.85 2.85 9.19
CA GLU A 28 -5.99 2.45 10.61
C GLU A 28 -4.73 1.69 11.05
N ALA A 29 -4.11 2.14 12.18
CA ALA A 29 -2.76 1.75 12.61
C ALA A 29 -1.70 2.39 11.66
N PRO A 30 -1.31 3.68 11.95
CA PRO A 30 -0.40 4.47 11.08
C PRO A 30 1.07 3.97 11.11
N GLU A 31 1.50 3.48 12.29
CA GLU A 31 2.89 3.02 12.52
C GLU A 31 3.12 1.65 11.86
N LYS A 32 2.02 0.90 11.63
CA LYS A 32 2.09 -0.46 11.07
C LYS A 32 1.92 -0.45 9.53
N GLN A 33 2.00 0.74 8.90
CA GLN A 33 1.87 0.87 7.43
C GLN A 33 3.23 0.67 6.73
N LEU A 34 3.17 0.07 5.54
CA LEU A 34 4.29 -0.09 4.60
C LEU A 34 3.84 0.44 3.24
N LEU A 35 4.78 0.79 2.37
CA LEU A 35 4.43 1.36 1.05
C LEU A 35 5.43 0.82 0.01
N CYS A 36 4.89 0.18 -1.05
CA CYS A 36 5.70 -0.30 -2.18
C CYS A 36 5.90 0.86 -3.17
N ASP A 37 7.12 1.44 -3.19
CA ASP A 37 7.47 2.57 -4.09
C ASP A 37 7.26 2.19 -5.58
N GLU A 38 7.53 0.92 -5.88
CA GLU A 38 7.44 0.34 -7.23
C GLU A 38 5.98 0.30 -7.76
N CYS A 39 5.00 0.30 -6.84
CA CYS A 39 3.56 0.25 -7.19
C CYS A 39 2.81 1.51 -6.73
N ASP A 40 3.45 2.32 -5.87
CA ASP A 40 2.84 3.49 -5.19
C ASP A 40 1.62 3.10 -4.31
N MET A 41 1.51 1.80 -3.99
CA MET A 41 0.40 1.26 -3.18
C MET A 41 0.84 1.01 -1.75
N ALA A 42 -0.01 1.44 -0.80
CA ALA A 42 0.23 1.34 0.64
C ALA A 42 -0.38 0.05 1.21
N PHE A 43 0.17 -0.38 2.34
CA PHE A 43 -0.08 -1.69 2.99
C PHE A 43 -0.12 -1.53 4.51
N HIS A 44 -0.30 -2.66 5.18
CA HIS A 44 -0.11 -2.82 6.63
C HIS A 44 0.70 -4.10 6.86
N LEU A 45 1.28 -4.22 8.05
CA LEU A 45 2.01 -5.43 8.47
C LEU A 45 1.08 -6.65 8.47
N TYR A 46 -0.14 -6.45 9.03
CA TYR A 46 -1.18 -7.50 9.08
C TYR A 46 -1.85 -7.71 7.70
N CYS A 47 -1.63 -6.77 6.75
CA CYS A 47 -2.18 -6.86 5.35
C CYS A 47 -1.17 -7.54 4.40
N LEU A 48 -0.23 -8.33 4.96
CA LEU A 48 0.79 -9.08 4.19
C LEU A 48 0.52 -10.59 4.28
N LYS A 49 1.31 -11.37 3.52
CA LYS A 49 1.28 -12.85 3.53
C LYS A 49 2.74 -13.34 3.29
N PRO A 50 3.50 -13.81 4.35
CA PRO A 50 3.03 -13.87 5.77
C PRO A 50 2.97 -12.47 6.46
N PRO A 51 1.93 -12.23 7.33
CA PRO A 51 1.79 -10.95 8.07
C PRO A 51 2.92 -10.76 9.11
N LEU A 52 3.42 -9.52 9.20
CA LEU A 52 4.49 -9.15 10.14
C LEU A 52 3.90 -8.52 11.42
N THR A 53 4.69 -8.50 12.50
CA THR A 53 4.30 -7.88 13.77
C THR A 53 4.98 -6.51 13.92
N SER A 54 6.21 -6.41 13.38
CA SER A 54 7.02 -5.19 13.38
C SER A 54 7.55 -4.92 11.96
N VAL A 55 7.98 -3.66 11.72
CA VAL A 55 8.59 -3.23 10.44
C VAL A 55 9.86 -4.06 10.14
N PRO A 56 10.04 -4.59 8.89
CA PRO A 56 11.27 -5.35 8.51
C PRO A 56 12.53 -4.46 8.51
N PRO A 57 13.77 -5.06 8.65
CA PRO A 57 15.06 -4.28 8.63
C PRO A 57 15.49 -3.83 7.22
N GLU A 58 14.57 -3.91 6.25
CA GLU A 58 14.82 -3.52 4.84
C GLU A 58 14.89 -1.98 4.71
N PRO A 59 15.95 -1.43 4.03
CA PRO A 59 16.05 0.03 3.73
C PRO A 59 15.04 0.45 2.63
N GLU A 60 14.68 -0.52 1.78
CA GLU A 60 13.70 -0.37 0.69
C GLU A 60 12.71 -1.54 0.80
N TRP A 61 11.41 -1.28 0.63
CA TRP A 61 10.36 -2.31 0.81
C TRP A 61 9.53 -2.43 -0.47
N TYR A 62 9.25 -3.69 -0.85
CA TYR A 62 8.44 -4.06 -2.01
C TYR A 62 7.40 -5.11 -1.60
N CYS A 63 6.26 -5.10 -2.31
CA CYS A 63 5.15 -6.05 -2.08
C CYS A 63 5.52 -7.44 -2.63
N PRO A 64 4.84 -8.56 -2.16
CA PRO A 64 5.13 -9.94 -2.63
C PRO A 64 5.16 -10.09 -4.18
N SER A 65 4.24 -9.39 -4.89
CA SER A 65 4.13 -9.47 -6.37
C SER A 65 5.39 -8.92 -7.09
N CYS A 66 6.15 -8.03 -6.41
CA CYS A 66 7.40 -7.45 -6.96
C CYS A 66 8.61 -8.39 -6.81
N ARG A 67 8.41 -9.57 -6.17
CA ARG A 67 9.48 -10.59 -6.01
C ARG A 67 9.01 -11.99 -6.46
N THR A 68 7.71 -12.14 -6.75
CA THR A 68 7.13 -13.38 -7.30
C THR A 68 6.42 -13.07 -8.63
N ASP A 69 5.92 -14.13 -9.30
CA ASP A 69 5.14 -14.02 -10.58
C ASP A 69 6.00 -13.37 -11.71
N SER A 70 7.33 -13.46 -11.55
CA SER A 70 8.32 -12.76 -12.40
C SER A 70 8.67 -13.59 -13.66
N SER A 71 7.64 -14.19 -14.28
CA SER A 71 7.78 -15.05 -15.48
C SER A 71 8.32 -14.22 -16.66
N GLU A 72 9.33 -14.75 -17.37
CA GLU A 72 10.04 -14.02 -18.43
C GLU A 72 9.09 -13.69 -19.61
N VAL A 73 9.13 -12.43 -20.03
CA VAL A 73 8.29 -11.88 -21.10
C VAL A 73 9.14 -11.72 -22.37
N VAL A 74 8.74 -12.39 -23.47
CA VAL A 74 9.49 -12.39 -24.75
C VAL A 74 9.69 -10.95 -25.31
N GLN A 75 10.98 -10.54 -25.44
CA GLN A 75 11.36 -9.22 -25.96
C GLN A 75 11.02 -9.10 -27.46
N ALA A 76 9.83 -8.56 -27.73
CA ALA A 76 9.35 -8.26 -29.09
C ALA A 76 9.84 -6.87 -29.53
N GLY A 77 9.58 -6.55 -30.81
CA GLY A 77 10.03 -5.28 -31.40
C GLY A 77 11.47 -5.35 -31.90
N GLU A 78 11.96 -6.59 -32.11
CA GLU A 78 13.32 -6.86 -32.61
C GLU A 78 13.21 -7.71 -33.91
N SER A 1 -7.23 24.70 2.41
CA SER A 1 -5.80 25.02 2.21
C SER A 1 -4.88 23.91 2.81
N GLY A 2 -5.48 22.81 3.29
CA GLY A 2 -4.74 21.69 3.90
C GLY A 2 -3.97 20.83 2.88
N PRO A 3 -3.39 19.66 3.32
CA PRO A 3 -2.71 18.70 2.41
C PRO A 3 -3.71 17.79 1.66
N SER A 4 -4.76 18.42 1.06
CA SER A 4 -5.84 17.71 0.36
C SER A 4 -5.30 17.02 -0.91
N CYS A 5 -5.04 15.71 -0.77
CA CYS A 5 -4.52 14.84 -1.84
C CYS A 5 -5.59 14.63 -2.94
N ARG A 6 -5.31 15.24 -4.12
CA ARG A 6 -6.28 15.38 -5.25
C ARG A 6 -6.76 14.02 -5.79
N PHE A 7 -5.88 13.00 -5.73
CA PHE A 7 -6.16 11.63 -6.22
C PHE A 7 -7.32 10.94 -5.45
N CYS A 8 -7.77 11.55 -4.34
CA CYS A 8 -8.92 11.06 -3.54
C CYS A 8 -9.76 12.23 -2.96
N LYS A 9 -9.31 13.48 -3.25
CA LYS A 9 -9.96 14.77 -2.87
C LYS A 9 -10.23 14.94 -1.34
N ASP A 10 -9.78 13.96 -0.52
CA ASP A 10 -10.13 13.83 0.92
C ASP A 10 -11.66 13.96 1.13
N ASP A 11 -12.44 13.28 0.26
CA ASP A 11 -13.91 13.29 0.31
C ASP A 11 -14.39 12.76 1.67
N GLU A 12 -15.23 13.55 2.35
CA GLU A 12 -15.82 13.17 3.63
C GLU A 12 -17.04 12.25 3.44
N ASN A 13 -17.53 12.15 2.19
CA ASN A 13 -18.58 11.16 1.81
C ASN A 13 -17.94 9.77 1.70
N LYS A 14 -17.04 9.61 0.72
CA LYS A 14 -16.24 8.39 0.54
C LYS A 14 -14.80 8.69 0.96
N PRO A 15 -14.20 7.94 1.94
CA PRO A 15 -12.90 8.29 2.57
C PRO A 15 -11.73 8.19 1.57
N CYS A 16 -10.50 8.30 2.08
CA CYS A 16 -9.31 8.16 1.24
C CYS A 16 -9.09 6.66 0.95
N ARG A 17 -9.34 6.30 -0.32
CA ARG A 17 -9.21 4.93 -0.85
C ARG A 17 -7.87 4.80 -1.62
N LYS A 18 -7.56 5.84 -2.42
CA LYS A 18 -6.40 5.84 -3.33
C LYS A 18 -5.07 5.83 -2.57
N CYS A 19 -4.93 6.72 -1.56
CA CYS A 19 -3.66 6.89 -0.81
C CYS A 19 -3.68 6.10 0.51
N ALA A 20 -4.73 5.29 0.70
CA ALA A 20 -4.82 4.35 1.83
C ALA A 20 -4.09 3.04 1.49
N CYS A 21 -4.09 2.12 2.45
CA CYS A 21 -3.69 0.74 2.22
C CYS A 21 -4.80 0.03 1.44
N HIS A 22 -4.55 -0.11 0.12
CA HIS A 22 -5.57 -0.44 -0.89
C HIS A 22 -6.21 -1.82 -0.66
N VAL A 23 -5.44 -2.74 -0.06
CA VAL A 23 -5.86 -4.15 0.15
C VAL A 23 -7.13 -4.24 1.03
N CYS A 24 -7.25 -3.32 2.00
CA CYS A 24 -8.43 -3.22 2.89
C CYS A 24 -9.15 -1.87 2.70
N GLY A 25 -8.56 -0.97 1.88
CA GLY A 25 -9.09 0.37 1.64
C GLY A 25 -9.16 1.25 2.89
N GLY A 26 -8.12 1.17 3.75
CA GLY A 26 -8.12 1.88 5.05
C GLY A 26 -6.74 2.35 5.47
N ARG A 27 -6.73 3.34 6.39
CA ARG A 27 -5.49 3.98 6.92
C ARG A 27 -5.30 3.67 8.41
N GLU A 28 -6.06 2.68 8.93
CA GLU A 28 -6.09 2.33 10.36
C GLU A 28 -4.72 1.79 10.81
N ALA A 29 -4.08 2.49 11.77
CA ALA A 29 -2.69 2.25 12.23
C ALA A 29 -1.67 2.76 11.17
N PRO A 30 -1.36 4.10 11.19
CA PRO A 30 -0.37 4.71 10.26
C PRO A 30 1.08 4.25 10.57
N GLU A 31 1.30 3.75 11.80
CA GLU A 31 2.58 3.17 12.23
C GLU A 31 2.86 1.83 11.51
N LYS A 32 1.79 1.20 11.00
CA LYS A 32 1.87 -0.10 10.29
C LYS A 32 1.63 0.07 8.78
N GLN A 33 1.39 1.31 8.32
CA GLN A 33 1.29 1.62 6.89
C GLN A 33 2.69 1.78 6.29
N LEU A 34 3.27 0.66 5.81
CA LEU A 34 4.58 0.65 5.15
C LEU A 34 4.40 0.82 3.65
N LEU A 35 5.11 1.80 3.07
CA LEU A 35 4.93 2.20 1.66
C LEU A 35 5.83 1.33 0.76
N CYS A 36 5.16 0.51 -0.08
CA CYS A 36 5.83 -0.29 -1.10
C CYS A 36 6.34 0.59 -2.23
N ASP A 37 7.66 0.54 -2.46
CA ASP A 37 8.32 1.30 -3.55
C ASP A 37 7.64 1.03 -4.91
N GLU A 38 7.53 -0.27 -5.27
CA GLU A 38 6.96 -0.73 -6.55
C GLU A 38 5.50 -0.26 -6.75
N CYS A 39 4.69 -0.42 -5.69
CA CYS A 39 3.25 -0.07 -5.71
C CYS A 39 3.04 1.43 -5.45
N ASP A 40 4.12 2.10 -5.00
CA ASP A 40 4.11 3.52 -4.59
C ASP A 40 3.10 3.80 -3.46
N MET A 41 2.68 2.75 -2.72
CA MET A 41 1.55 2.87 -1.80
C MET A 41 1.74 2.06 -0.52
N ALA A 42 1.16 2.60 0.56
CA ALA A 42 1.18 2.02 1.91
C ALA A 42 0.36 0.73 1.98
N PHE A 43 0.85 -0.24 2.75
CA PHE A 43 0.16 -1.50 3.07
C PHE A 43 0.42 -1.84 4.53
N HIS A 44 -0.61 -2.35 5.23
CA HIS A 44 -0.49 -2.78 6.63
C HIS A 44 0.25 -4.12 6.70
N LEU A 45 0.95 -4.34 7.83
CA LEU A 45 1.72 -5.58 8.10
C LEU A 45 0.83 -6.84 7.95
N TYR A 46 -0.42 -6.75 8.43
CA TYR A 46 -1.35 -7.90 8.48
C TYR A 46 -2.16 -8.04 7.18
N CYS A 47 -2.03 -7.06 6.27
CA CYS A 47 -2.67 -7.08 4.93
C CYS A 47 -1.76 -7.72 3.87
N LEU A 48 -0.82 -8.55 4.34
CA LEU A 48 0.24 -9.17 3.53
C LEU A 48 0.16 -10.71 3.66
N LYS A 49 0.92 -11.42 2.83
CA LYS A 49 1.00 -12.89 2.86
C LYS A 49 2.48 -13.27 2.53
N PRO A 50 3.35 -13.62 3.53
CA PRO A 50 2.98 -13.76 4.97
C PRO A 50 2.79 -12.39 5.69
N PRO A 51 1.79 -12.29 6.64
CA PRO A 51 1.58 -11.07 7.44
C PRO A 51 2.81 -10.77 8.33
N LEU A 52 3.49 -9.64 8.03
CA LEU A 52 4.70 -9.23 8.76
C LEU A 52 4.38 -8.95 10.23
N THR A 53 5.26 -9.38 11.12
CA THR A 53 5.15 -9.15 12.57
C THR A 53 6.04 -7.96 12.99
N SER A 54 6.83 -7.45 12.03
CA SER A 54 7.80 -6.35 12.23
C SER A 54 8.10 -5.69 10.87
N VAL A 55 8.55 -4.41 10.94
CA VAL A 55 9.07 -3.70 9.76
C VAL A 55 10.50 -4.22 9.42
N PRO A 56 10.75 -4.63 8.13
CA PRO A 56 12.12 -4.97 7.66
C PRO A 56 13.08 -3.76 7.74
N PRO A 57 14.36 -3.95 8.20
CA PRO A 57 15.37 -2.85 8.29
C PRO A 57 15.79 -2.29 6.92
N GLU A 58 15.38 -2.96 5.83
CA GLU A 58 15.71 -2.55 4.46
C GLU A 58 14.83 -1.33 4.06
N PRO A 59 15.40 -0.32 3.34
CA PRO A 59 14.65 0.84 2.80
C PRO A 59 13.80 0.44 1.56
N GLU A 60 14.24 -0.66 0.92
CA GLU A 60 13.61 -1.22 -0.29
C GLU A 60 12.44 -2.13 0.12
N TRP A 61 11.35 -1.51 0.61
CA TRP A 61 10.18 -2.26 1.08
C TRP A 61 9.30 -2.60 -0.12
N TYR A 62 9.43 -3.84 -0.60
CA TYR A 62 8.54 -4.41 -1.61
C TYR A 62 7.63 -5.41 -0.92
N CYS A 63 6.30 -5.16 -1.01
CA CYS A 63 5.26 -6.06 -0.45
C CYS A 63 5.41 -7.48 -1.05
N PRO A 64 4.99 -8.57 -0.31
CA PRO A 64 5.01 -9.98 -0.76
C PRO A 64 4.81 -10.18 -2.28
N SER A 65 3.73 -9.59 -2.81
CA SER A 65 3.32 -9.72 -4.23
C SER A 65 4.40 -9.25 -5.24
N CYS A 66 5.21 -8.27 -4.83
CA CYS A 66 6.33 -7.72 -5.63
C CYS A 66 7.55 -8.65 -5.59
N ARG A 67 7.86 -9.21 -4.40
CA ARG A 67 9.01 -10.14 -4.22
C ARG A 67 8.59 -11.61 -4.46
N THR A 68 7.30 -11.82 -4.76
CA THR A 68 6.70 -13.14 -5.04
C THR A 68 5.68 -12.98 -6.17
N ASP A 69 6.07 -13.40 -7.40
CA ASP A 69 5.22 -13.30 -8.62
C ASP A 69 4.03 -14.29 -8.57
N SER A 70 4.03 -15.18 -7.57
CA SER A 70 2.91 -16.11 -7.28
C SER A 70 1.78 -15.42 -6.48
N SER A 71 1.94 -14.12 -6.19
CA SER A 71 0.99 -13.35 -5.37
C SER A 71 0.69 -11.97 -6.02
N GLU A 72 -0.51 -11.45 -5.74
CA GLU A 72 -0.98 -10.11 -6.17
C GLU A 72 -1.83 -9.48 -5.03
N VAL A 73 -1.62 -8.17 -4.78
CA VAL A 73 -2.44 -7.40 -3.81
C VAL A 73 -3.14 -6.20 -4.50
N VAL A 74 -4.35 -6.47 -4.99
CA VAL A 74 -5.25 -5.48 -5.61
C VAL A 74 -6.67 -5.74 -5.11
N GLN A 75 -7.45 -4.67 -4.89
CA GLN A 75 -8.79 -4.76 -4.31
C GLN A 75 -9.77 -3.96 -5.18
N ALA A 76 -10.86 -4.61 -5.60
CA ALA A 76 -11.98 -3.98 -6.32
C ALA A 76 -13.27 -4.17 -5.52
N GLY A 77 -14.21 -3.23 -5.65
CA GLY A 77 -15.47 -3.25 -4.90
C GLY A 77 -15.58 -2.16 -3.85
N GLU A 78 -14.43 -1.67 -3.35
CA GLU A 78 -14.40 -0.52 -2.42
C GLU A 78 -14.08 0.78 -3.21
N SER A 1 -15.86 20.21 -7.77
CA SER A 1 -16.06 21.55 -7.18
C SER A 1 -14.91 21.95 -6.22
N GLY A 2 -14.00 21.00 -5.92
CA GLY A 2 -12.85 21.25 -5.05
C GLY A 2 -11.87 20.07 -5.03
N PRO A 3 -11.12 19.86 -3.89
CA PRO A 3 -10.15 18.73 -3.74
C PRO A 3 -10.84 17.42 -3.32
N SER A 4 -11.96 17.13 -3.98
CA SER A 4 -12.87 16.04 -3.61
C SER A 4 -12.36 14.67 -4.12
N CYS A 5 -12.59 13.64 -3.31
CA CYS A 5 -12.23 12.25 -3.64
C CYS A 5 -13.14 11.69 -4.75
N ARG A 6 -12.63 11.64 -6.00
CA ARG A 6 -13.44 11.24 -7.17
C ARG A 6 -13.77 9.73 -7.18
N PHE A 7 -12.75 8.86 -7.05
CA PHE A 7 -12.93 7.39 -7.11
C PHE A 7 -13.61 6.87 -5.83
N CYS A 8 -13.26 7.48 -4.68
CA CYS A 8 -13.86 7.12 -3.37
C CYS A 8 -15.32 7.65 -3.29
N LYS A 9 -15.66 8.62 -4.16
CA LYS A 9 -16.93 9.39 -4.11
C LYS A 9 -17.13 10.07 -2.74
N ASP A 10 -15.98 10.48 -2.17
CA ASP A 10 -15.87 11.07 -0.83
C ASP A 10 -16.43 10.14 0.26
N ASP A 11 -15.57 9.22 0.72
CA ASP A 11 -15.84 8.41 1.92
C ASP A 11 -15.79 9.30 3.17
N GLU A 12 -16.86 10.09 3.39
CA GLU A 12 -17.06 10.90 4.60
C GLU A 12 -17.70 10.07 5.74
N ASN A 13 -18.15 8.84 5.41
CA ASN A 13 -18.70 7.86 6.39
C ASN A 13 -17.83 6.60 6.45
N LYS A 14 -16.77 6.56 5.63
CA LYS A 14 -15.83 5.40 5.55
C LYS A 14 -14.38 5.91 5.57
N PRO A 15 -13.36 5.04 5.89
CA PRO A 15 -11.96 5.27 5.47
C PRO A 15 -11.83 5.07 3.93
N CYS A 16 -10.77 5.64 3.30
CA CYS A 16 -10.63 5.61 1.83
C CYS A 16 -10.16 4.23 1.33
N ARG A 17 -10.96 3.64 0.42
CA ARG A 17 -10.58 2.43 -0.34
C ARG A 17 -9.79 2.80 -1.62
N LYS A 18 -9.60 4.13 -1.85
CA LYS A 18 -8.96 4.68 -3.07
C LYS A 18 -7.89 5.76 -2.76
N CYS A 19 -7.37 5.77 -1.50
CA CYS A 19 -6.23 6.64 -1.10
C CYS A 19 -5.34 5.94 -0.05
N ALA A 20 -5.98 5.28 0.93
CA ALA A 20 -5.31 4.65 2.09
C ALA A 20 -4.69 3.27 1.74
N CYS A 21 -4.53 2.39 2.76
CA CYS A 21 -4.15 0.98 2.56
C CYS A 21 -5.33 0.20 1.94
N HIS A 22 -5.30 0.02 0.61
CA HIS A 22 -6.47 -0.44 -0.19
C HIS A 22 -6.82 -1.92 0.06
N VAL A 23 -5.87 -2.67 0.64
CA VAL A 23 -6.04 -4.12 0.91
C VAL A 23 -7.16 -4.36 1.94
N CYS A 24 -7.34 -3.38 2.84
CA CYS A 24 -8.42 -3.39 3.86
C CYS A 24 -9.25 -2.10 3.75
N GLY A 25 -8.88 -1.21 2.80
CA GLY A 25 -9.52 0.10 2.62
C GLY A 25 -9.45 0.99 3.86
N GLY A 26 -8.38 0.83 4.65
CA GLY A 26 -8.29 1.40 5.99
C GLY A 26 -7.12 2.37 6.18
N ARG A 27 -7.35 3.38 7.03
CA ARG A 27 -6.36 4.44 7.37
C ARG A 27 -5.70 4.16 8.73
N GLU A 28 -6.21 3.13 9.42
CA GLU A 28 -5.77 2.75 10.78
C GLU A 28 -4.31 2.28 10.81
N ALA A 29 -3.66 2.46 11.97
CA ALA A 29 -2.26 2.06 12.23
C ALA A 29 -1.27 2.53 11.11
N PRO A 30 -1.06 3.88 10.93
CA PRO A 30 -0.12 4.42 9.92
C PRO A 30 1.36 4.10 10.25
N GLU A 31 1.65 3.82 11.54
CA GLU A 31 2.96 3.33 12.00
C GLU A 31 3.24 1.91 11.47
N LYS A 32 2.15 1.17 11.13
CA LYS A 32 2.22 -0.20 10.60
C LYS A 32 1.84 -0.24 9.10
N GLN A 33 1.66 0.94 8.48
CA GLN A 33 1.46 1.07 7.02
C GLN A 33 2.79 1.40 6.34
N LEU A 34 3.07 0.66 5.25
CA LEU A 34 4.34 0.74 4.49
C LEU A 34 4.01 0.86 2.99
N LEU A 35 4.59 1.88 2.35
CA LEU A 35 4.41 2.17 0.92
C LEU A 35 5.45 1.42 0.08
N CYS A 36 4.98 0.47 -0.75
CA CYS A 36 5.85 -0.18 -1.77
C CYS A 36 6.17 0.85 -2.85
N ASP A 37 7.47 1.03 -3.12
CA ASP A 37 7.98 2.16 -3.95
C ASP A 37 7.33 2.20 -5.36
N GLU A 38 7.62 1.20 -6.20
CA GLU A 38 7.25 1.23 -7.64
C GLU A 38 5.72 1.06 -7.85
N CYS A 39 5.06 0.37 -6.88
CA CYS A 39 3.59 0.20 -6.87
C CYS A 39 2.86 1.47 -6.32
N ASP A 40 3.59 2.25 -5.48
CA ASP A 40 3.06 3.46 -4.79
C ASP A 40 1.83 3.13 -3.92
N MET A 41 1.86 1.95 -3.29
CA MET A 41 0.68 1.37 -2.63
C MET A 41 0.99 1.09 -1.15
N ALA A 42 0.09 1.53 -0.25
CA ALA A 42 0.22 1.33 1.20
C ALA A 42 -0.32 -0.05 1.62
N PHE A 43 0.49 -0.78 2.38
CA PHE A 43 0.18 -2.10 2.91
C PHE A 43 0.48 -2.13 4.41
N HIS A 44 -0.47 -2.64 5.23
CA HIS A 44 -0.15 -3.04 6.61
C HIS A 44 0.83 -4.22 6.59
N LEU A 45 1.54 -4.42 7.71
CA LEU A 45 2.35 -5.62 7.92
C LEU A 45 1.47 -6.89 7.84
N TYR A 46 0.24 -6.79 8.36
CA TYR A 46 -0.75 -7.89 8.32
C TYR A 46 -1.45 -7.95 6.93
N CYS A 47 -1.28 -6.91 6.10
CA CYS A 47 -1.79 -6.86 4.71
C CYS A 47 -0.69 -7.30 3.72
N LEU A 48 0.25 -8.14 4.20
CA LEU A 48 1.32 -8.74 3.38
C LEU A 48 1.09 -10.26 3.19
N LYS A 49 2.08 -10.94 2.59
CA LYS A 49 2.04 -12.39 2.32
C LYS A 49 3.45 -12.98 2.51
N PRO A 50 3.80 -13.54 3.72
CA PRO A 50 2.88 -13.69 4.88
C PRO A 50 2.79 -12.41 5.76
N PRO A 51 1.64 -12.23 6.49
CA PRO A 51 1.47 -11.14 7.49
C PRO A 51 2.61 -11.05 8.52
N LEU A 52 3.40 -9.97 8.43
CA LEU A 52 4.47 -9.64 9.41
C LEU A 52 3.84 -8.98 10.67
N THR A 53 4.64 -8.86 11.74
CA THR A 53 4.20 -8.21 13.00
C THR A 53 4.47 -6.69 12.98
N SER A 54 5.72 -6.30 12.67
CA SER A 54 6.18 -4.89 12.72
C SER A 54 7.10 -4.57 11.52
N VAL A 55 7.41 -3.27 11.34
CA VAL A 55 8.22 -2.78 10.21
C VAL A 55 9.63 -3.45 10.24
N PRO A 56 10.00 -4.24 9.18
CA PRO A 56 11.32 -4.91 9.12
C PRO A 56 12.47 -3.90 8.85
N PRO A 57 13.74 -4.19 9.28
CA PRO A 57 14.92 -3.28 9.10
C PRO A 57 15.52 -3.34 7.68
N GLU A 58 14.73 -3.86 6.71
CA GLU A 58 15.11 -3.95 5.29
C GLU A 58 15.51 -2.55 4.73
N PRO A 59 16.74 -2.43 4.12
CA PRO A 59 17.22 -1.15 3.51
C PRO A 59 16.50 -0.82 2.17
N GLU A 60 15.63 -1.75 1.75
CA GLU A 60 14.74 -1.61 0.60
C GLU A 60 13.46 -2.40 0.91
N TRP A 61 12.29 -1.81 0.66
CA TRP A 61 11.00 -2.47 0.97
C TRP A 61 10.09 -2.40 -0.26
N TYR A 62 9.63 -3.59 -0.68
CA TYR A 62 8.60 -3.76 -1.72
C TYR A 62 7.55 -4.77 -1.20
N CYS A 63 6.37 -4.79 -1.82
CA CYS A 63 5.25 -5.67 -1.40
C CYS A 63 5.57 -7.15 -1.75
N PRO A 64 4.87 -8.16 -1.13
CA PRO A 64 5.06 -9.59 -1.47
C PRO A 64 4.79 -9.89 -2.96
N SER A 65 3.90 -9.08 -3.59
CA SER A 65 3.56 -9.20 -5.03
C SER A 65 4.78 -8.86 -5.93
N CYS A 66 5.79 -8.18 -5.37
CA CYS A 66 7.03 -7.83 -6.08
C CYS A 66 8.08 -8.97 -6.10
N ARG A 67 7.77 -10.13 -5.44
CA ARG A 67 8.68 -11.31 -5.42
C ARG A 67 7.92 -12.61 -5.80
N THR A 68 6.66 -12.70 -5.36
CA THR A 68 5.79 -13.89 -5.53
C THR A 68 4.33 -13.42 -5.63
N ASP A 69 3.42 -14.26 -6.17
CA ASP A 69 1.96 -13.95 -6.23
C ASP A 69 1.70 -12.64 -7.05
N SER A 70 2.61 -12.38 -8.02
CA SER A 70 2.71 -11.09 -8.74
C SER A 70 1.49 -10.80 -9.65
N SER A 71 0.68 -11.85 -9.90
CA SER A 71 -0.54 -11.74 -10.70
C SER A 71 -1.65 -10.99 -9.92
N GLU A 72 -1.51 -9.65 -9.90
CA GLU A 72 -2.46 -8.74 -9.24
C GLU A 72 -3.16 -7.87 -10.29
N VAL A 73 -4.00 -6.93 -9.83
CA VAL A 73 -4.61 -5.90 -10.69
C VAL A 73 -3.54 -4.98 -11.30
N VAL A 74 -3.83 -4.40 -12.47
CA VAL A 74 -2.92 -3.48 -13.16
C VAL A 74 -2.75 -2.18 -12.33
N GLN A 75 -1.50 -1.67 -12.28
CA GLN A 75 -1.14 -0.46 -11.52
C GLN A 75 -0.24 0.42 -12.42
N ALA A 76 -0.58 1.72 -12.51
CA ALA A 76 0.20 2.68 -13.33
C ALA A 76 1.46 3.13 -12.58
N GLY A 77 2.41 3.70 -13.33
CA GLY A 77 3.72 4.11 -12.78
C GLY A 77 4.78 3.04 -12.97
N GLU A 78 4.38 1.86 -13.49
CA GLU A 78 5.29 0.74 -13.80
C GLU A 78 4.58 -0.21 -14.81
N SER A 1 -2.44 24.69 0.55
CA SER A 1 -0.98 24.58 0.36
C SER A 1 -0.33 23.49 1.26
N GLY A 2 -1.14 22.86 2.15
CA GLY A 2 -0.71 21.70 2.94
C GLY A 2 -0.65 20.40 2.11
N PRO A 3 -0.76 19.19 2.74
CA PRO A 3 -0.75 17.89 2.02
C PRO A 3 -2.16 17.49 1.50
N SER A 4 -2.83 18.46 0.87
CA SER A 4 -4.21 18.32 0.37
C SER A 4 -4.35 17.16 -0.64
N CYS A 5 -5.24 16.20 -0.32
CA CYS A 5 -5.46 15.02 -1.17
C CYS A 5 -6.24 15.39 -2.44
N ARG A 6 -5.48 15.63 -3.53
CA ARG A 6 -6.04 15.96 -4.85
C ARG A 6 -6.42 14.67 -5.62
N PHE A 7 -5.70 13.56 -5.36
CA PHE A 7 -5.94 12.28 -6.05
C PHE A 7 -7.16 11.56 -5.48
N CYS A 8 -7.33 11.63 -4.16
CA CYS A 8 -8.44 10.96 -3.45
C CYS A 8 -9.78 11.65 -3.71
N LYS A 9 -9.71 12.95 -4.15
CA LYS A 9 -10.87 13.76 -4.63
C LYS A 9 -11.88 14.11 -3.49
N ASP A 10 -11.66 13.55 -2.28
CA ASP A 10 -12.61 13.54 -1.16
C ASP A 10 -13.99 13.01 -1.61
N ASP A 11 -14.11 11.67 -1.69
CA ASP A 11 -15.33 10.99 -2.17
C ASP A 11 -16.47 11.06 -1.13
N GLU A 12 -17.71 10.89 -1.63
CA GLU A 12 -18.96 10.94 -0.86
C GLU A 12 -18.96 9.94 0.31
N ASN A 13 -18.50 8.73 0.03
CA ASN A 13 -18.54 7.61 0.97
C ASN A 13 -17.26 7.60 1.82
N LYS A 14 -16.09 7.58 1.13
CA LYS A 14 -14.76 7.44 1.77
C LYS A 14 -13.81 8.49 1.17
N PRO A 15 -13.32 9.50 1.98
CA PRO A 15 -12.44 10.58 1.48
C PRO A 15 -11.18 10.04 0.76
N CYS A 16 -10.50 9.06 1.38
CA CYS A 16 -9.24 8.47 0.85
C CYS A 16 -9.43 7.01 0.38
N ARG A 17 -9.43 6.81 -0.95
CA ARG A 17 -9.28 5.48 -1.57
C ARG A 17 -8.21 5.54 -2.69
N LYS A 18 -7.30 6.54 -2.60
CA LYS A 18 -6.20 6.76 -3.58
C LYS A 18 -4.84 6.99 -2.89
N CYS A 19 -4.77 6.87 -1.54
CA CYS A 19 -3.48 6.95 -0.79
C CYS A 19 -3.50 6.14 0.52
N ALA A 20 -4.61 5.39 0.76
CA ALA A 20 -4.74 4.48 1.91
C ALA A 20 -4.14 3.10 1.57
N CYS A 21 -4.20 2.16 2.53
CA CYS A 21 -3.90 0.73 2.27
C CYS A 21 -5.15 0.07 1.68
N HIS A 22 -5.19 0.03 0.33
CA HIS A 22 -6.39 -0.34 -0.43
C HIS A 22 -6.62 -1.86 -0.46
N VAL A 23 -5.66 -2.62 0.08
CA VAL A 23 -5.74 -4.09 0.21
C VAL A 23 -6.88 -4.49 1.19
N CYS A 24 -7.19 -3.57 2.12
CA CYS A 24 -8.32 -3.70 3.07
C CYS A 24 -9.21 -2.43 3.03
N GLY A 25 -8.75 -1.41 2.26
CA GLY A 25 -9.39 -0.08 2.25
C GLY A 25 -9.26 0.64 3.60
N GLY A 26 -8.18 0.33 4.33
CA GLY A 26 -8.00 0.78 5.71
C GLY A 26 -6.82 1.73 5.87
N ARG A 27 -6.97 2.67 6.82
CA ARG A 27 -5.92 3.63 7.22
C ARG A 27 -5.47 3.35 8.67
N GLU A 28 -5.80 2.14 9.15
CA GLU A 28 -5.64 1.71 10.55
C GLU A 28 -4.15 1.71 10.98
N ALA A 29 -3.75 2.73 11.76
CA ALA A 29 -2.36 2.91 12.21
C ALA A 29 -1.42 3.21 11.01
N PRO A 30 -1.28 4.51 10.59
CA PRO A 30 -0.34 4.93 9.51
C PRO A 30 1.14 4.63 9.86
N GLU A 31 1.41 4.45 11.16
CA GLU A 31 2.71 3.97 11.69
C GLU A 31 3.09 2.58 11.12
N LYS A 32 2.07 1.75 10.85
CA LYS A 32 2.24 0.37 10.38
C LYS A 32 1.82 0.22 8.90
N GLN A 33 1.58 1.35 8.20
CA GLN A 33 1.38 1.36 6.74
C GLN A 33 2.72 1.61 6.05
N LEU A 34 3.35 0.52 5.60
CA LEU A 34 4.59 0.58 4.81
C LEU A 34 4.25 0.77 3.33
N LEU A 35 4.77 1.84 2.74
CA LEU A 35 4.56 2.19 1.33
C LEU A 35 5.62 1.50 0.48
N CYS A 36 5.20 0.54 -0.37
CA CYS A 36 6.10 -0.08 -1.35
C CYS A 36 6.54 0.95 -2.38
N ASP A 37 7.82 1.30 -2.35
CA ASP A 37 8.42 2.32 -3.25
C ASP A 37 8.13 2.00 -4.74
N GLU A 38 8.28 0.70 -5.06
CA GLU A 38 8.01 0.15 -6.42
C GLU A 38 6.58 0.45 -6.91
N CYS A 39 5.59 0.37 -5.99
CA CYS A 39 4.15 0.39 -6.35
C CYS A 39 3.43 1.69 -5.89
N ASP A 40 4.14 2.51 -5.07
CA ASP A 40 3.58 3.73 -4.39
C ASP A 40 2.33 3.43 -3.51
N MET A 41 2.11 2.15 -3.18
CA MET A 41 0.92 1.69 -2.45
C MET A 41 1.28 1.40 -0.99
N ALA A 42 0.36 1.75 -0.09
CA ALA A 42 0.49 1.52 1.36
C ALA A 42 -0.04 0.12 1.69
N PHE A 43 0.67 -0.59 2.56
CA PHE A 43 0.31 -1.94 3.04
C PHE A 43 0.50 -1.98 4.55
N HIS A 44 -0.51 -2.48 5.28
CA HIS A 44 -0.36 -2.81 6.70
C HIS A 44 0.53 -4.05 6.87
N LEU A 45 1.23 -4.15 8.00
CA LEU A 45 2.05 -5.33 8.37
C LEU A 45 1.23 -6.63 8.28
N TYR A 46 -0.05 -6.53 8.64
CA TYR A 46 -0.98 -7.68 8.74
C TYR A 46 -1.72 -7.89 7.40
N CYS A 47 -1.49 -6.99 6.42
CA CYS A 47 -2.04 -7.08 5.04
C CYS A 47 -0.99 -7.63 4.06
N LEU A 48 0.08 -8.22 4.62
CA LEU A 48 1.18 -8.83 3.83
C LEU A 48 0.96 -10.34 3.69
N LYS A 49 1.93 -11.04 3.08
CA LYS A 49 1.87 -12.49 2.88
C LYS A 49 3.31 -13.04 2.74
N PRO A 50 3.95 -13.62 3.83
CA PRO A 50 3.32 -13.81 5.17
C PRO A 50 3.12 -12.48 5.97
N PRO A 51 1.95 -12.31 6.68
CA PRO A 51 1.66 -11.11 7.50
C PRO A 51 2.66 -10.95 8.67
N LEU A 52 3.39 -9.83 8.66
CA LEU A 52 4.40 -9.52 9.68
C LEU A 52 3.76 -8.90 10.93
N THR A 53 4.38 -9.17 12.09
CA THR A 53 3.98 -8.58 13.37
C THR A 53 4.78 -7.29 13.63
N SER A 54 5.97 -7.21 13.02
CA SER A 54 6.94 -6.12 13.22
C SER A 54 7.38 -5.54 11.87
N VAL A 55 7.89 -4.28 11.87
CA VAL A 55 8.41 -3.63 10.65
C VAL A 55 9.82 -4.21 10.29
N PRO A 56 10.03 -4.70 9.03
CA PRO A 56 11.36 -5.18 8.58
C PRO A 56 12.34 -4.00 8.33
N PRO A 57 13.68 -4.19 8.57
CA PRO A 57 14.69 -3.11 8.42
C PRO A 57 15.15 -2.89 6.94
N GLU A 58 14.46 -3.52 5.98
CA GLU A 58 14.81 -3.48 4.56
C GLU A 58 14.60 -2.05 3.95
N PRO A 59 15.68 -1.42 3.36
CA PRO A 59 15.59 -0.07 2.75
C PRO A 59 14.74 -0.07 1.46
N GLU A 60 14.93 -1.10 0.61
CA GLU A 60 14.14 -1.31 -0.62
C GLU A 60 12.93 -2.21 -0.27
N TRP A 61 11.95 -1.65 0.48
CA TRP A 61 10.77 -2.39 0.94
C TRP A 61 9.86 -2.69 -0.27
N TYR A 62 9.96 -3.93 -0.77
CA TYR A 62 9.13 -4.44 -1.85
C TYR A 62 8.06 -5.36 -1.25
N CYS A 63 6.78 -4.97 -1.46
CA CYS A 63 5.59 -5.75 -1.06
C CYS A 63 5.65 -7.19 -1.63
N PRO A 64 5.01 -8.21 -0.95
CA PRO A 64 4.98 -9.62 -1.45
C PRO A 64 4.43 -9.73 -2.90
N SER A 65 3.59 -8.74 -3.28
CA SER A 65 3.04 -8.62 -4.65
C SER A 65 4.16 -8.51 -5.72
N CYS A 66 5.24 -7.78 -5.35
CA CYS A 66 6.42 -7.55 -6.23
C CYS A 66 7.12 -8.87 -6.63
N ARG A 67 7.07 -9.90 -5.74
CA ARG A 67 7.72 -11.21 -6.02
C ARG A 67 6.70 -12.28 -6.44
N THR A 68 5.42 -12.08 -6.11
CA THR A 68 4.36 -13.09 -6.36
C THR A 68 3.82 -12.96 -7.79
N ASP A 69 3.16 -14.02 -8.27
CA ASP A 69 2.67 -14.11 -9.67
C ASP A 69 1.45 -13.21 -9.90
N SER A 70 0.49 -13.26 -8.95
CA SER A 70 -0.81 -12.60 -9.09
C SER A 70 -0.69 -11.13 -8.65
N SER A 71 -0.07 -10.34 -9.53
CA SER A 71 0.13 -8.90 -9.37
C SER A 71 0.13 -8.24 -10.75
N GLU A 72 -0.45 -7.03 -10.84
CA GLU A 72 -0.49 -6.23 -12.08
C GLU A 72 0.88 -5.60 -12.35
N VAL A 73 1.21 -5.44 -13.64
CA VAL A 73 2.51 -4.91 -14.08
C VAL A 73 2.68 -3.44 -13.66
N VAL A 74 3.87 -3.12 -13.12
CA VAL A 74 4.25 -1.75 -12.75
C VAL A 74 4.96 -1.11 -13.94
N GLN A 75 4.37 -0.03 -14.49
CA GLN A 75 4.88 0.64 -15.70
C GLN A 75 6.29 1.22 -15.47
N ALA A 76 7.20 0.96 -16.44
CA ALA A 76 8.57 1.49 -16.44
C ALA A 76 8.57 3.00 -16.80
N GLY A 77 9.71 3.65 -16.58
CA GLY A 77 9.82 5.11 -16.67
C GLY A 77 9.65 5.75 -15.31
N GLU A 78 10.24 5.10 -14.30
CA GLU A 78 10.26 5.58 -12.91
C GLU A 78 11.51 6.46 -12.70
N SER A 1 -9.25 24.03 2.09
CA SER A 1 -8.28 24.06 3.21
C SER A 1 -7.89 22.63 3.63
N GLY A 2 -8.72 21.65 3.22
CA GLY A 2 -8.47 20.24 3.49
C GLY A 2 -7.39 19.63 2.60
N PRO A 3 -7.08 18.30 2.73
CA PRO A 3 -6.06 17.63 1.90
C PRO A 3 -6.41 17.64 0.40
N SER A 4 -5.58 18.34 -0.40
CA SER A 4 -5.71 18.40 -1.86
C SER A 4 -5.61 16.98 -2.45
N CYS A 5 -6.76 16.46 -2.91
CA CYS A 5 -6.92 15.09 -3.38
C CYS A 5 -7.72 15.05 -4.68
N ARG A 6 -6.99 15.03 -5.81
CA ARG A 6 -7.58 15.02 -7.16
C ARG A 6 -8.19 13.65 -7.53
N PHE A 7 -7.50 12.57 -7.14
CA PHE A 7 -7.95 11.18 -7.41
C PHE A 7 -8.97 10.69 -6.37
N CYS A 8 -8.98 11.33 -5.17
CA CYS A 8 -10.02 11.05 -4.15
C CYS A 8 -11.21 12.03 -4.31
N LYS A 9 -11.15 12.90 -5.36
CA LYS A 9 -12.24 13.86 -5.73
C LYS A 9 -12.59 14.85 -4.59
N ASP A 10 -11.64 15.01 -3.64
CA ASP A 10 -11.77 15.89 -2.46
C ASP A 10 -12.97 15.49 -1.57
N ASP A 11 -13.21 14.16 -1.46
CA ASP A 11 -14.17 13.61 -0.49
C ASP A 11 -13.70 13.94 0.95
N GLU A 12 -14.19 15.08 1.44
CA GLU A 12 -13.74 15.72 2.69
C GLU A 12 -14.34 15.05 3.95
N ASN A 13 -15.38 14.24 3.77
CA ASN A 13 -16.11 13.57 4.88
C ASN A 13 -15.90 12.04 4.83
N LYS A 14 -15.23 11.56 3.76
CA LYS A 14 -15.21 10.13 3.40
C LYS A 14 -13.75 9.60 3.34
N PRO A 15 -13.53 8.25 3.57
CA PRO A 15 -12.19 7.63 3.55
C PRO A 15 -11.43 7.83 2.22
N CYS A 16 -10.12 8.10 2.35
CA CYS A 16 -9.22 8.41 1.23
C CYS A 16 -8.76 7.11 0.55
N ARG A 17 -9.28 6.83 -0.64
CA ARG A 17 -8.98 5.60 -1.43
C ARG A 17 -7.52 5.63 -1.94
N LYS A 18 -7.13 6.79 -2.49
CA LYS A 18 -5.81 7.02 -3.12
C LYS A 18 -4.74 7.46 -2.08
N CYS A 19 -5.02 7.22 -0.78
CA CYS A 19 -4.07 7.57 0.31
C CYS A 19 -4.07 6.49 1.40
N ALA A 20 -4.78 5.37 1.15
CA ALA A 20 -4.98 4.30 2.14
C ALA A 20 -4.22 3.02 1.79
N CYS A 21 -4.33 2.04 2.69
CA CYS A 21 -3.94 0.64 2.44
C CYS A 21 -5.08 -0.06 1.67
N HIS A 22 -4.90 -0.21 0.34
CA HIS A 22 -5.96 -0.60 -0.61
C HIS A 22 -6.51 -2.02 -0.31
N VAL A 23 -5.68 -2.86 0.33
CA VAL A 23 -6.05 -4.24 0.68
C VAL A 23 -7.31 -4.29 1.57
N CYS A 24 -7.43 -3.33 2.51
CA CYS A 24 -8.55 -3.26 3.47
C CYS A 24 -9.22 -1.87 3.47
N GLY A 25 -8.75 -0.97 2.58
CA GLY A 25 -9.31 0.39 2.44
C GLY A 25 -9.30 1.24 3.72
N GLY A 26 -8.10 1.48 4.28
CA GLY A 26 -7.97 2.25 5.52
C GLY A 26 -6.57 2.83 5.71
N ARG A 27 -6.49 4.10 6.19
CA ARG A 27 -5.21 4.79 6.55
C ARG A 27 -4.85 4.53 8.02
N GLU A 28 -5.66 3.67 8.66
CA GLU A 28 -5.58 3.32 10.08
C GLU A 28 -4.20 2.74 10.44
N ALA A 29 -3.61 3.21 11.55
CA ALA A 29 -2.27 2.79 12.03
C ALA A 29 -1.18 2.91 10.93
N PRO A 30 -0.77 4.19 10.56
CA PRO A 30 0.25 4.45 9.50
C PRO A 30 1.64 3.89 9.88
N GLU A 31 1.85 3.82 11.20
CA GLU A 31 3.02 3.17 11.84
C GLU A 31 3.31 1.76 11.29
N LYS A 32 2.24 1.03 10.98
CA LYS A 32 2.31 -0.38 10.54
C LYS A 32 1.93 -0.53 9.05
N GLN A 33 1.86 0.59 8.31
CA GLN A 33 1.60 0.56 6.85
C GLN A 33 2.92 0.77 6.10
N LEU A 34 3.44 -0.32 5.51
CA LEU A 34 4.59 -0.28 4.62
C LEU A 34 4.14 0.13 3.21
N LEU A 35 4.65 1.28 2.74
CA LEU A 35 4.29 1.84 1.42
C LEU A 35 5.25 1.25 0.37
N CYS A 36 4.71 0.39 -0.50
CA CYS A 36 5.45 -0.22 -1.62
C CYS A 36 5.74 0.86 -2.66
N ASP A 37 7.03 1.08 -2.93
CA ASP A 37 7.52 2.17 -3.80
C ASP A 37 6.84 2.18 -5.19
N GLU A 38 7.05 1.12 -5.96
CA GLU A 38 6.64 1.02 -7.37
C GLU A 38 5.09 0.85 -7.53
N CYS A 39 4.43 0.35 -6.47
CA CYS A 39 2.94 0.26 -6.39
C CYS A 39 2.33 1.61 -6.03
N ASP A 40 3.12 2.43 -5.28
CA ASP A 40 2.69 3.73 -4.73
C ASP A 40 1.49 3.53 -3.76
N MET A 41 1.54 2.42 -2.99
CA MET A 41 0.39 1.98 -2.18
C MET A 41 0.86 1.48 -0.80
N ALA A 42 0.16 1.93 0.26
CA ALA A 42 0.38 1.49 1.64
C ALA A 42 -0.19 0.08 1.84
N PHE A 43 0.51 -0.72 2.64
CA PHE A 43 0.09 -2.10 2.97
C PHE A 43 0.42 -2.37 4.44
N HIS A 44 -0.61 -2.68 5.26
CA HIS A 44 -0.40 -3.11 6.67
C HIS A 44 0.48 -4.34 6.76
N LEU A 45 1.15 -4.49 7.91
CA LEU A 45 1.92 -5.69 8.25
C LEU A 45 1.05 -6.95 8.13
N TYR A 46 -0.19 -6.87 8.69
CA TYR A 46 -1.17 -7.98 8.68
C TYR A 46 -1.99 -8.04 7.36
N CYS A 47 -1.64 -7.20 6.37
CA CYS A 47 -2.24 -7.21 5.01
C CYS A 47 -1.21 -7.71 3.97
N LEU A 48 -0.19 -8.45 4.46
CA LEU A 48 0.91 -8.99 3.62
C LEU A 48 0.82 -10.52 3.52
N LYS A 49 1.85 -11.14 2.86
CA LYS A 49 1.88 -12.58 2.61
C LYS A 49 3.35 -13.04 2.50
N PRO A 50 4.00 -13.57 3.61
CA PRO A 50 3.39 -13.80 4.94
C PRO A 50 3.25 -12.48 5.75
N PRO A 51 2.17 -12.34 6.59
CA PRO A 51 1.89 -11.09 7.34
C PRO A 51 2.90 -10.86 8.48
N LEU A 52 3.50 -9.67 8.51
CA LEU A 52 4.51 -9.29 9.50
C LEU A 52 3.86 -8.89 10.83
N THR A 53 4.60 -9.06 11.92
CA THR A 53 4.23 -8.61 13.27
C THR A 53 5.04 -7.37 13.69
N SER A 54 6.00 -6.96 12.83
CA SER A 54 6.86 -5.79 13.06
C SER A 54 7.38 -5.24 11.73
N VAL A 55 7.80 -3.97 11.73
CA VAL A 55 8.43 -3.31 10.57
C VAL A 55 9.90 -3.80 10.43
N PRO A 56 10.33 -4.27 9.20
CA PRO A 56 11.72 -4.74 8.97
C PRO A 56 12.76 -3.59 9.08
N PRO A 57 14.06 -3.92 9.42
CA PRO A 57 15.16 -2.91 9.40
C PRO A 57 15.78 -2.74 7.99
N GLU A 58 15.18 -3.42 7.00
CA GLU A 58 15.64 -3.42 5.60
C GLU A 58 15.46 -2.02 4.96
N PRO A 59 16.49 -1.49 4.23
CA PRO A 59 16.39 -0.19 3.53
C PRO A 59 15.42 -0.27 2.33
N GLU A 60 15.39 -1.44 1.70
CA GLU A 60 14.44 -1.78 0.62
C GLU A 60 13.19 -2.41 1.21
N TRP A 61 12.06 -2.26 0.50
CA TRP A 61 10.86 -3.04 0.75
C TRP A 61 9.92 -2.96 -0.48
N TYR A 62 9.50 -4.15 -0.96
CA TYR A 62 8.58 -4.34 -2.08
C TYR A 62 7.57 -5.44 -1.66
N CYS A 63 6.26 -5.22 -1.92
CA CYS A 63 5.18 -6.13 -1.44
C CYS A 63 5.30 -7.55 -2.07
N PRO A 64 4.68 -8.62 -1.44
CA PRO A 64 4.68 -10.03 -1.94
C PRO A 64 4.63 -10.20 -3.48
N SER A 65 3.68 -9.48 -4.12
CA SER A 65 3.43 -9.56 -5.58
C SER A 65 4.64 -9.08 -6.41
N CYS A 66 5.40 -8.11 -5.86
CA CYS A 66 6.59 -7.52 -6.51
C CYS A 66 7.85 -8.37 -6.32
N ARG A 67 8.12 -8.78 -5.08
CA ARG A 67 9.41 -9.42 -4.71
C ARG A 67 9.60 -10.81 -5.35
N THR A 68 8.48 -11.43 -5.74
CA THR A 68 8.47 -12.72 -6.46
C THR A 68 7.44 -12.65 -7.62
N ASP A 69 7.43 -13.68 -8.48
CA ASP A 69 6.49 -13.78 -9.62
C ASP A 69 5.12 -14.31 -9.14
N SER A 70 4.49 -13.54 -8.25
CA SER A 70 3.16 -13.86 -7.68
C SER A 70 2.08 -12.90 -8.26
N SER A 71 2.53 -11.86 -8.98
CA SER A 71 1.65 -10.92 -9.70
C SER A 71 1.59 -11.29 -11.19
N GLU A 72 0.78 -10.56 -11.95
CA GLU A 72 0.73 -10.64 -13.41
C GLU A 72 1.60 -9.50 -14.00
N VAL A 73 2.14 -9.73 -15.21
CA VAL A 73 2.96 -8.75 -15.94
C VAL A 73 2.13 -7.50 -16.29
N VAL A 74 2.58 -6.32 -15.83
CA VAL A 74 1.98 -5.04 -16.24
C VAL A 74 2.41 -4.72 -17.69
N GLN A 75 1.51 -4.11 -18.47
CA GLN A 75 1.76 -3.84 -19.90
C GLN A 75 2.78 -2.68 -20.03
N ALA A 76 4.06 -3.04 -20.20
CA ALA A 76 5.16 -2.08 -20.41
C ALA A 76 5.11 -1.51 -21.84
N GLY A 77 5.87 -0.43 -22.06
CA GLY A 77 5.85 0.30 -23.33
C GLY A 77 4.57 1.11 -23.49
N GLU A 78 4.31 1.98 -22.52
CA GLU A 78 3.11 2.84 -22.50
C GLU A 78 3.25 3.98 -23.54
N SER A 1 -5.06 18.96 9.47
CA SER A 1 -4.22 17.77 9.23
C SER A 1 -5.09 16.53 8.98
N GLY A 2 -6.10 16.68 8.11
CA GLY A 2 -6.99 15.57 7.69
C GLY A 2 -6.27 14.52 6.84
N PRO A 3 -7.02 13.58 6.18
CA PRO A 3 -6.41 12.52 5.34
C PRO A 3 -5.61 13.11 4.15
N SER A 4 -4.27 13.03 4.25
CA SER A 4 -3.34 13.56 3.24
C SER A 4 -3.63 12.89 1.88
N CYS A 5 -4.08 13.72 0.94
CA CYS A 5 -4.62 13.28 -0.34
C CYS A 5 -4.25 14.29 -1.43
N ARG A 6 -3.16 14.01 -2.15
CA ARG A 6 -2.70 14.81 -3.30
C ARG A 6 -3.66 14.63 -4.50
N PHE A 7 -4.06 13.37 -4.76
CA PHE A 7 -4.96 13.02 -5.87
C PHE A 7 -6.42 13.40 -5.57
N CYS A 8 -6.85 13.13 -4.31
CA CYS A 8 -8.25 13.36 -3.87
C CYS A 8 -8.45 14.80 -3.35
N LYS A 9 -7.41 15.66 -3.50
CA LYS A 9 -7.46 17.12 -3.19
C LYS A 9 -7.69 17.41 -1.69
N ASP A 10 -7.39 16.41 -0.82
CA ASP A 10 -7.57 16.47 0.65
C ASP A 10 -9.06 16.60 1.06
N ASP A 11 -9.97 16.31 0.11
CA ASP A 11 -11.41 16.31 0.39
C ASP A 11 -11.79 15.08 1.22
N GLU A 12 -12.28 15.35 2.43
CA GLU A 12 -12.65 14.32 3.41
C GLU A 12 -14.01 13.69 3.05
N ASN A 13 -14.83 14.46 2.29
CA ASN A 13 -16.12 13.99 1.75
C ASN A 13 -15.91 12.85 0.73
N LYS A 14 -14.75 12.85 0.04
CA LYS A 14 -14.41 11.83 -0.97
C LYS A 14 -13.82 10.57 -0.29
N PRO A 15 -14.43 9.36 -0.53
CA PRO A 15 -13.88 8.08 -0.03
C PRO A 15 -12.64 7.64 -0.86
N CYS A 16 -11.66 7.00 -0.21
CA CYS A 16 -10.30 6.87 -0.75
C CYS A 16 -9.63 5.52 -0.43
N ARG A 17 -8.88 5.01 -1.42
CA ARG A 17 -8.03 3.80 -1.28
C ARG A 17 -6.70 3.92 -2.07
N LYS A 18 -6.59 4.95 -2.94
CA LYS A 18 -5.43 5.16 -3.82
C LYS A 18 -4.23 5.79 -3.08
N CYS A 19 -4.47 6.36 -1.88
CA CYS A 19 -3.40 6.84 -1.00
C CYS A 19 -3.34 5.97 0.28
N ALA A 20 -4.32 5.06 0.41
CA ALA A 20 -4.48 4.19 1.58
C ALA A 20 -3.78 2.84 1.35
N CYS A 21 -3.84 1.98 2.38
CA CYS A 21 -3.40 0.58 2.26
C CYS A 21 -4.41 -0.18 1.41
N HIS A 22 -4.08 -0.32 0.11
CA HIS A 22 -5.03 -0.65 -0.98
C HIS A 22 -5.66 -2.04 -0.80
N VAL A 23 -4.92 -2.93 -0.12
CA VAL A 23 -5.34 -4.32 0.12
C VAL A 23 -6.56 -4.41 1.09
N CYS A 24 -6.79 -3.36 1.89
CA CYS A 24 -8.03 -3.23 2.74
C CYS A 24 -8.70 -1.85 2.50
N GLY A 25 -8.06 -1.03 1.63
CA GLY A 25 -8.51 0.34 1.34
C GLY A 25 -8.58 1.27 2.56
N GLY A 26 -7.81 0.95 3.61
CA GLY A 26 -7.93 1.63 4.91
C GLY A 26 -6.74 2.51 5.27
N ARG A 27 -7.03 3.68 5.90
CA ARG A 27 -6.02 4.59 6.52
C ARG A 27 -5.90 4.29 8.02
N GLU A 28 -6.29 3.06 8.38
CA GLU A 28 -6.19 2.52 9.74
C GLU A 28 -4.71 2.35 10.12
N ALA A 29 -4.43 2.02 11.41
CA ALA A 29 -3.08 1.67 11.93
C ALA A 29 -1.91 2.38 11.19
N PRO A 30 -1.77 3.74 11.34
CA PRO A 30 -0.94 4.59 10.44
C PRO A 30 0.55 4.18 10.35
N GLU A 31 1.09 3.68 11.47
CA GLU A 31 2.49 3.21 11.55
C GLU A 31 2.71 1.91 10.77
N LYS A 32 1.68 1.03 10.76
CA LYS A 32 1.75 -0.29 10.11
C LYS A 32 1.67 -0.16 8.58
N GLN A 33 1.13 0.98 8.08
CA GLN A 33 1.02 1.25 6.64
C GLN A 33 2.41 1.51 6.02
N LEU A 34 3.09 0.42 5.64
CA LEU A 34 4.40 0.48 4.97
C LEU A 34 4.23 0.75 3.48
N LEU A 35 4.97 1.76 3.00
CA LEU A 35 4.90 2.22 1.61
C LEU A 35 5.86 1.40 0.73
N CYS A 36 5.31 0.80 -0.35
CA CYS A 36 6.09 0.06 -1.36
C CYS A 36 6.36 1.02 -2.52
N ASP A 37 7.63 1.48 -2.62
CA ASP A 37 8.05 2.58 -3.54
C ASP A 37 7.53 2.39 -4.98
N GLU A 38 7.74 1.20 -5.54
CA GLU A 38 7.36 0.85 -6.92
C GLU A 38 5.81 0.83 -7.09
N CYS A 39 5.09 0.27 -6.10
CA CYS A 39 3.61 0.19 -6.14
C CYS A 39 2.96 1.55 -5.84
N ASP A 40 3.70 2.42 -5.11
CA ASP A 40 3.21 3.71 -4.55
C ASP A 40 2.08 3.51 -3.51
N MET A 41 1.92 2.27 -3.01
CA MET A 41 0.79 1.92 -2.12
C MET A 41 1.30 1.56 -0.73
N ALA A 42 0.46 1.89 0.27
CA ALA A 42 0.68 1.52 1.67
C ALA A 42 0.20 0.07 1.90
N PHE A 43 0.80 -0.62 2.88
CA PHE A 43 0.46 -2.02 3.20
C PHE A 43 0.68 -2.27 4.70
N HIS A 44 -0.39 -2.62 5.43
CA HIS A 44 -0.30 -3.02 6.85
C HIS A 44 0.49 -4.34 6.97
N LEU A 45 1.23 -4.50 8.09
CA LEU A 45 2.00 -5.73 8.40
C LEU A 45 1.09 -6.99 8.40
N TYR A 46 -0.09 -6.85 9.02
CA TYR A 46 -1.09 -7.94 9.09
C TYR A 46 -1.89 -8.09 7.76
N CYS A 47 -1.74 -7.11 6.84
CA CYS A 47 -2.34 -7.18 5.48
C CYS A 47 -1.36 -7.81 4.46
N LEU A 48 -0.19 -8.27 4.92
CA LEU A 48 0.80 -8.94 4.04
C LEU A 48 0.50 -10.44 3.96
N LYS A 49 1.27 -11.16 3.12
CA LYS A 49 1.14 -12.61 2.97
C LYS A 49 2.53 -13.20 2.65
N PRO A 50 3.31 -13.73 3.66
CA PRO A 50 2.86 -13.92 5.08
C PRO A 50 2.75 -12.60 5.88
N PRO A 51 1.70 -12.45 6.76
CA PRO A 51 1.58 -11.29 7.65
C PRO A 51 2.79 -11.16 8.59
N LEU A 52 3.53 -10.07 8.45
CA LEU A 52 4.70 -9.77 9.30
C LEU A 52 4.22 -9.18 10.63
N THR A 53 5.07 -9.30 11.66
CA THR A 53 4.82 -8.72 12.98
C THR A 53 5.80 -7.56 13.26
N SER A 54 6.79 -7.39 12.37
CA SER A 54 7.85 -6.38 12.51
C SER A 54 8.16 -5.74 11.15
N VAL A 55 8.49 -4.44 11.18
CA VAL A 55 8.95 -3.70 10.00
C VAL A 55 10.39 -4.17 9.63
N PRO A 56 10.61 -4.68 8.37
CA PRO A 56 11.97 -5.04 7.88
C PRO A 56 12.97 -3.86 7.95
N PRO A 57 14.25 -4.11 8.35
CA PRO A 57 15.30 -3.05 8.43
C PRO A 57 15.96 -2.75 7.06
N GLU A 58 15.37 -3.30 5.99
CA GLU A 58 15.88 -3.18 4.62
C GLU A 58 15.72 -1.73 4.09
N PRO A 59 16.72 -1.19 3.29
CA PRO A 59 16.72 0.23 2.83
C PRO A 59 15.60 0.54 1.80
N GLU A 60 15.15 -0.50 1.08
CA GLU A 60 14.08 -0.39 0.08
C GLU A 60 13.05 -1.51 0.31
N TRP A 61 11.95 -1.13 0.97
CA TRP A 61 10.88 -2.06 1.33
C TRP A 61 9.98 -2.36 0.11
N TYR A 62 9.67 -3.65 -0.08
CA TYR A 62 8.71 -4.11 -1.10
C TYR A 62 7.68 -5.03 -0.45
N CYS A 63 6.47 -5.01 -1.00
CA CYS A 63 5.35 -5.84 -0.53
C CYS A 63 5.48 -7.26 -1.10
N PRO A 64 5.00 -8.33 -0.37
CA PRO A 64 4.97 -9.72 -0.91
C PRO A 64 4.16 -9.84 -2.22
N SER A 65 3.18 -8.92 -2.41
CA SER A 65 2.35 -8.85 -3.63
C SER A 65 3.20 -8.53 -4.89
N CYS A 66 4.43 -8.00 -4.68
CA CYS A 66 5.45 -7.82 -5.73
C CYS A 66 6.03 -9.18 -6.19
N ARG A 67 6.50 -10.00 -5.22
CA ARG A 67 7.17 -11.29 -5.51
C ARG A 67 6.15 -12.40 -5.86
N THR A 68 4.86 -12.17 -5.56
CA THR A 68 3.78 -13.12 -5.88
C THR A 68 3.69 -13.33 -7.40
N ASP A 69 4.07 -14.55 -7.86
CA ASP A 69 4.01 -14.93 -9.29
C ASP A 69 2.54 -14.98 -9.77
N SER A 70 1.64 -15.30 -8.81
CA SER A 70 0.18 -15.34 -9.06
C SER A 70 -0.38 -13.95 -9.40
N SER A 71 0.36 -12.88 -9.02
CA SER A 71 0.00 -11.49 -9.33
C SER A 71 0.34 -11.16 -10.81
N GLU A 72 0.25 -9.88 -11.18
CA GLU A 72 0.50 -9.42 -12.57
C GLU A 72 1.93 -9.80 -13.02
N VAL A 73 2.01 -10.61 -14.10
CA VAL A 73 3.27 -11.18 -14.59
C VAL A 73 4.28 -10.07 -15.02
N VAL A 74 5.42 -10.04 -14.31
CA VAL A 74 6.54 -9.14 -14.63
C VAL A 74 7.37 -9.79 -15.75
N GLN A 75 7.77 -8.98 -16.74
CA GLN A 75 8.56 -9.44 -17.90
C GLN A 75 9.96 -9.91 -17.45
N ALA A 76 10.24 -11.22 -17.60
CA ALA A 76 11.55 -11.82 -17.27
C ALA A 76 12.63 -11.38 -18.28
N GLY A 77 13.91 -11.65 -17.95
CA GLY A 77 15.03 -11.16 -18.75
C GLY A 77 15.24 -9.66 -18.56
N GLU A 78 15.03 -9.22 -17.31
CA GLU A 78 15.13 -7.80 -16.90
C GLU A 78 16.57 -7.24 -17.10
N SER A 1 -6.16 23.75 3.75
CA SER A 1 -4.70 24.00 3.84
C SER A 1 -3.90 22.77 3.39
N GLY A 2 -4.43 21.57 3.67
CA GLY A 2 -3.86 20.31 3.19
C GLY A 2 -4.06 20.14 1.69
N PRO A 3 -3.16 19.38 0.97
CA PRO A 3 -3.24 19.18 -0.49
C PRO A 3 -4.60 18.58 -0.96
N SER A 4 -5.15 19.14 -2.05
CA SER A 4 -6.40 18.67 -2.66
C SER A 4 -6.23 17.23 -3.20
N CYS A 5 -7.05 16.31 -2.66
CA CYS A 5 -7.08 14.91 -3.09
C CYS A 5 -7.72 14.83 -4.50
N ARG A 6 -6.88 14.75 -5.53
CA ARG A 6 -7.37 14.78 -6.93
C ARG A 6 -8.14 13.50 -7.29
N PHE A 7 -7.54 12.35 -6.93
CA PHE A 7 -8.10 11.02 -7.25
C PHE A 7 -9.25 10.60 -6.31
N CYS A 8 -9.56 11.45 -5.29
CA CYS A 8 -10.61 11.12 -4.27
C CYS A 8 -11.56 12.33 -4.04
N LYS A 9 -11.32 13.46 -4.76
CA LYS A 9 -12.05 14.75 -4.62
C LYS A 9 -12.00 15.29 -3.15
N ASP A 10 -10.84 15.90 -2.82
CA ASP A 10 -10.52 16.56 -1.50
C ASP A 10 -11.26 15.97 -0.27
N ASP A 11 -11.28 14.62 -0.18
CA ASP A 11 -12.10 13.88 0.82
C ASP A 11 -11.55 13.99 2.26
N GLU A 12 -11.92 15.09 2.90
CA GLU A 12 -11.77 15.26 4.35
C GLU A 12 -12.94 14.54 5.07
N ASN A 13 -14.05 14.33 4.33
CA ASN A 13 -15.26 13.67 4.84
C ASN A 13 -15.07 12.15 4.86
N LYS A 14 -14.78 11.58 3.68
CA LYS A 14 -14.61 10.14 3.48
C LYS A 14 -13.13 9.73 3.68
N PRO A 15 -12.85 8.45 4.10
CA PRO A 15 -11.47 7.91 4.10
C PRO A 15 -11.02 7.54 2.66
N CYS A 16 -9.72 7.70 2.39
CA CYS A 16 -9.15 7.37 1.08
C CYS A 16 -8.89 5.86 0.94
N ARG A 17 -8.96 5.39 -0.32
CA ARG A 17 -8.48 4.06 -0.76
C ARG A 17 -7.26 4.26 -1.70
N LYS A 18 -7.21 5.44 -2.36
CA LYS A 18 -6.14 5.82 -3.31
C LYS A 18 -4.90 6.39 -2.60
N CYS A 19 -5.05 6.91 -1.38
CA CYS A 19 -3.91 7.45 -0.58
C CYS A 19 -3.57 6.52 0.60
N ALA A 20 -4.25 5.36 0.63
CA ALA A 20 -4.22 4.44 1.77
C ALA A 20 -3.54 3.12 1.40
N CYS A 21 -3.58 2.17 2.34
CA CYS A 21 -3.32 0.77 2.07
C CYS A 21 -4.47 0.22 1.21
N HIS A 22 -4.17 0.08 -0.10
CA HIS A 22 -5.16 -0.16 -1.17
C HIS A 22 -5.86 -1.53 -1.04
N VAL A 23 -5.23 -2.42 -0.25
CA VAL A 23 -5.69 -3.81 -0.03
C VAL A 23 -7.06 -3.82 0.66
N CYS A 24 -7.20 -2.97 1.70
CA CYS A 24 -8.42 -2.87 2.51
C CYS A 24 -9.07 -1.48 2.37
N GLY A 25 -8.37 -0.56 1.65
CA GLY A 25 -8.82 0.82 1.48
C GLY A 25 -8.89 1.59 2.80
N GLY A 26 -7.82 1.45 3.61
CA GLY A 26 -7.80 2.02 4.97
C GLY A 26 -6.41 2.44 5.42
N ARG A 27 -6.38 3.49 6.26
CA ARG A 27 -5.15 4.03 6.88
C ARG A 27 -5.10 3.65 8.38
N GLU A 28 -6.01 2.77 8.78
CA GLU A 28 -6.25 2.38 10.18
C GLU A 28 -5.05 1.59 10.73
N ALA A 29 -4.22 2.31 11.53
CA ALA A 29 -2.85 1.93 11.96
C ALA A 29 -1.80 2.31 10.88
N PRO A 30 -1.39 3.63 10.81
CA PRO A 30 -0.33 4.12 9.86
C PRO A 30 1.05 3.58 10.24
N GLU A 31 1.24 3.37 11.55
CA GLU A 31 2.40 2.70 12.14
C GLU A 31 2.70 1.34 11.47
N LYS A 32 1.63 0.61 11.10
CA LYS A 32 1.73 -0.75 10.54
C LYS A 32 1.69 -0.75 9.00
N GLN A 33 1.51 0.44 8.39
CA GLN A 33 1.51 0.60 6.93
C GLN A 33 2.95 0.71 6.38
N LEU A 34 3.43 -0.38 5.78
CA LEU A 34 4.69 -0.42 5.02
C LEU A 34 4.45 0.07 3.58
N LEU A 35 5.22 1.08 3.15
CA LEU A 35 5.07 1.70 1.83
C LEU A 35 6.01 1.01 0.81
N CYS A 36 5.40 0.45 -0.26
CA CYS A 36 6.11 -0.22 -1.36
C CYS A 36 6.49 0.81 -2.43
N ASP A 37 7.74 0.75 -2.92
CA ASP A 37 8.33 1.78 -3.81
C ASP A 37 7.55 1.92 -5.14
N GLU A 38 7.52 0.81 -5.89
CA GLU A 38 6.98 0.75 -7.27
C GLU A 38 5.42 0.70 -7.29
N CYS A 39 4.81 0.26 -6.18
CA CYS A 39 3.34 0.30 -5.99
C CYS A 39 2.90 1.71 -5.58
N ASP A 40 3.84 2.43 -4.92
CA ASP A 40 3.61 3.81 -4.37
C ASP A 40 2.52 3.80 -3.26
N MET A 41 2.16 2.60 -2.77
CA MET A 41 1.04 2.40 -1.83
C MET A 41 1.52 1.79 -0.53
N ALA A 42 0.79 2.10 0.54
CA ALA A 42 0.99 1.54 1.87
C ALA A 42 0.36 0.14 1.94
N PHE A 43 0.83 -0.68 2.89
CA PHE A 43 0.33 -2.06 3.11
C PHE A 43 0.44 -2.38 4.61
N HIS A 44 -0.71 -2.65 5.29
CA HIS A 44 -0.70 -3.07 6.72
C HIS A 44 0.05 -4.40 6.90
N LEU A 45 0.69 -4.57 8.07
CA LEU A 45 1.43 -5.80 8.42
C LEU A 45 0.57 -7.07 8.25
N TYR A 46 -0.70 -6.98 8.70
CA TYR A 46 -1.68 -8.10 8.63
C TYR A 46 -2.34 -8.21 7.23
N CYS A 47 -2.19 -7.16 6.40
CA CYS A 47 -2.65 -7.18 4.98
C CYS A 47 -1.56 -7.81 4.06
N LEU A 48 -0.51 -8.42 4.67
CA LEU A 48 0.65 -9.02 3.94
C LEU A 48 0.61 -10.56 3.98
N LYS A 49 1.56 -11.18 3.24
CA LYS A 49 1.71 -12.65 3.15
C LYS A 49 3.23 -13.00 3.08
N PRO A 50 3.88 -13.47 4.20
CA PRO A 50 3.26 -13.66 5.53
C PRO A 50 3.06 -12.32 6.27
N PRO A 51 2.03 -12.23 7.19
CA PRO A 51 1.86 -11.06 8.08
C PRO A 51 3.12 -10.81 8.92
N LEU A 52 3.72 -9.63 8.76
CA LEU A 52 4.96 -9.25 9.48
C LEU A 52 4.61 -8.76 10.89
N THR A 53 5.50 -9.07 11.84
CA THR A 53 5.31 -8.69 13.26
C THR A 53 5.95 -7.32 13.56
N SER A 54 6.85 -6.88 12.67
CA SER A 54 7.59 -5.61 12.82
C SER A 54 7.95 -5.05 11.43
N VAL A 55 8.39 -3.77 11.41
CA VAL A 55 8.91 -3.12 10.20
C VAL A 55 10.31 -3.72 9.83
N PRO A 56 10.50 -4.23 8.57
CA PRO A 56 11.80 -4.78 8.09
C PRO A 56 12.94 -3.71 8.14
N PRO A 57 14.22 -4.14 8.44
CA PRO A 57 15.37 -3.20 8.60
C PRO A 57 15.92 -2.63 7.27
N GLU A 58 15.20 -2.88 6.17
CA GLU A 58 15.60 -2.45 4.82
C GLU A 58 15.05 -1.04 4.51
N PRO A 59 15.88 -0.14 3.88
CA PRO A 59 15.42 1.20 3.41
C PRO A 59 14.60 1.12 2.10
N GLU A 60 14.53 -0.08 1.52
CA GLU A 60 13.77 -0.38 0.29
C GLU A 60 12.86 -1.57 0.59
N TRP A 61 11.60 -1.54 0.13
CA TRP A 61 10.63 -2.60 0.44
C TRP A 61 9.67 -2.82 -0.74
N TYR A 62 9.77 -4.02 -1.33
CA TYR A 62 8.82 -4.53 -2.32
C TYR A 62 7.84 -5.47 -1.58
N CYS A 63 6.54 -5.26 -1.78
CA CYS A 63 5.48 -6.03 -1.08
C CYS A 63 5.43 -7.50 -1.59
N PRO A 64 4.87 -8.48 -0.79
CA PRO A 64 4.69 -9.90 -1.21
C PRO A 64 4.07 -10.05 -2.62
N SER A 65 3.09 -9.18 -2.92
CA SER A 65 2.40 -9.15 -4.23
C SER A 65 3.41 -8.96 -5.39
N CYS A 66 4.47 -8.17 -5.14
CA CYS A 66 5.55 -7.93 -6.12
C CYS A 66 6.40 -9.20 -6.36
N ARG A 67 6.73 -9.93 -5.27
CA ARG A 67 7.56 -11.15 -5.35
C ARG A 67 6.71 -12.41 -5.67
N THR A 68 5.37 -12.24 -5.73
CA THR A 68 4.43 -13.30 -6.16
C THR A 68 4.67 -13.64 -7.65
N ASP A 69 4.57 -14.95 -8.00
CA ASP A 69 4.78 -15.45 -9.37
C ASP A 69 3.73 -14.86 -10.34
N SER A 70 2.50 -14.71 -9.84
CA SER A 70 1.39 -14.08 -10.58
C SER A 70 1.38 -12.55 -10.31
N SER A 71 2.53 -11.89 -10.59
CA SER A 71 2.70 -10.45 -10.35
C SER A 71 1.95 -9.62 -11.43
N GLU A 72 0.91 -8.88 -11.00
CA GLU A 72 0.14 -7.97 -11.85
C GLU A 72 0.94 -6.68 -12.17
N VAL A 73 0.43 -5.87 -13.11
CA VAL A 73 1.07 -4.62 -13.56
C VAL A 73 1.21 -3.59 -12.39
N VAL A 74 2.49 -3.23 -12.09
CA VAL A 74 2.84 -2.22 -11.07
C VAL A 74 3.44 -0.98 -11.75
N GLN A 75 3.41 0.18 -11.05
CA GLN A 75 3.96 1.46 -11.56
C GLN A 75 5.48 1.52 -11.30
N ALA A 76 6.22 0.66 -12.03
CA ALA A 76 7.68 0.54 -11.92
C ALA A 76 8.38 1.51 -12.89
N GLY A 77 9.65 1.85 -12.58
CA GLY A 77 10.39 2.87 -13.35
C GLY A 77 10.23 4.27 -12.76
N GLU A 78 9.50 4.36 -11.64
CA GLU A 78 9.30 5.61 -10.88
C GLU A 78 10.59 5.94 -10.08
N SER A 1 -7.47 19.77 2.06
CA SER A 1 -6.85 19.17 3.27
C SER A 1 -5.85 18.06 2.90
N GLY A 2 -6.33 17.12 2.06
CA GLY A 2 -5.52 15.99 1.60
C GLY A 2 -4.92 16.21 0.22
N PRO A 3 -4.11 15.22 -0.30
CA PRO A 3 -3.56 15.26 -1.68
C PRO A 3 -4.65 15.23 -2.77
N SER A 4 -4.27 15.65 -3.99
CA SER A 4 -5.16 15.67 -5.17
C SER A 4 -5.65 14.24 -5.51
N CYS A 5 -6.88 13.94 -5.08
CA CYS A 5 -7.51 12.62 -5.23
C CYS A 5 -9.04 12.76 -5.21
N ARG A 6 -9.65 12.80 -6.40
CA ARG A 6 -11.12 12.99 -6.59
C ARG A 6 -11.96 11.80 -6.06
N PHE A 7 -11.28 10.66 -5.81
CA PHE A 7 -11.93 9.42 -5.31
C PHE A 7 -12.52 9.61 -3.90
N CYS A 8 -11.94 10.54 -3.13
CA CYS A 8 -12.47 10.95 -1.80
C CYS A 8 -12.65 12.47 -1.74
N LYS A 9 -12.31 13.16 -2.85
CA LYS A 9 -12.22 14.64 -2.93
C LYS A 9 -11.42 15.21 -1.74
N ASP A 10 -10.18 14.69 -1.62
CA ASP A 10 -9.17 15.04 -0.59
C ASP A 10 -9.57 14.68 0.87
N ASP A 11 -10.84 14.27 1.10
CA ASP A 11 -11.37 14.10 2.48
C ASP A 11 -10.55 13.08 3.29
N GLU A 12 -10.20 13.50 4.50
CA GLU A 12 -9.27 12.79 5.41
C GLU A 12 -9.96 11.64 6.17
N ASN A 13 -11.31 11.62 6.19
CA ASN A 13 -12.10 10.74 7.08
C ASN A 13 -12.48 9.44 6.38
N LYS A 14 -12.94 9.56 5.13
CA LYS A 14 -13.47 8.41 4.37
C LYS A 14 -12.34 7.47 3.91
N PRO A 15 -12.42 6.14 4.29
CA PRO A 15 -11.46 5.09 3.84
C PRO A 15 -11.29 5.08 2.32
N CYS A 16 -10.03 5.13 1.86
CA CYS A 16 -9.69 5.37 0.45
C CYS A 16 -8.55 4.48 0.01
N ARG A 17 -8.84 3.61 -0.96
CA ARG A 17 -7.88 2.70 -1.63
C ARG A 17 -6.82 3.52 -2.40
N LYS A 18 -7.22 4.73 -2.83
CA LYS A 18 -6.39 5.67 -3.62
C LYS A 18 -5.68 6.73 -2.75
N CYS A 19 -5.55 6.47 -1.43
CA CYS A 19 -4.74 7.32 -0.51
C CYS A 19 -3.92 6.42 0.43
N ALA A 20 -4.64 5.62 1.23
CA ALA A 20 -4.06 4.81 2.31
C ALA A 20 -3.83 3.36 1.86
N CYS A 21 -3.66 2.45 2.85
CA CYS A 21 -3.47 1.01 2.61
C CYS A 21 -4.57 0.42 1.71
N HIS A 22 -4.22 0.18 0.43
CA HIS A 22 -5.17 -0.14 -0.64
C HIS A 22 -5.81 -1.54 -0.46
N VAL A 23 -5.14 -2.40 0.33
CA VAL A 23 -5.55 -3.80 0.55
C VAL A 23 -6.91 -3.89 1.28
N CYS A 24 -7.06 -3.08 2.35
CA CYS A 24 -8.32 -2.99 3.12
C CYS A 24 -9.03 -1.66 2.82
N GLY A 25 -8.39 -0.81 1.99
CA GLY A 25 -8.83 0.59 1.78
C GLY A 25 -8.74 1.43 3.05
N GLY A 26 -8.03 0.90 4.05
CA GLY A 26 -8.08 1.39 5.42
C GLY A 26 -6.99 2.41 5.72
N ARG A 27 -7.41 3.52 6.35
CA ARG A 27 -6.53 4.62 6.80
C ARG A 27 -6.11 4.39 8.26
N GLU A 28 -6.63 3.30 8.84
CA GLU A 28 -6.30 2.82 10.20
C GLU A 28 -4.81 2.47 10.33
N ALA A 29 -4.37 2.23 11.58
CA ALA A 29 -2.99 1.84 11.95
C ALA A 29 -1.89 2.52 11.11
N PRO A 30 -1.73 3.88 11.23
CA PRO A 30 -0.75 4.65 10.41
C PRO A 30 0.71 4.24 10.69
N GLU A 31 0.94 3.73 11.92
CA GLU A 31 2.22 3.17 12.36
C GLU A 31 2.56 1.86 11.62
N LYS A 32 1.54 1.02 11.38
CA LYS A 32 1.71 -0.30 10.74
C LYS A 32 1.55 -0.23 9.23
N GLN A 33 1.29 0.98 8.69
CA GLN A 33 1.23 1.21 7.24
C GLN A 33 2.64 1.23 6.63
N LEU A 34 2.85 0.34 5.64
CA LEU A 34 4.13 0.19 4.93
C LEU A 34 3.92 0.34 3.42
N LEU A 35 4.55 1.36 2.85
CA LEU A 35 4.43 1.69 1.42
C LEU A 35 5.49 0.92 0.61
N CYS A 36 5.01 0.04 -0.30
CA CYS A 36 5.86 -0.60 -1.29
C CYS A 36 6.39 0.45 -2.27
N ASP A 37 7.68 0.77 -2.13
CA ASP A 37 8.41 1.73 -2.99
C ASP A 37 8.18 1.42 -4.49
N GLU A 38 8.25 0.12 -4.84
CA GLU A 38 8.03 -0.38 -6.21
C GLU A 38 6.63 0.03 -6.75
N CYS A 39 5.58 -0.19 -5.94
CA CYS A 39 4.17 -0.02 -6.39
C CYS A 39 3.57 1.34 -5.95
N ASP A 40 4.33 2.11 -5.13
CA ASP A 40 3.88 3.39 -4.53
C ASP A 40 2.59 3.22 -3.65
N MET A 41 2.31 1.98 -3.23
CA MET A 41 1.05 1.60 -2.54
C MET A 41 1.33 1.25 -1.08
N ALA A 42 0.44 1.71 -0.18
CA ALA A 42 0.53 1.49 1.26
C ALA A 42 -0.12 0.15 1.66
N PHE A 43 0.42 -0.48 2.71
CA PHE A 43 -0.03 -1.80 3.21
C PHE A 43 -0.22 -1.72 4.72
N HIS A 44 -0.47 -2.88 5.33
CA HIS A 44 -0.41 -3.06 6.79
C HIS A 44 0.42 -4.31 7.08
N LEU A 45 1.03 -4.38 8.28
CA LEU A 45 1.72 -5.60 8.77
C LEU A 45 0.80 -6.85 8.68
N TYR A 46 -0.51 -6.62 8.91
CA TYR A 46 -1.53 -7.68 8.98
C TYR A 46 -2.37 -7.75 7.69
N CYS A 47 -2.03 -6.94 6.67
CA CYS A 47 -2.69 -6.98 5.33
C CYS A 47 -1.79 -7.67 4.29
N LEU A 48 -0.80 -8.43 4.78
CA LEU A 48 0.18 -9.13 3.94
C LEU A 48 -0.09 -10.63 3.93
N LYS A 49 0.67 -11.34 3.09
CA LYS A 49 0.66 -12.80 3.03
C LYS A 49 2.09 -13.23 2.61
N PRO A 50 2.99 -13.67 3.55
CA PRO A 50 2.69 -13.81 5.01
C PRO A 50 2.74 -12.45 5.76
N PRO A 51 1.78 -12.19 6.72
CA PRO A 51 1.79 -10.98 7.58
C PRO A 51 3.12 -10.82 8.36
N LEU A 52 3.80 -9.68 8.14
CA LEU A 52 5.05 -9.33 8.86
C LEU A 52 4.72 -8.87 10.28
N THR A 53 5.58 -9.22 11.24
CA THR A 53 5.44 -8.83 12.65
C THR A 53 5.92 -7.39 12.85
N SER A 54 6.93 -6.99 12.06
CA SER A 54 7.54 -5.66 12.14
C SER A 54 8.08 -5.25 10.77
N VAL A 55 8.47 -3.97 10.65
CA VAL A 55 9.12 -3.42 9.47
C VAL A 55 10.53 -4.06 9.29
N PRO A 56 10.86 -4.57 8.06
CA PRO A 56 12.24 -5.04 7.71
C PRO A 56 13.31 -3.93 7.86
N PRO A 57 14.62 -4.29 8.07
CA PRO A 57 15.73 -3.30 8.19
C PRO A 57 16.30 -2.83 6.81
N GLU A 58 15.51 -3.08 5.76
CA GLU A 58 15.88 -2.80 4.37
C GLU A 58 15.79 -1.28 4.03
N PRO A 59 16.60 -0.78 3.03
CA PRO A 59 16.63 0.66 2.64
C PRO A 59 15.39 1.11 1.82
N GLU A 60 14.54 0.12 1.45
CA GLU A 60 13.32 0.32 0.67
C GLU A 60 12.39 -0.89 0.88
N TRP A 61 11.08 -0.64 1.01
CA TRP A 61 10.12 -1.70 1.33
C TRP A 61 9.43 -2.20 0.05
N TYR A 62 9.29 -3.52 -0.06
CA TYR A 62 8.61 -4.20 -1.17
C TYR A 62 7.45 -5.04 -0.61
N CYS A 63 6.43 -5.25 -1.44
CA CYS A 63 5.26 -6.08 -1.09
C CYS A 63 5.50 -7.53 -1.55
N PRO A 64 4.87 -8.56 -0.86
CA PRO A 64 4.96 -9.99 -1.29
C PRO A 64 4.79 -10.21 -2.81
N SER A 65 3.75 -9.59 -3.41
CA SER A 65 3.36 -9.78 -4.82
C SER A 65 4.42 -9.26 -5.83
N CYS A 66 5.41 -8.47 -5.34
CA CYS A 66 6.55 -7.97 -6.18
C CYS A 66 7.50 -9.12 -6.57
N ARG A 67 7.45 -10.25 -5.84
CA ARG A 67 8.24 -11.45 -6.14
C ARG A 67 7.34 -12.69 -6.31
N THR A 68 6.17 -12.68 -5.64
CA THR A 68 5.16 -13.73 -5.75
C THR A 68 4.48 -13.69 -7.14
N ASP A 69 4.18 -14.87 -7.68
CA ASP A 69 3.60 -15.04 -9.04
C ASP A 69 2.07 -14.81 -9.05
N SER A 70 1.64 -13.69 -8.44
CA SER A 70 0.23 -13.25 -8.40
C SER A 70 -0.12 -12.45 -9.69
N SER A 71 0.92 -12.16 -10.50
CA SER A 71 0.79 -11.53 -11.82
C SER A 71 0.38 -12.58 -12.88
N GLU A 72 0.20 -12.11 -14.13
CA GLU A 72 -0.13 -12.98 -15.27
C GLU A 72 1.12 -13.73 -15.76
N VAL A 73 1.01 -15.07 -15.88
CA VAL A 73 2.10 -15.93 -16.39
C VAL A 73 2.22 -15.78 -17.92
N VAL A 74 3.46 -15.61 -18.40
CA VAL A 74 3.75 -15.48 -19.84
C VAL A 74 3.80 -16.88 -20.48
N GLN A 75 2.80 -17.18 -21.34
CA GLN A 75 2.74 -18.44 -22.10
C GLN A 75 3.86 -18.46 -23.17
N ALA A 76 5.01 -19.06 -22.80
CA ALA A 76 6.15 -19.24 -23.71
C ALA A 76 6.01 -20.55 -24.51
N GLY A 77 6.88 -20.72 -25.51
CA GLY A 77 6.79 -21.86 -26.42
C GLY A 77 5.91 -21.56 -27.63
N GLU A 78 6.14 -20.38 -28.21
CA GLU A 78 5.40 -19.88 -29.38
C GLU A 78 6.33 -18.93 -30.18
#